data_2FWF
# 
_entry.id   2FWF 
# 
_audit_conform.dict_name       mmcif_pdbx.dic 
_audit_conform.dict_version    5.380 
_audit_conform.dict_location   http://mmcif.pdb.org/dictionaries/ascii/mmcif_pdbx.dic 
# 
loop_
_database_2.database_id 
_database_2.database_code 
_database_2.pdbx_database_accession 
_database_2.pdbx_DOI 
PDB   2FWF         pdb_00002fwf 10.2210/pdb2fwf/pdb 
RCSB  RCSB036392   ?            ?                   
WWPDB D_1000036392 ?            ?                   
# 
loop_
_pdbx_database_related.db_name 
_pdbx_database_related.db_id 
_pdbx_database_related.details 
_pdbx_database_related.content_type 
PDB 2FWE 'crystal structure of the C-terminal domain of the electron transfer catalyst DsbD (oxidized form)' unspecified 
PDB 2FWG 'high resolution crystal structure of the C-terminal domain of the electron transfer catalyst DsbD (photoreduced form)' 
unspecified 
PDB 2FWH 
'atomic resolution crystal structure of the C-terminal domain of the electron transfer catalyst DsbD (reduced form at pH7)' 
unspecified 
PDB 1vrs 
;Crystal Structure Of The Disulfide-Linked Complex Between The N-Terminal and C-Terminal Domain Of The Electron Transfer Catalyst DsbD
;
unspecified 
# 
_pdbx_database_status.status_code                     REL 
_pdbx_database_status.entry_id                        2FWF 
_pdbx_database_status.recvd_initial_deposition_date   2006-02-02 
_pdbx_database_status.deposit_site                    RCSB 
_pdbx_database_status.process_site                    PDBJ 
_pdbx_database_status.status_code_sf                  REL 
_pdbx_database_status.status_code_mr                  ? 
_pdbx_database_status.SG_entry                        ? 
_pdbx_database_status.pdb_format_compatible           Y 
_pdbx_database_status.status_code_cs                  ? 
_pdbx_database_status.status_code_nmr_data            ? 
_pdbx_database_status.methods_development_category    ? 
# 
loop_
_audit_author.name 
_audit_author.pdbx_ordinal 
'Stirnimann, C.U.' 1 
'Rozhkova, A.'     2 
'Grauschopf, U.'   3 
'Boeckmann, R.A.'  4 
'Glockshuber, R.'  5 
'Capitani, G.'     6 
'Gruetter, M.G.'   7 
# 
_citation.id                        primary 
_citation.title                     
;High-resolution structures of Escherichia coli cDsbD in different redox states: A combined crystallographic, biochemical and computational study
;
_citation.journal_abbrev            J.Mol.Biol. 
_citation.journal_volume            358 
_citation.page_first                829 
_citation.page_last                 845 
_citation.year                      2006 
_citation.journal_id_ASTM           JMOBAK 
_citation.country                   UK 
_citation.journal_id_ISSN           0022-2836 
_citation.journal_id_CSD            0070 
_citation.book_publisher            ? 
_citation.pdbx_database_id_PubMed   16545842 
_citation.pdbx_database_id_DOI      10.1016/j.jmb.2006.02.030 
# 
loop_
_citation_author.citation_id 
_citation_author.name 
_citation_author.ordinal 
_citation_author.identifier_ORCID 
primary 'Stirnimann, C.U.' 1 ? 
primary 'Rozhkova, A.'     2 ? 
primary 'Grauschopf, U.'   3 ? 
primary 'Boeckmann, R.A.'  4 ? 
primary 'Glockshuber, R.'  5 ? 
primary 'Capitani, G.'     6 ? 
primary 'Gruetter, M.G.'   7 ? 
# 
_cell.entry_id           2FWF 
_cell.length_a           30.355 
_cell.length_b           46.082 
_cell.length_c           74.143 
_cell.angle_alpha        90.00 
_cell.angle_beta         90.00 
_cell.angle_gamma        90.00 
_cell.Z_PDB              4 
_cell.pdbx_unique_axis   ? 
_cell.length_a_esd       ? 
_cell.length_b_esd       ? 
_cell.length_c_esd       ? 
_cell.angle_alpha_esd    ? 
_cell.angle_beta_esd     ? 
_cell.angle_gamma_esd    ? 
# 
_symmetry.entry_id                         2FWF 
_symmetry.space_group_name_H-M             'P 21 21 21' 
_symmetry.pdbx_full_space_group_name_H-M   ? 
_symmetry.cell_setting                     ? 
_symmetry.Int_Tables_number                19 
_symmetry.space_group_name_Hall            ? 
# 
loop_
_entity.id 
_entity.type 
_entity.src_method 
_entity.pdbx_description 
_entity.formula_weight 
_entity.pdbx_number_of_molecules 
_entity.pdbx_ec 
_entity.pdbx_mutation 
_entity.pdbx_fragment 
_entity.details 
1 polymer     man 'Thiol:disulfide interchange protein dsbD' 15097.932 1   1.8.1.8 ? 'C-Terminal Domain, Residues 419-546' ? 
2 non-polymer syn 'IODIDE ION'                               126.904   7   ?       ? ?                                     ? 
3 non-polymer syn 'SODIUM ION'                               22.990    2   ?       ? ?                                     ? 
4 water       nat water                                      18.015    164 ?       ? ?                                     ? 
# 
_entity_name_com.entity_id   1 
_entity_name_com.name        
;Protein-disulfide reductase, Disulfide reductase, C-type cytochrome biogenesis protein cycZ, Inner membrane copper tolerance protein
;
# 
_entity_poly.entity_id                      1 
_entity_poly.type                           'polypeptide(L)' 
_entity_poly.nstd_linkage                   no 
_entity_poly.nstd_monomer                   no 
_entity_poly.pdbx_seq_one_letter_code       
;ATHTAQTQTHLNFTQIKTVDELNQALVEAKGKPVMLDLYADWCVACKEFEKYTFSDPQVQKALADTVLLQANVTANDAQD
VALLKHLNVLGLPTILFFDGQGQEHPQARVTGFMDAETFSAHLRDRQPHHHHHH
;
_entity_poly.pdbx_seq_one_letter_code_can   
;ATHTAQTQTHLNFTQIKTVDELNQALVEAKGKPVMLDLYADWCVACKEFEKYTFSDPQVQKALADTVLLQANVTANDAQD
VALLKHLNVLGLPTILFFDGQGQEHPQARVTGFMDAETFSAHLRDRQPHHHHHH
;
_entity_poly.pdbx_strand_id                 A 
_entity_poly.pdbx_target_identifier         ? 
# 
loop_
_entity_poly_seq.entity_id 
_entity_poly_seq.num 
_entity_poly_seq.mon_id 
_entity_poly_seq.hetero 
1 1   ALA n 
1 2   THR n 
1 3   HIS n 
1 4   THR n 
1 5   ALA n 
1 6   GLN n 
1 7   THR n 
1 8   GLN n 
1 9   THR n 
1 10  HIS n 
1 11  LEU n 
1 12  ASN n 
1 13  PHE n 
1 14  THR n 
1 15  GLN n 
1 16  ILE n 
1 17  LYS n 
1 18  THR n 
1 19  VAL n 
1 20  ASP n 
1 21  GLU n 
1 22  LEU n 
1 23  ASN n 
1 24  GLN n 
1 25  ALA n 
1 26  LEU n 
1 27  VAL n 
1 28  GLU n 
1 29  ALA n 
1 30  LYS n 
1 31  GLY n 
1 32  LYS n 
1 33  PRO n 
1 34  VAL n 
1 35  MET n 
1 36  LEU n 
1 37  ASP n 
1 38  LEU n 
1 39  TYR n 
1 40  ALA n 
1 41  ASP n 
1 42  TRP n 
1 43  CYS n 
1 44  VAL n 
1 45  ALA n 
1 46  CYS n 
1 47  LYS n 
1 48  GLU n 
1 49  PHE n 
1 50  GLU n 
1 51  LYS n 
1 52  TYR n 
1 53  THR n 
1 54  PHE n 
1 55  SER n 
1 56  ASP n 
1 57  PRO n 
1 58  GLN n 
1 59  VAL n 
1 60  GLN n 
1 61  LYS n 
1 62  ALA n 
1 63  LEU n 
1 64  ALA n 
1 65  ASP n 
1 66  THR n 
1 67  VAL n 
1 68  LEU n 
1 69  LEU n 
1 70  GLN n 
1 71  ALA n 
1 72  ASN n 
1 73  VAL n 
1 74  THR n 
1 75  ALA n 
1 76  ASN n 
1 77  ASP n 
1 78  ALA n 
1 79  GLN n 
1 80  ASP n 
1 81  VAL n 
1 82  ALA n 
1 83  LEU n 
1 84  LEU n 
1 85  LYS n 
1 86  HIS n 
1 87  LEU n 
1 88  ASN n 
1 89  VAL n 
1 90  LEU n 
1 91  GLY n 
1 92  LEU n 
1 93  PRO n 
1 94  THR n 
1 95  ILE n 
1 96  LEU n 
1 97  PHE n 
1 98  PHE n 
1 99  ASP n 
1 100 GLY n 
1 101 GLN n 
1 102 GLY n 
1 103 GLN n 
1 104 GLU n 
1 105 HIS n 
1 106 PRO n 
1 107 GLN n 
1 108 ALA n 
1 109 ARG n 
1 110 VAL n 
1 111 THR n 
1 112 GLY n 
1 113 PHE n 
1 114 MET n 
1 115 ASP n 
1 116 ALA n 
1 117 GLU n 
1 118 THR n 
1 119 PHE n 
1 120 SER n 
1 121 ALA n 
1 122 HIS n 
1 123 LEU n 
1 124 ARG n 
1 125 ASP n 
1 126 ARG n 
1 127 GLN n 
1 128 PRO n 
1 129 HIS n 
1 130 HIS n 
1 131 HIS n 
1 132 HIS n 
1 133 HIS n 
1 134 HIS n 
# 
_entity_src_gen.entity_id                          1 
_entity_src_gen.pdbx_src_id                        1 
_entity_src_gen.pdbx_alt_source_flag               sample 
_entity_src_gen.pdbx_seq_type                      ? 
_entity_src_gen.pdbx_beg_seq_num                   ? 
_entity_src_gen.pdbx_end_seq_num                   ? 
_entity_src_gen.gene_src_common_name               ? 
_entity_src_gen.gene_src_genus                     Escherichia 
_entity_src_gen.pdbx_gene_src_gene                 'DSBD, DIPZ, CYCZ, CUTA2, B4136' 
_entity_src_gen.gene_src_species                   ? 
_entity_src_gen.gene_src_strain                    ? 
_entity_src_gen.gene_src_tissue                    ? 
_entity_src_gen.gene_src_tissue_fraction           ? 
_entity_src_gen.gene_src_details                   ? 
_entity_src_gen.pdbx_gene_src_fragment             ? 
_entity_src_gen.pdbx_gene_src_scientific_name      'Escherichia coli' 
_entity_src_gen.pdbx_gene_src_ncbi_taxonomy_id     562 
_entity_src_gen.pdbx_gene_src_variant              ? 
_entity_src_gen.pdbx_gene_src_cell_line            ? 
_entity_src_gen.pdbx_gene_src_atcc                 ? 
_entity_src_gen.pdbx_gene_src_organ                ? 
_entity_src_gen.pdbx_gene_src_organelle            ? 
_entity_src_gen.pdbx_gene_src_cell                 ? 
_entity_src_gen.pdbx_gene_src_cellular_location    ? 
_entity_src_gen.host_org_common_name               ? 
_entity_src_gen.pdbx_host_org_scientific_name      'Escherichia coli' 
_entity_src_gen.pdbx_host_org_ncbi_taxonomy_id     562 
_entity_src_gen.host_org_genus                     Escherichia 
_entity_src_gen.pdbx_host_org_gene                 ? 
_entity_src_gen.pdbx_host_org_organ                ? 
_entity_src_gen.host_org_species                   ? 
_entity_src_gen.pdbx_host_org_tissue               ? 
_entity_src_gen.pdbx_host_org_tissue_fraction      ? 
_entity_src_gen.pdbx_host_org_strain               'BL21 ROSETTA' 
_entity_src_gen.pdbx_host_org_variant              ? 
_entity_src_gen.pdbx_host_org_cell_line            ? 
_entity_src_gen.pdbx_host_org_atcc                 ? 
_entity_src_gen.pdbx_host_org_culture_collection   ? 
_entity_src_gen.pdbx_host_org_cell                 ? 
_entity_src_gen.pdbx_host_org_organelle            ? 
_entity_src_gen.pdbx_host_org_cellular_location    ? 
_entity_src_gen.pdbx_host_org_vector_type          PLASMID 
_entity_src_gen.pdbx_host_org_vector               ? 
_entity_src_gen.host_org_details                   ? 
_entity_src_gen.expression_system_id               ? 
_entity_src_gen.plasmid_name                       PDSBA3 
_entity_src_gen.plasmid_details                    ? 
_entity_src_gen.pdbx_description                   ? 
# 
_struct_ref.id                         1 
_struct_ref.db_name                    UNP 
_struct_ref.db_code                    DSBD_ECOLI 
_struct_ref.pdbx_db_accession          P36655 
_struct_ref.entity_id                  1 
_struct_ref.pdbx_seq_one_letter_code   
;ATHTAQTQTHLNFTQIKTVDELNQALVEAKGKPVMLDLYADWCVACKEFEKYTFSDPQVQKALADTVLLQANVTANDAQD
VALLKHLNVLGLPTILFFDGQGQEHPQARVTGFMDAETFSAHLRDRQP
;
_struct_ref.pdbx_align_begin           438 
_struct_ref.pdbx_db_isoform            ? 
# 
_struct_ref_seq.align_id                      1 
_struct_ref_seq.ref_id                        1 
_struct_ref_seq.pdbx_PDB_id_code              2FWF 
_struct_ref_seq.pdbx_strand_id                A 
_struct_ref_seq.seq_align_beg                 1 
_struct_ref_seq.pdbx_seq_align_beg_ins_code   ? 
_struct_ref_seq.seq_align_end                 128 
_struct_ref_seq.pdbx_seq_align_end_ins_code   ? 
_struct_ref_seq.pdbx_db_accession             P36655 
_struct_ref_seq.db_align_beg                  438 
_struct_ref_seq.pdbx_db_align_beg_ins_code    ? 
_struct_ref_seq.db_align_end                  565 
_struct_ref_seq.pdbx_db_align_end_ins_code    ? 
_struct_ref_seq.pdbx_auth_seq_align_beg       419 
_struct_ref_seq.pdbx_auth_seq_align_end       546 
# 
loop_
_struct_ref_seq_dif.align_id 
_struct_ref_seq_dif.pdbx_pdb_id_code 
_struct_ref_seq_dif.mon_id 
_struct_ref_seq_dif.pdbx_pdb_strand_id 
_struct_ref_seq_dif.seq_num 
_struct_ref_seq_dif.pdbx_pdb_ins_code 
_struct_ref_seq_dif.pdbx_seq_db_name 
_struct_ref_seq_dif.pdbx_seq_db_accession_code 
_struct_ref_seq_dif.db_mon_id 
_struct_ref_seq_dif.pdbx_seq_db_seq_num 
_struct_ref_seq_dif.details 
_struct_ref_seq_dif.pdbx_auth_seq_num 
_struct_ref_seq_dif.pdbx_ordinal 
1 2FWF HIS A 129 ? UNP P36655 ? ? 'expression tag' 547 1 
1 2FWF HIS A 130 ? UNP P36655 ? ? 'expression tag' 548 2 
1 2FWF HIS A 131 ? UNP P36655 ? ? 'expression tag' 549 3 
1 2FWF HIS A 132 ? UNP P36655 ? ? 'expression tag' 550 4 
1 2FWF HIS A 133 ? UNP P36655 ? ? 'expression tag' 551 5 
1 2FWF HIS A 134 ? UNP P36655 ? ? 'expression tag' 552 6 
# 
loop_
_chem_comp.id 
_chem_comp.type 
_chem_comp.mon_nstd_flag 
_chem_comp.name 
_chem_comp.pdbx_synonyms 
_chem_comp.formula 
_chem_comp.formula_weight 
ALA 'L-peptide linking' y ALANINE         ? 'C3 H7 N O2'     89.093  
ARG 'L-peptide linking' y ARGININE        ? 'C6 H15 N4 O2 1' 175.209 
ASN 'L-peptide linking' y ASPARAGINE      ? 'C4 H8 N2 O3'    132.118 
ASP 'L-peptide linking' y 'ASPARTIC ACID' ? 'C4 H7 N O4'     133.103 
CYS 'L-peptide linking' y CYSTEINE        ? 'C3 H7 N O2 S'   121.158 
GLN 'L-peptide linking' y GLUTAMINE       ? 'C5 H10 N2 O3'   146.144 
GLU 'L-peptide linking' y 'GLUTAMIC ACID' ? 'C5 H9 N O4'     147.129 
GLY 'peptide linking'   y GLYCINE         ? 'C2 H5 N O2'     75.067  
HIS 'L-peptide linking' y HISTIDINE       ? 'C6 H10 N3 O2 1' 156.162 
HOH non-polymer         . WATER           ? 'H2 O'           18.015  
ILE 'L-peptide linking' y ISOLEUCINE      ? 'C6 H13 N O2'    131.173 
IOD non-polymer         . 'IODIDE ION'    ? 'I -1'           126.904 
LEU 'L-peptide linking' y LEUCINE         ? 'C6 H13 N O2'    131.173 
LYS 'L-peptide linking' y LYSINE          ? 'C6 H15 N2 O2 1' 147.195 
MET 'L-peptide linking' y METHIONINE      ? 'C5 H11 N O2 S'  149.211 
NA  non-polymer         . 'SODIUM ION'    ? 'Na 1'           22.990  
PHE 'L-peptide linking' y PHENYLALANINE   ? 'C9 H11 N O2'    165.189 
PRO 'L-peptide linking' y PROLINE         ? 'C5 H9 N O2'     115.130 
SER 'L-peptide linking' y SERINE          ? 'C3 H7 N O3'     105.093 
THR 'L-peptide linking' y THREONINE       ? 'C4 H9 N O3'     119.119 
TRP 'L-peptide linking' y TRYPTOPHAN      ? 'C11 H12 N2 O2'  204.225 
TYR 'L-peptide linking' y TYROSINE        ? 'C9 H11 N O3'    181.189 
VAL 'L-peptide linking' y VALINE          ? 'C5 H11 N O2'    117.146 
# 
_exptl.entry_id          2FWF 
_exptl.method            'X-RAY DIFFRACTION' 
_exptl.crystals_number   1 
# 
_exptl_crystal.id                    1 
_exptl_crystal.density_meas          ? 
_exptl_crystal.density_Matthews      1.61 
_exptl_crystal.density_percent_sol   28.35 
_exptl_crystal.description           ? 
_exptl_crystal.F_000                 ? 
_exptl_crystal.preparation           ? 
# 
_exptl_crystal_grow.crystal_id      1 
_exptl_crystal_grow.method          'VAPOR DIFFUSION, SITTING DROP' 
_exptl_crystal_grow.temp            277.15 
_exptl_crystal_grow.temp_details    ? 
_exptl_crystal_grow.pH              4.6 
_exptl_crystal_grow.pdbx_details    
;0.1M ammonium acetate, 0.2M sodium acetate, 0.1M sodium iodide, 40% PEG 4000, pH 4.6, VAPOR DIFFUSION, SITTING DROP, temperature 277.15K
;
_exptl_crystal_grow.pdbx_pH_range   . 
# 
_diffrn.id                     1 
_diffrn.ambient_temp           100 
_diffrn.ambient_temp_details   ? 
_diffrn.crystal_id             1 
# 
_diffrn_detector.diffrn_id              1 
_diffrn_detector.detector               CCD 
_diffrn_detector.type                   MARRESEARCH 
_diffrn_detector.pdbx_collection_date   2003-08-25 
_diffrn_detector.details                'dynamically bendable mirror' 
# 
_diffrn_radiation.diffrn_id                        1 
_diffrn_radiation.wavelength_id                    1 
_diffrn_radiation.pdbx_monochromatic_or_laue_m_l   M 
_diffrn_radiation.monochromator                    'SI(111)' 
_diffrn_radiation.pdbx_diffrn_protocol             'SINGLE WAVELENGTH' 
_diffrn_radiation.pdbx_scattering_type             x-ray 
# 
_diffrn_radiation_wavelength.id           1 
_diffrn_radiation_wavelength.wavelength   1.0000 
_diffrn_radiation_wavelength.wt           1.0 
# 
_diffrn_source.diffrn_id                   1 
_diffrn_source.source                      SYNCHROTRON 
_diffrn_source.type                        'SLS BEAMLINE X06SA' 
_diffrn_source.pdbx_synchrotron_site       SLS 
_diffrn_source.pdbx_synchrotron_beamline   X06SA 
_diffrn_source.pdbx_wavelength             ? 
_diffrn_source.pdbx_wavelength_list        1.0000 
# 
_reflns.entry_id                     2FWF 
_reflns.observed_criterion_sigma_F   ? 
_reflns.observed_criterion_sigma_I   -3.00 
_reflns.d_resolution_high            1.3 
_reflns.d_resolution_low             20 
_reflns.number_all                   ? 
_reflns.number_obs                   25864 
_reflns.percent_possible_obs         98.2 
_reflns.pdbx_Rmerge_I_obs            ? 
_reflns.pdbx_Rsym_value              0.091 
_reflns.pdbx_netI_over_sigmaI        20.8 
_reflns.B_iso_Wilson_estimate        12.4 
_reflns.pdbx_redundancy              5.4 
_reflns.R_free_details               ? 
_reflns.limit_h_max                  ? 
_reflns.limit_h_min                  ? 
_reflns.limit_k_max                  ? 
_reflns.limit_k_min                  ? 
_reflns.limit_l_max                  ? 
_reflns.limit_l_min                  ? 
_reflns.observed_criterion_F_max     ? 
_reflns.observed_criterion_F_min     ? 
_reflns.pdbx_chi_squared             ? 
_reflns.pdbx_scaling_rejects         ? 
_reflns.pdbx_diffrn_id               1 
_reflns.pdbx_ordinal                 1 
# 
_reflns_shell.d_res_high             1.3 
_reflns_shell.d_res_low              1.35 
_reflns_shell.percent_possible_all   87.0 
_reflns_shell.Rmerge_I_obs           ? 
_reflns_shell.pdbx_Rsym_value        0.288 
_reflns_shell.meanI_over_sigI_obs    3.1 
_reflns_shell.pdbx_redundancy        ? 
_reflns_shell.percent_possible_obs   ? 
_reflns_shell.number_unique_all      2253 
_reflns_shell.number_measured_all    ? 
_reflns_shell.number_measured_obs    ? 
_reflns_shell.number_unique_obs      ? 
_reflns_shell.pdbx_chi_squared       ? 
_reflns_shell.pdbx_diffrn_id         ? 
_reflns_shell.pdbx_ordinal           1 
# 
_refine.entry_id                                 2FWF 
_refine.ls_number_reflns_obs                     25027 
_refine.ls_number_reflns_all                     25054 
_refine.pdbx_ls_sigma_I                          ? 
_refine.pdbx_ls_sigma_F                          0.0 
_refine.pdbx_data_cutoff_high_absF               ? 
_refine.pdbx_data_cutoff_low_absF                ? 
_refine.pdbx_data_cutoff_high_rms_absF           ? 
_refine.ls_d_res_low                             15.00 
_refine.ls_d_res_high                            1.30 
_refine.ls_percent_reflns_obs                    ? 
_refine.ls_R_factor_obs                          ? 
_refine.ls_R_factor_all                          ? 
_refine.ls_R_factor_R_work                       0.17 
_refine.ls_R_factor_R_free                       0.198 
_refine.ls_R_factor_R_free_error                 ? 
_refine.ls_R_factor_R_free_error_details         ? 
_refine.ls_percent_reflns_R_free                 ? 
_refine.ls_number_reflns_R_free                  778 
_refine.ls_number_parameters                     4882 
_refine.ls_number_restraints                     4354 
_refine.occupancy_min                            ? 
_refine.occupancy_max                            ? 
_refine.correlation_coeff_Fo_to_Fc               ? 
_refine.correlation_coeff_Fo_to_Fc_free          ? 
_refine.B_iso_mean                               ? 
_refine.aniso_B[1][1]                            ? 
_refine.aniso_B[2][2]                            ? 
_refine.aniso_B[3][3]                            ? 
_refine.aniso_B[1][2]                            ? 
_refine.aniso_B[1][3]                            ? 
_refine.aniso_B[2][3]                            ? 
_refine.solvent_model_details                    ? 
_refine.solvent_model_param_ksol                 ? 
_refine.solvent_model_param_bsol                 ? 
_refine.pdbx_solvent_vdw_probe_radii             ? 
_refine.pdbx_solvent_ion_probe_radii             ? 
_refine.pdbx_solvent_shrinkage_radii             ? 
_refine.pdbx_ls_cross_valid_method               THROUGHOUT 
_refine.details                                  ? 
_refine.pdbx_starting_model                      'modified version of 2TRX (see publication)' 
_refine.pdbx_method_to_determine_struct          'MOLECULAR REPLACEMENT' 
_refine.pdbx_isotropic_thermal_model             ? 
_refine.pdbx_stereochemistry_target_values       'Engh & Huber' 
_refine.pdbx_stereochem_target_val_spec_case     ? 
_refine.pdbx_R_Free_selection_details            RANDOM 
_refine.pdbx_overall_ESU_R                       ? 
_refine.pdbx_overall_ESU_R_Free                  ? 
_refine.overall_SU_ML                            ? 
_refine.overall_SU_B                             ? 
_refine.ls_redundancy_reflns_obs                 ? 
_refine.B_iso_min                                ? 
_refine.B_iso_max                                ? 
_refine.overall_SU_R_Cruickshank_DPI             ? 
_refine.overall_SU_R_free                        ? 
_refine.ls_wR_factor_R_free                      ? 
_refine.ls_wR_factor_R_work                      ? 
_refine.overall_FOM_free_R_set                   ? 
_refine.overall_FOM_work_R_set                   ? 
_refine.pdbx_refine_id                           'X-RAY DIFFRACTION' 
_refine.pdbx_diffrn_id                           1 
_refine.pdbx_TLS_residual_ADP_flag               ? 
_refine.pdbx_overall_phase_error                 ? 
_refine.pdbx_overall_SU_R_free_Cruickshank_DPI   ? 
_refine.pdbx_overall_SU_R_Blow_DPI               ? 
_refine.pdbx_overall_SU_R_free_Blow_DPI          ? 
# 
_refine_analyze.entry_id                        2FWF 
_refine_analyze.Luzzati_coordinate_error_obs    ? 
_refine_analyze.Luzzati_sigma_a_obs             ? 
_refine_analyze.Luzzati_d_res_low_obs           ? 
_refine_analyze.Luzzati_coordinate_error_free   ? 
_refine_analyze.Luzzati_sigma_a_free            ? 
_refine_analyze.Luzzati_d_res_low_free          ? 
_refine_analyze.number_disordered_residues      23 
_refine_analyze.occupancy_sum_hydrogen          0.50 
_refine_analyze.occupancy_sum_non_hydrogen      1122.07 
_refine_analyze.pdbx_Luzzati_d_res_high_obs     ? 
_refine_analyze.pdbx_refine_id                  'X-RAY DIFFRACTION' 
# 
_refine_hist.pdbx_refine_id                   'X-RAY DIFFRACTION' 
_refine_hist.cycle_id                         LAST 
_refine_hist.pdbx_number_atoms_protein        1015 
_refine_hist.pdbx_number_atoms_nucleic_acid   0 
_refine_hist.pdbx_number_atoms_ligand         13 
_refine_hist.number_atoms_solvent             172 
_refine_hist.number_atoms_total               1200 
_refine_hist.d_res_high                       1.30 
_refine_hist.d_res_low                        15.00 
# 
loop_
_refine_ls_restr.type 
_refine_ls_restr.dev_ideal 
_refine_ls_restr.dev_ideal_target 
_refine_ls_restr.weight 
_refine_ls_restr.number 
_refine_ls_restr.pdbx_refine_id 
_refine_ls_restr.pdbx_restraint_function 
s_bond_d               0.011  ? ? ? 'X-RAY DIFFRACTION' ? 
s_angle_d              0.026  ? ? ? 'X-RAY DIFFRACTION' ? 
s_similar_dist         0.000  ? ? ? 'X-RAY DIFFRACTION' ? 
s_from_restr_planes    0.0271 ? ? ? 'X-RAY DIFFRACTION' ? 
s_zero_chiral_vol      0.066  ? ? ? 'X-RAY DIFFRACTION' ? 
s_non_zero_chiral_vol  0.071  ? ? ? 'X-RAY DIFFRACTION' ? 
s_anti_bump_dis_restr  0.017  ? ? ? 'X-RAY DIFFRACTION' ? 
s_rigid_bond_adp_cmpnt 0.000  ? ? ? 'X-RAY DIFFRACTION' ? 
s_similar_adp_cmpnt    0.052  ? ? ? 'X-RAY DIFFRACTION' ? 
s_approx_iso_adps      0.057  ? ? ? 'X-RAY DIFFRACTION' ? 
# 
_refine_ls_shell.pdbx_total_number_of_bins_used   ? 
_refine_ls_shell.d_res_high                       1.30 
_refine_ls_shell.d_res_low                        ? 
_refine_ls_shell.number_reflns_R_work             ? 
_refine_ls_shell.R_factor_R_work                  0.16 
_refine_ls_shell.percent_reflns_obs               ? 
_refine_ls_shell.R_factor_R_free                  0.18 
_refine_ls_shell.R_factor_R_free_error            ? 
_refine_ls_shell.percent_reflns_R_free            ? 
_refine_ls_shell.number_reflns_R_free             627 
_refine_ls_shell.number_reflns_obs                20614 
_refine_ls_shell.redundancy_reflns_obs            ? 
_refine_ls_shell.number_reflns_all                ? 
_refine_ls_shell.R_factor_all                     ? 
_refine_ls_shell.pdbx_refine_id                   'X-RAY DIFFRACTION' 
# 
_pdbx_refine.entry_id                                    2FWF 
_pdbx_refine.R_factor_all_no_cutoff                      0.17 
_pdbx_refine.R_factor_obs_no_cutoff                      ? 
_pdbx_refine.free_R_factor_no_cutoff                     0.196 
_pdbx_refine.free_R_val_test_set_size_perc_no_cutoff     ? 
_pdbx_refine.free_R_val_test_set_ct_no_cutoff            779 
_pdbx_refine.R_factor_all_4sig_cutoff                    0.1601 
_pdbx_refine.R_factor_obs_4sig_cutoff                    ? 
_pdbx_refine.free_R_factor_4sig_cutoff                   0.187 
_pdbx_refine.free_R_val_test_set_size_perc_4sig_cutoff   ? 
_pdbx_refine.free_R_val_test_set_ct_4sig_cutoff          627 
_pdbx_refine.number_reflns_obs_4sig_cutoff               20614 
_pdbx_refine.pdbx_refine_id                              'X-RAY DIFFRACTION' 
_pdbx_refine.free_R_error_no_cutoff                      ? 
# 
_struct.entry_id                  2FWF 
_struct.title                     
'high resolution crystal structure of the C-terminal domain of the electron transfer catalyst DsbD (reduced form)' 
_struct.pdbx_model_details        ? 
_struct.pdbx_CASP_flag            ? 
_struct.pdbx_model_type_details   ? 
# 
_struct_keywords.entry_id        2FWF 
_struct_keywords.pdbx_keywords   OXIDOREDUCTASE 
_struct_keywords.text            'DSBD, THIOREDOXIN-LIKE, C-terminal domain, reduced form, Oxidoreductase' 
# 
loop_
_struct_asym.id 
_struct_asym.pdbx_blank_PDB_chainid_flag 
_struct_asym.pdbx_modified 
_struct_asym.entity_id 
_struct_asym.details 
A N N 1 ? 
B N N 2 ? 
C N N 2 ? 
D N N 2 ? 
E N N 2 ? 
F N N 2 ? 
G N N 2 ? 
H N N 2 ? 
I N N 3 ? 
J N N 3 ? 
K N N 4 ? 
# 
loop_
_struct_conf.conf_type_id 
_struct_conf.id 
_struct_conf.pdbx_PDB_helix_id 
_struct_conf.beg_label_comp_id 
_struct_conf.beg_label_asym_id 
_struct_conf.beg_label_seq_id 
_struct_conf.pdbx_beg_PDB_ins_code 
_struct_conf.end_label_comp_id 
_struct_conf.end_label_asym_id 
_struct_conf.end_label_seq_id 
_struct_conf.pdbx_end_PDB_ins_code 
_struct_conf.beg_auth_comp_id 
_struct_conf.beg_auth_asym_id 
_struct_conf.beg_auth_seq_id 
_struct_conf.end_auth_comp_id 
_struct_conf.end_auth_asym_id 
_struct_conf.end_auth_seq_id 
_struct_conf.pdbx_PDB_helix_class 
_struct_conf.details 
_struct_conf.pdbx_PDB_helix_length 
HELX_P HELX_P1 1 THR A 18  ? LYS A 30  ? THR A 436 LYS A 448 1 ? 13 
HELX_P HELX_P2 2 CYS A 43  ? THR A 53  ? CYS A 461 THR A 471 1 ? 11 
HELX_P HELX_P3 3 ASP A 56  ? LEU A 63  ? ASP A 474 LEU A 481 1 ? 8  
HELX_P HELX_P4 4 ASP A 77  ? LEU A 87  ? ASP A 495 LEU A 505 1 ? 11 
HELX_P HELX_P5 5 HIS A 105 ? ARG A 109 ? HIS A 523 ARG A 527 5 ? 5  
HELX_P HELX_P6 6 ASP A 115 ? ASP A 125 ? ASP A 533 ASP A 543 1 ? 11 
# 
_struct_conf_type.id          HELX_P 
_struct_conf_type.criteria    ? 
_struct_conf_type.reference   ? 
# 
loop_
_struct_conn.id 
_struct_conn.conn_type_id 
_struct_conn.pdbx_leaving_atom_flag 
_struct_conn.pdbx_PDB_id 
_struct_conn.ptnr1_label_asym_id 
_struct_conn.ptnr1_label_comp_id 
_struct_conn.ptnr1_label_seq_id 
_struct_conn.ptnr1_label_atom_id 
_struct_conn.pdbx_ptnr1_label_alt_id 
_struct_conn.pdbx_ptnr1_PDB_ins_code 
_struct_conn.pdbx_ptnr1_standard_comp_id 
_struct_conn.ptnr1_symmetry 
_struct_conn.ptnr2_label_asym_id 
_struct_conn.ptnr2_label_comp_id 
_struct_conn.ptnr2_label_seq_id 
_struct_conn.ptnr2_label_atom_id 
_struct_conn.pdbx_ptnr2_label_alt_id 
_struct_conn.pdbx_ptnr2_PDB_ins_code 
_struct_conn.ptnr1_auth_asym_id 
_struct_conn.ptnr1_auth_comp_id 
_struct_conn.ptnr1_auth_seq_id 
_struct_conn.ptnr2_auth_asym_id 
_struct_conn.ptnr2_auth_comp_id 
_struct_conn.ptnr2_auth_seq_id 
_struct_conn.ptnr2_symmetry 
_struct_conn.pdbx_ptnr3_label_atom_id 
_struct_conn.pdbx_ptnr3_label_seq_id 
_struct_conn.pdbx_ptnr3_label_comp_id 
_struct_conn.pdbx_ptnr3_label_asym_id 
_struct_conn.pdbx_ptnr3_label_alt_id 
_struct_conn.pdbx_ptnr3_PDB_ins_code 
_struct_conn.details 
_struct_conn.pdbx_dist_value 
_struct_conn.pdbx_value_order 
_struct_conn.pdbx_role 
metalc1 metalc ? ? K HOH .  O   ? ? ? 1_555 J NA . NA ? ? A HOH 37  A NA 1102 1_555 ? ? ? ? ? ? ? 2.848 ? ? 
metalc2 metalc ? ? K HOH .  O   ? ? ? 1_555 I NA . NA A ? A HOH 79  A NA 1101 1_555 ? ? ? ? ? ? ? 2.736 ? ? 
metalc3 metalc ? ? K HOH .  O   ? ? ? 1_555 I NA . NA A ? A HOH 87  A NA 1101 1_555 ? ? ? ? ? ? ? 2.797 ? ? 
metalc4 metalc ? ? K HOH .  O   ? ? ? 3_545 J NA . NA ? ? A HOH 131 A NA 1102 1_555 ? ? ? ? ? ? ? 1.716 ? ? 
metalc5 metalc ? ? A GLN 24 OE1 ? ? ? 1_555 J NA . NA ? ? A GLN 442 A NA 1102 1_555 ? ? ? ? ? ? ? 2.730 ? ? 
# 
_struct_conn_type.id          metalc 
_struct_conn_type.criteria    ? 
_struct_conn_type.reference   ? 
# 
_struct_mon_prot_cis.pdbx_id                1 
_struct_mon_prot_cis.label_comp_id          LEU 
_struct_mon_prot_cis.label_seq_id           92 
_struct_mon_prot_cis.label_asym_id          A 
_struct_mon_prot_cis.label_alt_id           . 
_struct_mon_prot_cis.pdbx_PDB_ins_code      ? 
_struct_mon_prot_cis.auth_comp_id           LEU 
_struct_mon_prot_cis.auth_seq_id            510 
_struct_mon_prot_cis.auth_asym_id           A 
_struct_mon_prot_cis.pdbx_label_comp_id_2   PRO 
_struct_mon_prot_cis.pdbx_label_seq_id_2    93 
_struct_mon_prot_cis.pdbx_label_asym_id_2   A 
_struct_mon_prot_cis.pdbx_PDB_ins_code_2    ? 
_struct_mon_prot_cis.pdbx_auth_comp_id_2    PRO 
_struct_mon_prot_cis.pdbx_auth_seq_id_2     511 
_struct_mon_prot_cis.pdbx_auth_asym_id_2    A 
_struct_mon_prot_cis.pdbx_PDB_model_num     1 
_struct_mon_prot_cis.pdbx_omega_angle       4.71 
# 
_struct_sheet.id               A 
_struct_sheet.type             ? 
_struct_sheet.number_strands   4 
_struct_sheet.details          ? 
# 
loop_
_struct_sheet_order.sheet_id 
_struct_sheet_order.range_id_1 
_struct_sheet_order.range_id_2 
_struct_sheet_order.offset 
_struct_sheet_order.sense 
A 1 2 ? parallel      
A 2 3 ? parallel      
A 3 4 ? anti-parallel 
# 
loop_
_struct_sheet_range.sheet_id 
_struct_sheet_range.id 
_struct_sheet_range.beg_label_comp_id 
_struct_sheet_range.beg_label_asym_id 
_struct_sheet_range.beg_label_seq_id 
_struct_sheet_range.pdbx_beg_PDB_ins_code 
_struct_sheet_range.end_label_comp_id 
_struct_sheet_range.end_label_asym_id 
_struct_sheet_range.end_label_seq_id 
_struct_sheet_range.pdbx_end_PDB_ins_code 
_struct_sheet_range.beg_auth_comp_id 
_struct_sheet_range.beg_auth_asym_id 
_struct_sheet_range.beg_auth_seq_id 
_struct_sheet_range.end_auth_comp_id 
_struct_sheet_range.end_auth_asym_id 
_struct_sheet_range.end_auth_seq_id 
A 1 THR A 14 ? GLN A 15 ? THR A 432 GLN A 433 
A 2 VAL A 67 ? ASN A 72 ? VAL A 485 ASN A 490 
A 3 VAL A 34 ? TYR A 39 ? VAL A 452 TYR A 457 
A 4 THR A 94 ? PHE A 98 ? THR A 512 PHE A 516 
# 
loop_
_pdbx_struct_sheet_hbond.sheet_id 
_pdbx_struct_sheet_hbond.range_id_1 
_pdbx_struct_sheet_hbond.range_id_2 
_pdbx_struct_sheet_hbond.range_1_label_atom_id 
_pdbx_struct_sheet_hbond.range_1_label_comp_id 
_pdbx_struct_sheet_hbond.range_1_label_asym_id 
_pdbx_struct_sheet_hbond.range_1_label_seq_id 
_pdbx_struct_sheet_hbond.range_1_PDB_ins_code 
_pdbx_struct_sheet_hbond.range_1_auth_atom_id 
_pdbx_struct_sheet_hbond.range_1_auth_comp_id 
_pdbx_struct_sheet_hbond.range_1_auth_asym_id 
_pdbx_struct_sheet_hbond.range_1_auth_seq_id 
_pdbx_struct_sheet_hbond.range_2_label_atom_id 
_pdbx_struct_sheet_hbond.range_2_label_comp_id 
_pdbx_struct_sheet_hbond.range_2_label_asym_id 
_pdbx_struct_sheet_hbond.range_2_label_seq_id 
_pdbx_struct_sheet_hbond.range_2_PDB_ins_code 
_pdbx_struct_sheet_hbond.range_2_auth_atom_id 
_pdbx_struct_sheet_hbond.range_2_auth_comp_id 
_pdbx_struct_sheet_hbond.range_2_auth_asym_id 
_pdbx_struct_sheet_hbond.range_2_auth_seq_id 
A 1 2 N THR A 14 ? N THR A 432 O LEU A 68 ? O LEU A 486 
A 2 3 O LEU A 69 ? O LEU A 487 N MET A 35 ? N MET A 453 
A 3 4 N LEU A 36 ? N LEU A 454 O LEU A 96 ? O LEU A 514 
# 
loop_
_struct_site.id 
_struct_site.pdbx_evidence_code 
_struct_site.pdbx_auth_asym_id 
_struct_site.pdbx_auth_comp_id 
_struct_site.pdbx_auth_seq_id 
_struct_site.pdbx_auth_ins_code 
_struct_site.pdbx_num_residues 
_struct_site.details 
AC1 Software A IOD 1001 ? 4 'BINDING SITE FOR RESIDUE IOD A 1001' 
AC2 Software A IOD 1002 ? 3 'BINDING SITE FOR RESIDUE IOD A 1002' 
AC3 Software A IOD 1003 ? 4 'BINDING SITE FOR RESIDUE IOD A 1003' 
AC4 Software A IOD 1005 ? 2 'BINDING SITE FOR RESIDUE IOD A 1005' 
AC5 Software A IOD 1006 ? 2 'BINDING SITE FOR RESIDUE IOD A 1006' 
AC6 Software A IOD 1010 ? 4 'BINDING SITE FOR RESIDUE IOD A 1010' 
AC7 Software A IOD 1013 ? 3 'BINDING SITE FOR RESIDUE IOD A 1013' 
AC8 Software A NA  1101 ? 6 'BINDING SITE FOR RESIDUE NA A 1101'  
AC9 Software A NA  1102 ? 3 'BINDING SITE FOR RESIDUE NA A 1102'  
# 
loop_
_struct_site_gen.id 
_struct_site_gen.site_id 
_struct_site_gen.pdbx_num_res 
_struct_site_gen.label_comp_id 
_struct_site_gen.label_asym_id 
_struct_site_gen.label_seq_id 
_struct_site_gen.pdbx_auth_ins_code 
_struct_site_gen.auth_comp_id 
_struct_site_gen.auth_asym_id 
_struct_site_gen.auth_seq_id 
_struct_site_gen.label_atom_id 
_struct_site_gen.label_alt_id 
_struct_site_gen.symmetry 
_struct_site_gen.details 
1  AC1 4 HOH K .   ? HOH A 33   . ? 1_555 ? 
2  AC1 4 LEU A 11  ? LEU A 429  . ? 1_555 ? 
3  AC1 4 GLU A 50  ? GLU A 468  . ? 1_555 ? 
4  AC1 4 GLN A 70  ? GLN A 488  . ? 1_555 ? 
5  AC2 3 HOH K .   ? HOH A 68   . ? 1_555 ? 
6  AC2 3 HIS A 105 ? HIS A 523  . ? 1_555 ? 
7  AC2 3 NA  I .   ? NA  A 1101 . ? 1_555 ? 
8  AC3 4 HOH K .   ? HOH A 124  . ? 1_555 ? 
9  AC3 4 GLY A 100 ? GLY A 518  . ? 1_555 ? 
10 AC3 4 GLN A 127 ? GLN A 545  . ? 1_555 ? 
11 AC3 4 HIS A 129 ? HIS A 547  . ? 1_555 ? 
12 AC4 2 HOH K .   ? HOH A 103  . ? 1_555 ? 
13 AC4 2 ASP A 20  ? ASP A 438  . ? 1_555 ? 
14 AC5 2 HOH K .   ? HOH A 150  . ? 1_555 ? 
15 AC5 2 GLU A 48  ? GLU A 466  . ? 2_555 ? 
16 AC6 4 HOH K .   ? HOH A 136  . ? 2_655 ? 
17 AC6 4 HOH K .   ? HOH A 142  . ? 1_555 ? 
18 AC6 4 GLY A 91  ? GLY A 509  . ? 2_555 ? 
19 AC6 4 LEU A 92  ? LEU A 510  . ? 2_555 ? 
20 AC7 3 HOH K .   ? HOH A 8    . ? 1_555 ? 
21 AC7 3 TRP A 42  ? TRP A 460  . ? 4_555 ? 
22 AC7 3 GLU A 117 ? GLU A 535  . ? 1_555 ? 
23 AC8 6 HOH K .   ? HOH A 79   . ? 1_555 ? 
24 AC8 6 HOH K .   ? HOH A 87   . ? 1_555 ? 
25 AC8 6 HIS A 105 ? HIS A 523  . ? 1_555 ? 
26 AC8 6 ARG A 126 ? ARG A 544  . ? 1_555 ? 
27 AC8 6 GLN A 127 ? GLN A 545  . ? 1_555 ? 
28 AC8 6 IOD C .   ? IOD A 1002 . ? 1_555 ? 
29 AC9 3 HOH K .   ? HOH A 37   . ? 1_555 ? 
30 AC9 3 HOH K .   ? HOH A 131  . ? 3_545 ? 
31 AC9 3 GLN A 24  ? GLN A 442  . ? 1_555 ? 
# 
_atom_sites.entry_id                    2FWF 
_atom_sites.fract_transf_matrix[1][1]   -0.01746218 
_atom_sites.fract_transf_matrix[1][2]   0.00041550 
_atom_sites.fract_transf_matrix[1][3]   -0.02793218 
_atom_sites.fract_transf_matrix[2][1]   0.01833885 
_atom_sites.fract_transf_matrix[2][2]   0.00194927 
_atom_sites.fract_transf_matrix[2][3]   -0.01143578 
_atom_sites.fract_transf_matrix[3][1]   0.00093756 
_atom_sites.fract_transf_matrix[3][2]   -0.01343140 
_atom_sites.fract_transf_matrix[3][3]   -0.00078593 
_atom_sites.fract_transf_vector[1]      0.254286 
_atom_sites.fract_transf_vector[2]      0.005502 
_atom_sites.fract_transf_vector[3]      0.130315 
# 
loop_
_atom_type.symbol 
C  
I  
N  
NA 
O  
S  
# 
loop_
_atom_site.group_PDB 
_atom_site.id 
_atom_site.type_symbol 
_atom_site.label_atom_id 
_atom_site.label_alt_id 
_atom_site.label_comp_id 
_atom_site.label_asym_id 
_atom_site.label_entity_id 
_atom_site.label_seq_id 
_atom_site.pdbx_PDB_ins_code 
_atom_site.Cartn_x 
_atom_site.Cartn_y 
_atom_site.Cartn_z 
_atom_site.occupancy 
_atom_site.B_iso_or_equiv 
_atom_site.pdbx_formal_charge 
_atom_site.auth_seq_id 
_atom_site.auth_comp_id 
_atom_site.auth_asym_id 
_atom_site.auth_atom_id 
_atom_site.pdbx_PDB_model_num 
ATOM   1    N  N   . HIS A 1 10  ? -6.479  8.496   -10.799 1.00 40.61 ? 428  HIS A N   1 
ATOM   2    C  CA  . HIS A 1 10  ? -6.490  7.983   -9.439  1.00 29.86 ? 428  HIS A CA  1 
ATOM   3    C  C   . HIS A 1 10  ? -6.581  6.456   -9.455  1.00 25.97 ? 428  HIS A C   1 
ATOM   4    O  O   . HIS A 1 10  ? -7.389  5.855   -10.170 1.00 21.93 ? 428  HIS A O   1 
ATOM   5    C  CB  . HIS A 1 10  ? -7.668  8.556   -8.653  1.00 37.12 ? 428  HIS A CB  1 
ATOM   6    C  CG  . HIS A 1 10  ? -7.301  9.688   -7.745  0.00 37.13 ? 428  HIS A CG  1 
ATOM   7    N  ND1 . HIS A 1 10  ? -6.926  10.927  -8.211  0.00 37.13 ? 428  HIS A ND1 1 
ATOM   8    C  CD2 . HIS A 1 10  ? -7.252  9.771   -6.396  0.00 37.13 ? 428  HIS A CD2 1 
ATOM   9    C  CE1 . HIS A 1 10  ? -6.660  11.725  -7.193  0.00 37.13 ? 428  HIS A CE1 1 
ATOM   10   N  NE2 . HIS A 1 10  ? -6.850  11.046  -6.075  0.00 37.13 ? 428  HIS A NE2 1 
ATOM   11   N  N   . LEU A 1 11  ? -5.726  5.808   -8.668  1.00 16.57 ? 429  LEU A N   1 
ATOM   12   C  CA  . LEU A 1 11  ? -5.918  4.350   -8.526  1.00 12.78 ? 429  LEU A CA  1 
ATOM   13   C  C   . LEU A 1 11  ? -7.228  4.104   -7.820  1.00 12.31 ? 429  LEU A C   1 
ATOM   14   O  O   . LEU A 1 11  ? -7.766  4.968   -7.116  1.00 16.29 ? 429  LEU A O   1 
ATOM   15   C  CB  . LEU A 1 11  ? -4.761  3.765   -7.716  1.00 13.78 ? 429  LEU A CB  1 
ATOM   16   C  CG  . LEU A 1 11  ? -3.363  3.883   -8.328  1.00 11.95 ? 429  LEU A CG  1 
ATOM   17   C  CD1 . LEU A 1 11  ? -2.276  3.568   -7.303  1.00 11.79 ? 429  LEU A CD1 1 
ATOM   18   C  CD2 . LEU A 1 11  ? -3.241  2.938   -9.509  1.00 13.02 ? 429  LEU A CD2 1 
ATOM   19   N  N   . ASN A 1 12  ? -7.770  2.902   -7.922  1.00 11.56 ? 430  ASN A N   1 
ATOM   20   C  CA  . ASN A 1 12  ? -8.957  2.514   -7.190  1.00 12.22 ? 430  ASN A CA  1 
ATOM   21   C  C   . ASN A 1 12  ? -8.576  1.725   -5.936  1.00 13.45 ? 430  ASN A C   1 
ATOM   22   O  O   . ASN A 1 12  ? -8.314  0.535   -6.023  1.00 18.06 ? 430  ASN A O   1 
ATOM   23   C  CB  . ASN A 1 12  ? -9.871  1.660   -8.096  1.00 16.55 ? 430  ASN A CB  1 
ATOM   24   C  CG  . ASN A 1 12  ? -10.475 2.556   -9.191  1.00 17.80 ? 430  ASN A CG  1 
ATOM   25   O  OD1 . ASN A 1 12  ? -11.058 3.589   -8.881  1.00 18.36 ? 430  ASN A OD1 1 
ATOM   26   N  ND2 . ASN A 1 12  ? -10.267 2.121   -10.413 1.00 17.14 ? 430  ASN A ND2 1 
ATOM   27   N  N   . PHE A 1 13  ? -8.513  2.421   -4.816  1.00 11.44 ? 431  PHE A N   1 
ATOM   28   C  CA  . PHE A 1 13  ? -8.205  1.862   -3.518  1.00 11.40 ? 431  PHE A CA  1 
ATOM   29   C  C   . PHE A 1 13  ? -9.483  1.493   -2.777  1.00 13.28 ? 431  PHE A C   1 
ATOM   30   O  O   . PHE A 1 13  ? -10.531 2.141   -2.929  1.00 14.44 ? 431  PHE A O   1 
ATOM   31   C  CB  . PHE A 1 13  ? -7.485  2.880   -2.628  1.00 10.80 ? 431  PHE A CB  1 
ATOM   32   C  CG  . PHE A 1 13  ? -6.055  3.167   -3.008  1.00 9.98  ? 431  PHE A CG  1 
ATOM   33   C  CD1 . PHE A 1 13  ? -5.061  2.252   -2.692  1.00 10.56 ? 431  PHE A CD1 1 
ATOM   34   C  CD2 . PHE A 1 13  ? -5.683  4.329   -3.650  1.00 12.32 ? 431  PHE A CD2 1 
ATOM   35   C  CE1 . PHE A 1 13  ? -3.714  2.457   -2.961  1.00 10.22 ? 431  PHE A CE1 1 
ATOM   36   C  CE2 . PHE A 1 13  ? -4.346  4.557   -3.939  1.00 12.97 ? 431  PHE A CE2 1 
ATOM   37   C  CZ  . PHE A 1 13  ? -3.375  3.628   -3.631  1.00 11.37 ? 431  PHE A CZ  1 
ATOM   38   N  N   . THR A 1 14  ? -9.374  0.439   -1.989  1.00 10.42 ? 432  THR A N   1 
ATOM   39   C  CA  . THR A 1 14  ? -10.397 0.085   -1.017  1.00 9.84  ? 432  THR A CA  1 
ATOM   40   C  C   . THR A 1 14  ? -9.936  0.600   0.330   1.00 8.46  ? 432  THR A C   1 
ATOM   41   O  O   . THR A 1 14  ? -8.825  0.311   0.769   1.00 9.76  ? 432  THR A O   1 
ATOM   42   C  CB  . THR A 1 14  ? -10.566 -1.442  -0.970  1.00 11.25 ? 432  THR A CB  1 
ATOM   43   O  OG1 . THR A 1 14  ? -11.173 -1.902  -2.205  1.00 16.32 ? 432  THR A OG1 1 
ATOM   44   C  CG2 . THR A 1 14  ? -11.454 -1.880  0.197   1.00 15.64 ? 432  THR A CG2 1 
ATOM   45   N  N   . GLN A 1 15  ? -10.770 1.414   1.009   1.00 9.98  ? 433  GLN A N   1 
ATOM   46   C  CA  . GLN A 1 15  ? -10.343 2.054   2.235   1.00 9.47  ? 433  GLN A CA  1 
ATOM   47   C  C   . GLN A 1 15  ? -10.495 1.112   3.418   1.00 9.73  ? 433  GLN A C   1 
ATOM   48   O  O   . GLN A 1 15  ? -11.539 0.438   3.509   1.00 14.33 ? 433  GLN A O   1 
ATOM   49   C  CB  . GLN A 1 15  ? -11.208 3.313   2.487   1.00 9.82  ? 433  GLN A CB  1 
ATOM   50   C  CG  . GLN A 1 15  ? -11.156 4.333   1.354   0.80 11.29 ? 433  GLN A CG  1 
ATOM   51   C  CD  . GLN A 1 15  ? -9.748  4.926   1.132   0.80 11.25 ? 433  GLN A CD  1 
ATOM   52   O  OE1 . GLN A 1 15  ? -9.069  5.217   2.115   0.80 14.63 ? 433  GLN A OE1 1 
ATOM   53   N  NE2 . GLN A 1 15  ? -9.391  5.067   -0.126  0.80 12.87 ? 433  GLN A NE2 1 
ATOM   54   N  N   . ILE A 1 16  ? -9.532  1.070   4.304   1.00 10.53 ? 434  ILE A N   1 
ATOM   55   C  CA  . ILE A 1 16  ? -9.732  0.345   5.562   1.00 11.70 ? 434  ILE A CA  1 
ATOM   56   C  C   . ILE A 1 16  ? -9.372  1.334   6.665   1.00 12.46 ? 434  ILE A C   1 
ATOM   57   O  O   . ILE A 1 16  ? -8.579  2.260   6.441   1.00 13.83 ? 434  ILE A O   1 
ATOM   58   C  CB  . ILE A 1 16  ? -8.905  -0.938  5.618   1.00 13.64 ? 434  ILE A CB  1 
ATOM   59   C  CG1 . ILE A 1 16  ? -7.404  -0.743  5.527   1.00 13.90 ? 434  ILE A CG1 1 
ATOM   60   C  CG2 . ILE A 1 16  ? -9.362  -1.910  4.518   1.00 13.41 ? 434  ILE A CG2 1 
ATOM   61   C  CD1 . ILE A 1 16  ? -6.644  -0.495  6.818   1.00 21.79 ? 434  ILE A CD1 1 
ATOM   62   N  N   . LYS A 1 17  ? -9.927  1.074   7.846   1.00 11.46 ? 435  LYS A N   1 
ATOM   63   C  CA  . LYS A 1 17  ? -9.684  2.017   8.949   1.00 15.26 ? 435  LYS A CA  1 
ATOM   64   C  C   . LYS A 1 17  ? -8.997  1.341   10.115  1.00 13.68 ? 435  LYS A C   1 
ATOM   65   O  O   . LYS A 1 17  ? -8.200  1.968   10.802  1.00 18.99 ? 435  LYS A O   1 
ATOM   66   C  CB  . LYS A 1 17  ? -11.038 2.588   9.397   1.00 14.68 ? 435  LYS A CB  1 
ATOM   67   C  CG  . LYS A 1 17  ? -11.074 3.525   10.580  1.00 17.47 ? 435  LYS A CG  1 
ATOM   68   C  CD  . LYS A 1 17  ? -10.382 4.835   10.194  1.00 16.78 ? 435  LYS A CD  1 
ATOM   69   C  CE  . LYS A 1 17  ? -10.641 5.806   11.359  1.00 18.91 ? 435  LYS A CE  1 
ATOM   70   N  NZ  . LYS A 1 17  ? -9.909  7.095   11.137  1.00 19.43 ? 435  LYS A NZ  1 
ATOM   71   N  N   . THR A 1 18  ? -9.334  0.090   10.391  1.00 12.30 ? 436  THR A N   1 
ATOM   72   C  CA  . THR A 1 18  ? -8.899  -0.541  11.617  1.00 10.34 ? 436  THR A CA  1 
ATOM   73   C  C   . THR A 1 18  ? -8.122  -1.807  11.346  1.00 10.13 ? 436  THR A C   1 
ATOM   74   O  O   . THR A 1 18  ? -8.144  -2.363  10.235  1.00 11.58 ? 436  THR A O   1 
ATOM   75   C  CB  . THR A 1 18  ? -10.096 -1.008  12.480  1.00 12.82 ? 436  THR A CB  1 
ATOM   76   O  OG1 . THR A 1 18  ? -10.822 -2.009  11.757  1.00 14.21 ? 436  THR A OG1 1 
ATOM   77   C  CG2 . THR A 1 18  ? -11.050 0.129   12.758  1.00 14.64 ? 436  THR A CG2 1 
ATOM   78   N  N   . VAL A 1 19  ? -7.388  -2.300  12.342  1.00 11.21 ? 437  VAL A N   1 
ATOM   79   C  CA  . VAL A 1 19  ? -6.713  -3.573  12.213  1.00 9.85  ? 437  VAL A CA  1 
ATOM   80   C  C   . VAL A 1 19  ? -7.675  -4.666  11.817  1.00 11.05 ? 437  VAL A C   1 
ATOM   81   O  O   . VAL A 1 19  ? -7.375  -5.481  10.969  1.00 11.63 ? 437  VAL A O   1 
ATOM   82   C  CB  . VAL A 1 19  ? -6.058  -3.916  13.578  1.00 9.82  ? 437  VAL A CB  1 
ATOM   83   C  CG1 . VAL A 1 19  ? -5.441  -5.287  13.561  1.00 12.82 ? 437  VAL A CG1 1 
ATOM   84   C  CG2 . VAL A 1 19  ? -5.028  -2.824  13.883  1.00 13.00 ? 437  VAL A CG2 1 
ATOM   85   N  N   . ASP A 1 20  ? -8.862  -4.722  12.423  1.00 11.18 ? 438  ASP A N   1 
ATOM   86   C  CA  . ASP A 1 20  ? -9.771  -5.815  12.060  1.00 12.53 ? 438  ASP A CA  1 
ATOM   87   C  C   . ASP A 1 20  ? -10.149 -5.714  10.576  1.00 10.21 ? 438  ASP A C   1 
ATOM   88   O  O   . ASP A 1 20  ? -10.258 -6.726  9.897   1.00 11.01 ? 438  ASP A O   1 
ATOM   89   C  CB  . ASP A 1 20  ? -11.028 -5.751  12.921  1.00 15.88 ? 438  ASP A CB  1 
ATOM   90   C  CG  . ASP A 1 20  ? -10.946 -6.304  14.327  1.00 24.30 ? 438  ASP A CG  1 
ATOM   91   O  OD1 . ASP A 1 20  ? -9.885  -6.820  14.712  1.00 19.80 ? 438  ASP A OD1 1 
ATOM   92   O  OD2 . ASP A 1 20  ? -11.958 -6.231  15.077  1.00 42.72 ? 438  ASP A OD2 1 
ATOM   93   N  N   . GLU A 1 21  ? -10.388 -4.515  10.071  1.00 10.03 ? 439  GLU A N   1 
ATOM   94   C  CA  . GLU A 1 21  ? -10.762 -4.318  8.669   1.00 11.59 ? 439  GLU A CA  1 
ATOM   95   C  C   . GLU A 1 21  ? -9.616  -4.709  7.770   1.00 11.13 ? 439  GLU A C   1 
ATOM   96   O  O   . GLU A 1 21  ? -9.849  -5.313  6.708   1.00 11.22 ? 439  GLU A O   1 
ATOM   97   C  CB  . GLU A 1 21  ? -11.153 -2.856  8.460   1.00 12.51 ? 439  GLU A CB  1 
ATOM   98   C  CG  . GLU A 1 21  ? -12.540 -2.547  8.972   1.00 12.12 ? 439  GLU A CG  1 
ATOM   99   C  CD  A GLU A 1 21  ? -12.949 -1.103  8.809   0.70 20.64 ? 439  GLU A CD  1 
ATOM   100  C  CD  B GLU A 1 21  ? -12.938 -1.091  8.899   0.20 17.36 ? 439  GLU A CD  1 
ATOM   101  O  OE1 A GLU A 1 21  ? -12.289 -0.339  8.069   0.70 16.17 ? 439  GLU A OE1 1 
ATOM   102  O  OE1 B GLU A 1 21  ? -12.070 -0.224  9.132   0.20 9.53  ? 439  GLU A OE1 1 
ATOM   103  O  OE2 A GLU A 1 21  ? -13.975 -0.734  9.426   0.70 26.53 ? 439  GLU A OE2 1 
ATOM   104  O  OE2 B GLU A 1 21  ? -14.114 -0.773  8.609   0.20 9.93  ? 439  GLU A OE2 1 
ATOM   105  N  N   . LEU A 1 22  ? -8.373  -4.370  8.126   1.00 9.39  ? 440  LEU A N   1 
ATOM   106  C  CA  . LEU A 1 22  ? -7.267  -4.841  7.280   1.00 9.84  ? 440  LEU A CA  1 
ATOM   107  C  C   . LEU A 1 22  ? -7.251  -6.352  7.234   1.00 9.77  ? 440  LEU A C   1 
ATOM   108  O  O   . LEU A 1 22  ? -7.052  -6.967  6.180   1.00 10.16 ? 440  LEU A O   1 
ATOM   109  C  CB  . LEU A 1 22  ? -5.941  -4.342  7.856   1.00 10.97 ? 440  LEU A CB  1 
ATOM   110  C  CG  . LEU A 1 22  ? -4.668  -4.899  7.238   1.00 10.37 ? 440  LEU A CG  1 
ATOM   111  C  CD1 . LEU A 1 22  ? -4.620  -4.673  5.739   1.00 11.70 ? 440  LEU A CD1 1 
ATOM   112  C  CD2 . LEU A 1 22  ? -3.423  -4.260  7.887   1.00 12.79 ? 440  LEU A CD2 1 
ATOM   113  N  N   . ASN A 1 23  ? -7.447  -7.011  8.377   1.00 9.59  ? 441  ASN A N   1 
ATOM   114  C  CA  . ASN A 1 23  ? -7.352  -8.478  8.382   1.00 13.90 ? 441  ASN A CA  1 
ATOM   115  C  C   . ASN A 1 23  ? -8.469  -9.099  7.553   1.00 11.58 ? 441  ASN A C   1 
ATOM   116  O  O   . ASN A 1 23  ? -8.220  -10.063 6.831   1.00 12.81 ? 441  ASN A O   1 
ATOM   117  C  CB  . ASN A 1 23  ? -7.350  -9.001  9.815   1.00 13.95 ? 441  ASN A CB  1 
ATOM   118  C  CG  . ASN A 1 23  ? -6.001  -8.746  10.460  1.00 18.55 ? 441  ASN A CG  1 
ATOM   119  O  OD1 . ASN A 1 23  ? -5.968  -8.408  11.666  1.00 29.05 ? 441  ASN A OD1 1 
ATOM   120  N  ND2 . ASN A 1 23  ? -4.942  -8.914  9.703   1.00 20.61 ? 441  ASN A ND2 1 
ATOM   121  N  N   . GLN A 1 24  ? -9.667  -8.519  7.588   1.00 10.40 ? 442  GLN A N   1 
ATOM   122  C  CA  . GLN A 1 24  ? -10.751 -9.043  6.767   1.00 13.90 ? 442  GLN A CA  1 
ATOM   123  C  C   . GLN A 1 24  ? -10.470 -8.758  5.301   1.00 11.95 ? 442  GLN A C   1 
ATOM   124  O  O   . GLN A 1 24  ? -10.775 -9.613  4.451   1.00 11.50 ? 442  GLN A O   1 
ATOM   125  C  CB  . GLN A 1 24  ? -12.126 -8.506  7.184   1.00 16.40 ? 442  GLN A CB  1 
ATOM   126  C  CG  . GLN A 1 24  ? -13.243 -9.368  6.586   1.00 17.88 ? 442  GLN A CG  1 
ATOM   127  C  CD  . GLN A 1 24  ? -13.266 -10.852 6.804   0.50 17.75 ? 442  GLN A CD  1 
ATOM   128  O  OE1 . GLN A 1 24  ? -12.690 -11.500 7.696   0.50 15.29 ? 442  GLN A OE1 1 
ATOM   129  N  NE2 . GLN A 1 24  ? -13.991 -11.562 5.923   0.50 25.04 ? 442  GLN A NE2 1 
ATOM   130  N  N   . ALA A 1 25  ? -9.844  -7.617  4.974   1.00 10.13 ? 443  ALA A N   1 
ATOM   131  C  CA  . ALA A 1 25  ? -9.505  -7.373  3.578   1.00 9.42  ? 443  ALA A CA  1 
ATOM   132  C  C   . ALA A 1 25  ? -8.470  -8.391  3.107   1.00 11.02 ? 443  ALA A C   1 
ATOM   133  O  O   . ALA A 1 25  ? -8.518  -8.867  1.955   1.00 10.60 ? 443  ALA A O   1 
ATOM   134  C  CB  . ALA A 1 25  ? -9.032  -5.951  3.380   1.00 11.84 ? 443  ALA A CB  1 
ATOM   135  N  N   . LEU A 1 26  ? -7.495  -8.755  3.929   1.00 10.33 ? 444  LEU A N   1 
ATOM   136  C  CA  . LEU A 1 26  ? -6.544  -9.773  3.553   1.00 9.90  ? 444  LEU A CA  1 
ATOM   137  C  C   . LEU A 1 26  ? -7.214  -11.130 3.374   1.00 12.33 ? 444  LEU A C   1 
ATOM   138  O  O   . LEU A 1 26  ? -6.870  -11.841 2.426   1.00 11.59 ? 444  LEU A O   1 
ATOM   139  C  CB  . LEU A 1 26  ? -5.416  -9.868  4.592   1.00 11.89 ? 444  LEU A CB  1 
ATOM   140  C  CG  . LEU A 1 26  ? -4.550  -8.614  4.650   1.00 11.15 ? 444  LEU A CG  1 
ATOM   141  C  CD1 . LEU A 1 26  ? -3.514  -8.731  5.778   1.00 15.21 ? 444  LEU A CD1 1 
ATOM   142  C  CD2 . LEU A 1 26  ? -3.790  -8.376  3.355   1.00 14.25 ? 444  LEU A CD2 1 
ATOM   143  N  N   . VAL A 1 27  ? -8.192  -11.453 4.233   1.00 12.46 ? 445  VAL A N   1 
ATOM   144  C  CA  . VAL A 1 27  ? -8.917  -12.742 4.018   1.00 13.01 ? 445  VAL A CA  1 
ATOM   145  C  C   . VAL A 1 27  ? -9.540  -12.737 2.649   1.00 12.08 ? 445  VAL A C   1 
ATOM   146  O  O   . VAL A 1 27  ? -9.442  -13.737 1.928   1.00 13.27 ? 445  VAL A O   1 
ATOM   147  C  CB  . VAL A 1 27  ? -9.936  -12.978 5.141   1.00 15.56 ? 445  VAL A CB  1 
ATOM   148  C  CG1 . VAL A 1 27  ? -11.062 -13.937 4.781   1.00 17.52 ? 445  VAL A CG1 1 
ATOM   149  C  CG2 . VAL A 1 27  ? -9.191  -13.511 6.365   1.00 19.03 ? 445  VAL A CG2 1 
ATOM   150  N  N   . GLU A 1 28  ? -10.203 -11.650 2.301   1.00 10.31 ? 446  GLU A N   1 
ATOM   151  C  CA  . GLU A 1 28  ? -10.896 -11.612 1.010   1.00 12.48 ? 446  GLU A CA  1 
ATOM   152  C  C   . GLU A 1 28  ? -9.934  -11.602 -0.167  1.00 11.75 ? 446  GLU A C   1 
ATOM   153  O  O   . GLU A 1 28  ? -10.250 -12.081 -1.264  1.00 13.47 ? 446  GLU A O   1 
ATOM   154  C  CB  . GLU A 1 28  ? -11.848 -10.410 1.016   1.00 17.12 ? 446  GLU A CB  1 
ATOM   155  C  CG  . GLU A 1 28  ? -12.883 -10.708 2.133   1.00 21.75 ? 446  GLU A CG  1 
ATOM   156  C  CD  . GLU A 1 28  ? -13.872 -9.632  2.471   0.50 25.02 ? 446  GLU A CD  1 
ATOM   157  O  OE1 . GLU A 1 28  ? -13.883 -8.570  1.829   0.50 28.67 ? 446  GLU A OE1 1 
ATOM   158  O  OE2 . GLU A 1 28  ? -14.673 -9.852  3.418   0.50 19.81 ? 446  GLU A OE2 1 
ATOM   159  N  N   . ALA A 1 29  ? -8.723  -11.107 0.006   1.00 10.25 ? 447  ALA A N   1 
ATOM   160  C  CA  . ALA A 1 29  ? -7.782  -10.983 -1.096  1.00 10.98 ? 447  ALA A CA  1 
ATOM   161  C  C   . ALA A 1 29  ? -6.919  -12.226 -1.257  1.00 12.51 ? 447  ALA A C   1 
ATOM   162  O  O   . ALA A 1 29  ? -6.119  -12.257 -2.203  1.00 13.85 ? 447  ALA A O   1 
ATOM   163  C  CB  . ALA A 1 29  ? -6.839  -9.815  -0.834  1.00 13.08 ? 447  ALA A CB  1 
ATOM   164  N  N   . LYS A 1 30  ? -7.029  -13.172 -0.339  1.00 12.00 ? 448  LYS A N   1 
ATOM   165  C  CA  . LYS A 1 30  ? -6.205  -14.373 -0.348  1.00 12.62 ? 448  LYS A CA  1 
ATOM   166  C  C   . LYS A 1 30  ? -6.192  -15.003 -1.727  1.00 11.86 ? 448  LYS A C   1 
ATOM   167  O  O   . LYS A 1 30  ? -7.232  -15.259 -2.349  1.00 15.41 ? 448  LYS A O   1 
ATOM   168  C  CB  . LYS A 1 30  ? -6.789  -15.348 0.680   1.00 12.88 ? 448  LYS A CB  1 
ATOM   169  C  CG  . LYS A 1 30  ? -5.921  -16.619 0.757   1.00 17.31 ? 448  LYS A CG  1 
ATOM   170  C  CD  . LYS A 1 30  ? -5.016  -16.510 1.974   1.00 27.59 ? 448  LYS A CD  1 
ATOM   171  C  CE  . LYS A 1 30  ? -5.552  -15.358 2.831   0.50 35.68 ? 448  LYS A CE  1 
ATOM   172  N  NZ  . LYS A 1 30  ? -5.974  -15.862 4.166   0.50 43.13 ? 448  LYS A NZ  1 
ATOM   173  N  N   . GLY A 1 31  ? -4.980  -15.218 -2.238  1.00 12.83 ? 449  GLY A N   1 
ATOM   174  C  CA  . GLY A 1 31  ? -4.864  -15.692 -3.639  1.00 12.47 ? 449  GLY A CA  1 
ATOM   175  C  C   . GLY A 1 31  ? -4.372  -14.617 -4.589  1.00 18.52 ? 449  GLY A C   1 
ATOM   176  O  O   . GLY A 1 31  ? -3.950  -14.854 -5.735  1.00 17.46 ? 449  GLY A O   1 
ATOM   177  N  N   . LYS A 1 32  ? -4.349  -13.357 -4.155  1.00 14.20 ? 450  LYS A N   1 
ATOM   178  C  CA  . LYS A 1 32  ? -3.872  -12.236 -4.943  1.00 11.39 ? 450  LYS A CA  1 
ATOM   179  C  C   . LYS A 1 32  ? -2.937  -11.368 -4.121  1.00 11.72 ? 450  LYS A C   1 
ATOM   180  O  O   . LYS A 1 32  ? -3.186  -11.266 -2.896  1.00 13.06 ? 450  LYS A O   1 
ATOM   181  C  CB  . LYS A 1 32  ? -5.047  -11.319 -5.316  1.00 21.11 ? 450  LYS A CB  1 
ATOM   182  C  CG  A LYS A 1 32  ? -5.950  -11.815 -6.419  0.80 20.77 ? 450  LYS A CG  1 
ATOM   183  C  CG  B LYS A 1 32  ? -5.004  -10.741 -6.715  0.20 18.40 ? 450  LYS A CG  1 
ATOM   184  C  CD  A LYS A 1 32  ? -6.949  -10.763 -6.856  0.80 27.13 ? 450  LYS A CD  1 
ATOM   185  C  CD  B LYS A 1 32  ? -4.227  -11.635 -7.668  0.00 18.40 ? 450  LYS A CD  1 
ATOM   186  C  CE  A LYS A 1 32  ? -6.326  -9.638  -7.654  0.80 37.80 ? 450  LYS A CE  1 
ATOM   187  C  CE  B LYS A 1 32  ? -5.041  -12.855 -8.068  0.00 18.40 ? 450  LYS A CE  1 
ATOM   188  N  NZ  A LYS A 1 32  ? -7.319  -8.680  -8.223  0.80 32.34 ? 450  LYS A NZ  1 
ATOM   189  N  NZ  B LYS A 1 32  ? -4.826  -13.223 -9.495  0.00 18.39 ? 450  LYS A NZ  1 
ATOM   190  N  N   . PRO A 1 33  ? -1.929  -10.739 -4.701  1.00 9.06  ? 451  PRO A N   1 
ATOM   191  C  CA  . PRO A 1 33  ? -1.065  -9.875  -3.861  1.00 10.06 ? 451  PRO A CA  1 
ATOM   192  C  C   . PRO A 1 33  ? -1.793  -8.590  -3.475  1.00 8.81  ? 451  PRO A C   1 
ATOM   193  O  O   . PRO A 1 33  ? -2.740  -8.214  -4.165  1.00 9.05  ? 451  PRO A O   1 
ATOM   194  C  CB  . PRO A 1 33  ? 0.107   -9.577  -4.790  1.00 12.65 ? 451  PRO A CB  1 
ATOM   195  C  CG  . PRO A 1 33  ? -0.459  -9.673  -6.161  1.00 13.84 ? 451  PRO A CG  1 
ATOM   196  C  CD  . PRO A 1 33  ? -1.524  -10.752 -6.111  1.00 11.86 ? 451  PRO A CD  1 
ATOM   197  N  N   . VAL A 1 34  ? -1.298  -7.937  -2.445  1.00 8.57  ? 452  VAL A N   1 
ATOM   198  C  CA  . VAL A 1 34  ? -1.950  -6.750  -1.888  1.00 8.36  ? 452  VAL A CA  1 
ATOM   199  C  C   . VAL A 1 34  ? -0.907  -5.656  -1.721  1.00 10.26 ? 452  VAL A C   1 
ATOM   200  O  O   . VAL A 1 34  ? 0.252   -5.865  -1.344  1.00 10.61 ? 452  VAL A O   1 
ATOM   201  C  CB  . VAL A 1 34  ? -2.562  -7.075  -0.514  1.00 7.51  ? 452  VAL A CB  1 
ATOM   202  C  CG1 . VAL A 1 34  ? -3.209  -5.834  0.130   1.00 10.67 ? 452  VAL A CG1 1 
ATOM   203  C  CG2 . VAL A 1 34  ? -3.587  -8.191  -0.647  1.00 12.85 ? 452  VAL A CG2 1 
ATOM   204  N  N   . MET A 1 35  ? -1.348  -4.420  -1.952  1.00 8.70  ? 453  MET A N   1 
ATOM   205  C  CA  . MET A 1 35  ? -0.564  -3.224  -1.622  1.00 8.88  ? 453  MET A CA  1 
ATOM   206  C  C   . MET A 1 35  ? -1.386  -2.381  -0.634  1.00 9.15  ? 453  MET A C   1 
ATOM   207  O  O   . MET A 1 35  ? -2.537  -2.161  -0.968  1.00 9.96  ? 453  MET A O   1 
ATOM   208  C  CB  . MET A 1 35  ? -0.261  -2.410  -2.870  1.00 7.50  ? 453  MET A CB  1 
ATOM   209  C  CG  . MET A 1 35  ? 0.532   -1.142  -2.553  1.00 10.34 ? 453  MET A CG  1 
ATOM   210  S  SD  . MET A 1 35  ? 0.970   -0.167  -4.006  1.00 11.69 ? 453  MET A SD  1 
ATOM   211  C  CE  . MET A 1 35  ? -0.399  1.011   -3.976  1.00 15.43 ? 453  MET A CE  1 
ATOM   212  N  N   . LEU A 1 36  ? -0.808  -1.985  0.490   1.00 7.55  ? 454  LEU A N   1 
ATOM   213  C  CA  . LEU A 1 36  ? -1.516  -1.126  1.459   1.00 7.72  ? 454  LEU A CA  1 
ATOM   214  C  C   . LEU A 1 36  ? -0.797  0.230   1.514   1.00 7.54  ? 454  LEU A C   1 
ATOM   215  O  O   . LEU A 1 36  ? 0.356   0.292   1.916   1.00 9.13  ? 454  LEU A O   1 
ATOM   216  C  CB  . LEU A 1 36  ? -1.509  -1.769  2.831   1.00 8.57  ? 454  LEU A CB  1 
ATOM   217  C  CG  . LEU A 1 36  ? -2.016  -0.881  3.978   1.00 8.76  ? 454  LEU A CG  1 
ATOM   218  C  CD1 . LEU A 1 36  ? -3.470  -0.465  3.769   1.00 10.33 ? 454  LEU A CD1 1 
ATOM   219  C  CD2 . LEU A 1 36  ? -1.809  -1.600  5.295   1.00 11.43 ? 454  LEU A CD2 1 
ATOM   220  N  N   . ASP A 1 37  ? -1.489  1.244   1.046   1.00 7.73  ? 455  ASP A N   1 
ATOM   221  C  CA  . ASP A 1 37  ? -0.926  2.604   1.120   1.00 9.10  ? 455  ASP A CA  1 
ATOM   222  C  C   . ASP A 1 37  ? -1.377  3.277   2.400   1.00 9.21  ? 455  ASP A C   1 
ATOM   223  O  O   . ASP A 1 37  ? -2.578  3.318   2.702   1.00 9.96  ? 455  ASP A O   1 
ATOM   224  C  CB  . ASP A 1 37  ? -1.458  3.387   -0.077  1.00 10.60 ? 455  ASP A CB  1 
ATOM   225  C  CG  . ASP A 1 37  ? -0.915  4.792   -0.153  0.80 9.45  ? 455  ASP A CG  1 
ATOM   226  O  OD1 . ASP A 1 37  ? 0.333   4.888   -0.243  0.80 13.00 ? 455  ASP A OD1 1 
ATOM   227  O  OD2 . ASP A 1 37  ? -1.688  5.779   -0.123  0.80 9.86  ? 455  ASP A OD2 1 
ATOM   228  N  N   . LEU A 1 38  ? -0.455  3.825   3.195   1.00 9.46  ? 456  LEU A N   1 
ATOM   229  C  CA  . LEU A 1 38  ? -0.827  4.635   4.348   1.00 9.43  ? 456  LEU A CA  1 
ATOM   230  C  C   . LEU A 1 38  ? -0.742  6.100   3.971   1.00 10.25 ? 456  LEU A C   1 
ATOM   231  O  O   . LEU A 1 38  ? 0.350   6.556   3.525   1.00 15.32 ? 456  LEU A O   1 
ATOM   232  C  CB  . LEU A 1 38  ? 0.090   4.312   5.527   1.00 12.54 ? 456  LEU A CB  1 
ATOM   233  C  CG  . LEU A 1 38  ? 0.052   2.904   6.106   1.00 15.04 ? 456  LEU A CG  1 
ATOM   234  C  CD1 A LEU A 1 38  ? -1.376  2.342   6.106   0.70 13.93 ? 456  LEU A CD1 1 
ATOM   235  C  CD1 B LEU A 1 38  ? 1.281   2.745   6.967   0.30 10.81 ? 456  LEU A CD1 1 
ATOM   236  C  CD2 A LEU A 1 38  ? 0.953   1.894   5.415   0.70 19.41 ? 456  LEU A CD2 1 
ATOM   237  C  CD2 B LEU A 1 38  ? -1.216  2.645   6.916   0.30 11.74 ? 456  LEU A CD2 1 
ATOM   238  N  N   . TYR A 1 39  ? -1.807  6.821   4.089   1.00 8.62  ? 457  TYR A N   1 
ATOM   239  C  CA  . TYR A 1 39  ? -2.068  8.134   3.500   1.00 9.16  ? 457  TYR A CA  1 
ATOM   240  C  C   . TYR A 1 39  ? -2.422  9.146   4.585   1.00 8.93  ? 457  TYR A C   1 
ATOM   241  O  O   . TYR A 1 39  ? -3.192  8.866   5.507   1.00 9.29  ? 457  TYR A O   1 
ATOM   242  C  CB  . TYR A 1 39  ? -3.194  8.030   2.432   1.00 11.97 ? 457  TYR A CB  1 
ATOM   243  C  CG  . TYR A 1 39  ? -3.615  9.372   1.900   1.00 8.90  ? 457  TYR A CG  1 
ATOM   244  C  CD1 . TYR A 1 39  ? -2.994  9.957   0.820   1.00 11.90 ? 457  TYR A CD1 1 
ATOM   245  C  CD2 . TYR A 1 39  ? -4.660  10.106  2.473   1.00 14.44 ? 457  TYR A CD2 1 
ATOM   246  C  CE1 . TYR A 1 39  ? -3.424  11.210  0.379   1.00 15.43 ? 457  TYR A CE1 1 
ATOM   247  C  CE2 . TYR A 1 39  ? -5.104  11.337  2.105   1.00 12.68 ? 457  TYR A CE2 1 
ATOM   248  C  CZ  . TYR A 1 39  ? -4.456  11.864  1.020   1.00 13.24 ? 457  TYR A CZ  1 
ATOM   249  O  OH  . TYR A 1 39  ? -4.880  13.117  0.597   1.00 18.50 ? 457  TYR A OH  1 
ATOM   250  N  N   . ALA A 1 40  ? -1.973  10.391  4.408   1.00 8.21  ? 458  ALA A N   1 
ATOM   251  C  CA  . ALA A 1 40  ? -2.542  11.518  5.130   1.00 8.99  ? 458  ALA A CA  1 
ATOM   252  C  C   . ALA A 1 40  ? -2.552  12.759  4.246   1.00 9.27  ? 458  ALA A C   1 
ATOM   253  O  O   . ALA A 1 40  ? -1.655  12.971  3.429   1.00 9.73  ? 458  ALA A O   1 
ATOM   254  C  CB  . ALA A 1 40  ? -1.757  11.848  6.392   1.00 10.40 ? 458  ALA A CB  1 
ATOM   255  N  N   . ASP A 1 41  ? -3.585  13.583  4.416   1.00 9.42  ? 459  ASP A N   1 
ATOM   256  C  CA  . ASP A 1 41  ? -3.773  14.754  3.602   1.00 10.48 ? 459  ASP A CA  1 
ATOM   257  C  C   . ASP A 1 41  ? -2.639  15.757  3.781   1.00 11.75 ? 459  ASP A C   1 
ATOM   258  O  O   . ASP A 1 41  ? -2.326  16.489  2.823   1.00 12.19 ? 459  ASP A O   1 
ATOM   259  C  CB  . ASP A 1 41  ? -5.068  15.481  4.004   1.00 9.04  ? 459  ASP A CB  1 
ATOM   260  C  CG  . ASP A 1 41  ? -6.347  14.838  3.594   1.00 14.26 ? 459  ASP A CG  1 
ATOM   261  O  OD1 . ASP A 1 41  ? -6.373  14.097  2.592   1.00 16.35 ? 459  ASP A OD1 1 
ATOM   262  O  OD2 . ASP A 1 41  ? -7.411  15.043  4.233   1.00 16.06 ? 459  ASP A OD2 1 
ATOM   263  N  N   . TRP A 1 42  ? -2.043  15.768  4.963   1.00 9.63  ? 460  TRP A N   1 
ATOM   264  C  CA  . TRP A 1 42  ? -0.993  16.732  5.285   1.00 11.61 ? 460  TRP A CA  1 
ATOM   265  C  C   . TRP A 1 42  ? 0.370   16.201  4.933   1.00 13.30 ? 460  TRP A C   1 
ATOM   266  O  O   . TRP A 1 42  ? 1.360   16.946  5.061   1.00 14.38 ? 460  TRP A O   1 
ATOM   267  C  CB  . TRP A 1 42  ? -1.100  17.144  6.771   1.00 14.26 ? 460  TRP A CB  1 
ATOM   268  C  CG  . TRP A 1 42  ? -1.362  15.988  7.685   1.00 11.96 ? 460  TRP A CG  1 
ATOM   269  C  CD1 . TRP A 1 42  ? -2.588  15.716  8.231   1.00 13.79 ? 460  TRP A CD1 1 
ATOM   270  C  CD2 . TRP A 1 42  ? -0.441  15.006  8.142   1.00 11.10 ? 460  TRP A CD2 1 
ATOM   271  N  NE1 . TRP A 1 42  ? -2.438  14.587  9.010   1.00 16.73 ? 460  TRP A NE1 1 
ATOM   272  C  CE2 . TRP A 1 42  ? -1.169  14.132  8.977   1.00 13.12 ? 460  TRP A CE2 1 
ATOM   273  C  CE3 . TRP A 1 42  ? 0.904   14.739  7.943   1.00 16.65 ? 460  TRP A CE3 1 
ATOM   274  C  CZ2 . TRP A 1 42  ? -0.580  13.036  9.602   1.00 18.97 ? 460  TRP A CZ2 1 
ATOM   275  C  CZ3 . TRP A 1 42  ? 1.499   13.656  8.561   1.00 22.03 ? 460  TRP A CZ3 1 
ATOM   276  C  CH2 . TRP A 1 42  ? 0.753   12.810  9.387   1.00 26.21 ? 460  TRP A CH2 1 
ATOM   277  N  N   . CYS A 1 43  ? 0.513   14.949  4.467   1.00 11.31 ? 461  CYS A N   1 
ATOM   278  C  CA  . CYS A 1 43  ? 1.858   14.457  4.157   1.00 9.37  ? 461  CYS A CA  1 
ATOM   279  C  C   . CYS A 1 43  ? 2.202   14.791  2.719   1.00 9.62  ? 461  CYS A C   1 
ATOM   280  O  O   . CYS A 1 43  ? 1.597   14.277  1.762   1.00 9.59  ? 461  CYS A O   1 
ATOM   281  C  CB  . CYS A 1 43  ? 1.873   12.949  4.394   1.00 10.32 ? 461  CYS A CB  1 
ATOM   282  S  SG  . CYS A 1 43  ? 3.485   12.223  3.965   1.00 14.16 ? 461  CYS A SG  1 
ATOM   283  N  N   . VAL A 1 44  ? 3.160   15.695  2.538   1.00 8.47  ? 462  VAL A N   1 
ATOM   284  C  CA  . VAL A 1 44  ? 3.502   16.129  1.184   1.00 8.79  ? 462  VAL A CA  1 
ATOM   285  C  C   . VAL A 1 44  ? 3.946   14.970  0.328   1.00 8.73  ? 462  VAL A C   1 
ATOM   286  O  O   . VAL A 1 44  ? 3.513   14.897  -0.856  1.00 8.87  ? 462  VAL A O   1 
ATOM   287  C  CB  . VAL A 1 44  ? 4.587   17.235  1.249   1.00 10.88 ? 462  VAL A CB  1 
ATOM   288  C  CG1 . VAL A 1 44  ? 5.109   17.561  -0.159  1.00 10.56 ? 462  VAL A CG1 1 
ATOM   289  C  CG2 . VAL A 1 44  ? 4.053   18.505  1.893   1.00 11.47 ? 462  VAL A CG2 1 
ATOM   290  N  N   . ALA A 1 45  ? 4.727   14.010  0.830   1.00 8.65  ? 463  ALA A N   1 
ATOM   291  C  CA  . ALA A 1 45  ? 5.147   12.905  -0.036  1.00 8.77  ? 463  ALA A CA  1 
ATOM   292  C  C   . ALA A 1 45  ? 3.963   12.049  -0.468  1.00 9.61  ? 463  ALA A C   1 
ATOM   293  O  O   . ALA A 1 45  ? 4.020   11.458  -1.544  1.00 9.56  ? 463  ALA A O   1 
ATOM   294  C  CB  . ALA A 1 45  ? 6.176   12.025  0.657   1.00 11.64 ? 463  ALA A CB  1 
ATOM   295  N  N   . CYS A 1 46  ? 2.883   11.941  0.329   1.00 10.20 ? 464  CYS A N   1 
ATOM   296  C  CA  . CYS A 1 46  ? 1.698   11.207  -0.169  1.00 9.13  ? 464  CYS A CA  1 
ATOM   297  C  C   . CYS A 1 46  ? 1.082   11.908  -1.363  1.00 10.96 ? 464  CYS A C   1 
ATOM   298  O  O   . CYS A 1 46  ? 0.663   11.297  -2.365  1.00 10.48 ? 464  CYS A O   1 
ATOM   299  C  CB  . CYS A 1 46  ? 0.667   11.114  0.950   1.00 10.57 ? 464  CYS A CB  1 
ATOM   300  S  SG  . CYS A 1 46  ? 1.109   10.067  2.346   1.00 14.61 ? 464  CYS A SG  1 
ATOM   301  N  N   . LYS A 1 47  ? 1.045   13.250  -1.285  1.00 9.49  ? 465  LYS A N   1 
ATOM   302  C  CA  . LYS A 1 47  ? 0.496   13.976  -2.410  1.00 9.76  ? 465  LYS A CA  1 
ATOM   303  C  C   . LYS A 1 47  ? 1.408   13.883  -3.614  1.00 10.90 ? 465  LYS A C   1 
ATOM   304  O  O   . LYS A 1 47  ? 0.967   13.839  -4.769  1.00 11.22 ? 465  LYS A O   1 
ATOM   305  C  CB  . LYS A 1 47  ? 0.265   15.460  -2.020  1.00 11.66 ? 465  LYS A CB  1 
ATOM   306  C  CG  A LYS A 1 47  ? -0.624  15.630  -0.793  0.70 17.29 ? 465  LYS A CG  1 
ATOM   307  C  CG  B LYS A 1 47  ? -0.938  15.632  -1.111  0.30 16.55 ? 465  LYS A CG  1 
ATOM   308  C  CD  A LYS A 1 47  ? -1.797  14.676  -0.704  0.70 23.60 ? 465  LYS A CD  1 
ATOM   309  C  CD  B LYS A 1 47  ? -2.273  15.529  -1.844  0.30 16.08 ? 465  LYS A CD  1 
ATOM   310  C  CE  A LYS A 1 47  ? -3.152  15.353  -0.634  0.70 26.16 ? 465  LYS A CE  1 
ATOM   311  C  CE  B LYS A 1 47  ? -3.401  15.828  -0.855  0.30 23.90 ? 465  LYS A CE  1 
ATOM   312  N  NZ  A LYS A 1 47  ? -4.102  14.880  -1.686  0.70 28.62 ? 465  LYS A NZ  1 
ATOM   313  N  NZ  B LYS A 1 47  ? -2.829  16.445  0.382   0.30 21.13 ? 465  LYS A NZ  1 
ATOM   314  N  N   . GLU A 1 48  ? 2.720   13.831  -3.381  1.00 9.77  ? 466  GLU A N   1 
ATOM   315  C  CA  . GLU A 1 48  ? 3.661   13.640  -4.498  1.00 9.79  ? 466  GLU A CA  1 
ATOM   316  C  C   . GLU A 1 48  ? 3.500   12.254  -5.108  1.00 8.60  ? 466  GLU A C   1 
ATOM   317  O  O   . GLU A 1 48  ? 3.586   12.109  -6.322  1.00 9.77  ? 466  GLU A O   1 
ATOM   318  C  CB  . GLU A 1 48  ? 5.110   13.834  -4.047  1.00 11.40 ? 466  GLU A CB  1 
ATOM   319  C  CG  . GLU A 1 48  ? 5.361   15.273  -3.596  1.00 11.54 ? 466  GLU A CG  1 
ATOM   320  C  CD  . GLU A 1 48  ? 6.724   15.440  -2.958  1.00 16.18 ? 466  GLU A CD  1 
ATOM   321  O  OE1 . GLU A 1 48  ? 7.241   14.552  -2.305  1.00 13.13 ? 466  GLU A OE1 1 
ATOM   322  O  OE2 . GLU A 1 48  ? 7.322   16.533  -3.142  1.00 19.77 ? 466  GLU A OE2 1 
ATOM   323  N  N   . PHE A 1 49  ? 3.251   11.191  -4.339  1.00 9.09  ? 467  PHE A N   1 
ATOM   324  C  CA  . PHE A 1 49  ? 2.919   9.899   -4.939  1.00 9.72  ? 467  PHE A CA  1 
ATOM   325  C  C   . PHE A 1 49  ? 1.710   10.022  -5.852  1.00 8.50  ? 467  PHE A C   1 
ATOM   326  O  O   . PHE A 1 49  ? 1.695   9.464   -6.954  1.00 10.26 ? 467  PHE A O   1 
ATOM   327  C  CB  . PHE A 1 49  ? 2.610   8.847   -3.846  1.00 9.80  ? 467  PHE A CB  1 
ATOM   328  C  CG  . PHE A 1 49  ? 3.835   8.018   -3.472  1.00 8.42  ? 467  PHE A CG  1 
ATOM   329  C  CD1 . PHE A 1 49  ? 4.307   7.041   -4.336  1.00 12.40 ? 467  PHE A CD1 1 
ATOM   330  C  CD2 . PHE A 1 49  ? 4.471   8.246   -2.267  1.00 12.53 ? 467  PHE A CD2 1 
ATOM   331  C  CE1 . PHE A 1 49  ? 5.425   6.292   -3.976  1.00 12.34 ? 467  PHE A CE1 1 
ATOM   332  C  CE2 . PHE A 1 49  ? 5.591   7.520   -1.915  1.00 12.66 ? 467  PHE A CE2 1 
ATOM   333  C  CZ  . PHE A 1 49  ? 6.065   6.563   -2.793  1.00 12.52 ? 467  PHE A CZ  1 
ATOM   334  N  N   . GLU A 1 50  ? 0.670   10.718  -5.382  1.00 8.81  ? 468  GLU A N   1 
ATOM   335  C  CA  . GLU A 1 50  ? -0.493  10.870  -6.238  1.00 10.15 ? 468  GLU A CA  1 
ATOM   336  C  C   . GLU A 1 50  ? -0.244  11.666  -7.510  1.00 12.91 ? 468  GLU A C   1 
ATOM   337  O  O   . GLU A 1 50  ? -0.724  11.329  -8.586  1.00 14.31 ? 468  GLU A O   1 
ATOM   338  C  CB  . GLU A 1 50  ? -1.577  11.619  -5.456  1.00 15.11 ? 468  GLU A CB  1 
ATOM   339  C  CG  . GLU A 1 50  ? -2.254  10.755  -4.418  1.00 19.64 ? 468  GLU A CG  1 
ATOM   340  C  CD  . GLU A 1 50  ? -3.301  11.553  -3.653  1.00 35.57 ? 468  GLU A CD  1 
ATOM   341  O  OE1 . GLU A 1 50  ? -3.268  12.806  -3.719  1.00 31.73 ? 468  GLU A OE1 1 
ATOM   342  O  OE2 . GLU A 1 50  ? -4.153  10.898  -3.010  1.00 46.94 ? 468  GLU A OE2 1 
ATOM   343  N  N   . LYS A 1 51  ? 0.569   12.727  -7.399  1.00 10.80 ? 469  LYS A N   1 
ATOM   344  C  CA  . LYS A 1 51  ? 0.839   13.558  -8.555  1.00 10.67 ? 469  LYS A CA  1 
ATOM   345  C  C   . LYS A 1 51  ? 1.734   12.905  -9.568  1.00 12.74 ? 469  LYS A C   1 
ATOM   346  O  O   . LYS A 1 51  ? 1.510   13.027  -10.788 1.00 15.40 ? 469  LYS A O   1 
ATOM   347  C  CB  . LYS A 1 51  ? 1.472   14.872  -8.059  1.00 13.26 ? 469  LYS A CB  1 
ATOM   348  C  CG  . LYS A 1 51  ? 1.739   15.861  -9.194  1.00 16.00 ? 469  LYS A CG  1 
ATOM   349  C  CD  . LYS A 1 51  ? 2.165   17.205  -8.549  1.00 18.92 ? 469  LYS A CD  1 
ATOM   350  C  CE  . LYS A 1 51  ? 2.839   18.085  -9.615  1.00 25.94 ? 469  LYS A CE  1 
ATOM   351  N  NZ  A LYS A 1 51  ? 1.827   18.643  -10.568 0.50 24.23 ? 469  LYS A NZ  1 
ATOM   352  N  NZ  B LYS A 1 51  ? 2.641   19.527  -9.312  0.50 31.55 ? 469  LYS A NZ  1 
ATOM   353  N  N   . TYR A 1 52  ? 2.821   12.240  -9.159  1.00 9.70  ? 470  TYR A N   1 
ATOM   354  C  CA  . TYR A 1 52  ? 3.872   11.841  -10.060 1.00 10.74 ? 470  TYR A CA  1 
ATOM   355  C  C   . TYR A 1 52  ? 3.943   10.352  -10.340 1.00 11.72 ? 470  TYR A C   1 
ATOM   356  O  O   . TYR A 1 52  ? 4.497   9.920   -11.370 1.00 13.99 ? 470  TYR A O   1 
ATOM   357  C  CB  . TYR A 1 52  ? 5.250   12.204  -9.488  1.00 12.73 ? 470  TYR A CB  1 
ATOM   358  C  CG  . TYR A 1 52  ? 5.462   13.689  -9.296  1.00 9.90  ? 470  TYR A CG  1 
ATOM   359  C  CD1 . TYR A 1 52  ? 5.549   14.516  -10.418 1.00 18.07 ? 470  TYR A CD1 1 
ATOM   360  C  CD2 . TYR A 1 52  ? 5.600   14.258  -8.040  1.00 13.30 ? 470  TYR A CD2 1 
ATOM   361  C  CE1 . TYR A 1 52  ? 5.751   15.888  -10.237 1.00 23.16 ? 470  TYR A CE1 1 
ATOM   362  C  CE2 . TYR A 1 52  ? 5.802   15.612  -7.848  1.00 15.97 ? 470  TYR A CE2 1 
ATOM   363  C  CZ  . TYR A 1 52  ? 5.880   16.416  -8.973  1.00 22.66 ? 470  TYR A CZ  1 
ATOM   364  O  OH  . TYR A 1 52  ? 6.079   17.774  -8.777  1.00 21.62 ? 470  TYR A OH  1 
ATOM   365  N  N   . THR A 1 53  ? 3.405   9.564   -9.411  1.00 9.51  ? 471  THR A N   1 
ATOM   366  C  CA  . THR A 1 53  ? 3.682   8.103   -9.470  1.00 10.06 ? 471  THR A CA  1 
ATOM   367  C  C   . THR A 1 53  ? 2.432   7.289   -9.700  1.00 9.75  ? 471  THR A C   1 
ATOM   368  O  O   . THR A 1 53  ? 2.357   6.529   -10.662 1.00 10.81 ? 471  THR A O   1 
ATOM   369  C  CB  . THR A 1 53  ? 4.423   7.679   -8.186  1.00 9.99  ? 471  THR A CB  1 
ATOM   370  O  OG1 . THR A 1 53  ? 5.608   8.477   -8.131  1.00 12.22 ? 471  THR A OG1 1 
ATOM   371  C  CG2 . THR A 1 53  ? 4.803   6.205   -8.262  1.00 10.64 ? 471  THR A CG2 1 
ATOM   372  N  N   . PHE A 1 54  ? 1.451   7.432   -8.834  1.00 9.39  ? 472  PHE A N   1 
ATOM   373  C  CA  . PHE A 1 54  ? 0.193   6.674   -8.981  1.00 10.46 ? 472  PHE A CA  1 
ATOM   374  C  C   . PHE A 1 54  ? -0.598  7.162   -10.189 1.00 10.76 ? 472  PHE A C   1 
ATOM   375  O  O   . PHE A 1 54  ? -1.505  6.460   -10.642 1.00 12.15 ? 472  PHE A O   1 
ATOM   376  C  CB  . PHE A 1 54  ? -0.613  6.856   -7.710  1.00 9.98  ? 472  PHE A CB  1 
ATOM   377  C  CG  . PHE A 1 54  ? -0.038  6.229   -6.471  1.00 8.79  ? 472  PHE A CG  1 
ATOM   378  C  CD1 . PHE A 1 54  ? 0.935   5.266   -6.475  1.00 10.23 ? 472  PHE A CD1 1 
ATOM   379  C  CD2 . PHE A 1 54  ? -0.540  6.617   -5.235  1.00 11.29 ? 472  PHE A CD2 1 
ATOM   380  C  CE1 . PHE A 1 54  ? 1.419   4.678   -5.307  1.00 13.57 ? 472  PHE A CE1 1 
ATOM   381  C  CE2 . PHE A 1 54  ? -0.078  6.069   -4.050  1.00 12.04 ? 472  PHE A CE2 1 
ATOM   382  C  CZ  . PHE A 1 54  ? 0.884   5.078   -4.095  1.00 12.43 ? 472  PHE A CZ  1 
ATOM   383  N  N   . SER A 1 55  ? -0.265  8.317   -10.718 1.00 10.13 ? 473  SER A N   1 
ATOM   384  C  CA  . SER A 1 55  ? -0.883  8.906   -11.891 1.00 10.96 ? 473  SER A CA  1 
ATOM   385  C  C   . SER A 1 55  ? -0.223  8.403   -13.166 1.00 12.85 ? 473  SER A C   1 
ATOM   386  O  O   . SER A 1 55  ? -0.709  8.700   -14.283 1.00 13.10 ? 473  SER A O   1 
ATOM   387  C  CB  . SER A 1 55  ? -0.765  10.454  -11.821 1.00 15.31 ? 473  SER A CB  1 
ATOM   388  O  OG  . SER A 1 55  ? 0.647   10.710  -11.797 1.00 16.07 ? 473  SER A OG  1 
ATOM   389  N  N   . ASP A 1 56  ? 0.891   7.684   -13.091 1.00 10.84 ? 474  ASP A N   1 
ATOM   390  C  CA  . ASP A 1 56  ? 1.574   7.281   -14.305 1.00 9.46  ? 474  ASP A CA  1 
ATOM   391  C  C   . ASP A 1 56  ? 1.038   5.963   -14.859 1.00 9.71  ? 474  ASP A C   1 
ATOM   392  O  O   . ASP A 1 56  ? 0.972   4.977   -14.094 1.00 10.20 ? 474  ASP A O   1 
ATOM   393  C  CB  . ASP A 1 56  ? 3.050   7.105   -14.006 1.00 11.56 ? 474  ASP A CB  1 
ATOM   394  C  CG  . ASP A 1 56  ? 3.905   7.005   -15.253 1.00 15.07 ? 474  ASP A CG  1 
ATOM   395  O  OD1 . ASP A 1 56  ? 3.582   6.171   -16.130 1.00 17.59 ? 474  ASP A OD1 1 
ATOM   396  O  OD2 . ASP A 1 56  ? 4.918   7.681   -15.389 1.00 15.96 ? 474  ASP A OD2 1 
ATOM   397  N  N   . PRO A 1 57  ? 0.622   5.909   -16.114 1.00 10.64 ? 475  PRO A N   1 
ATOM   398  C  CA  . PRO A 1 57  ? 0.051   4.667   -16.648 1.00 10.81 ? 475  PRO A CA  1 
ATOM   399  C  C   . PRO A 1 57  ? 0.922   3.437   -16.448 1.00 10.08 ? 475  PRO A C   1 
ATOM   400  O  O   . PRO A 1 57  ? 0.358   2.332   -16.242 1.00 10.69 ? 475  PRO A O   1 
ATOM   401  C  CB  . PRO A 1 57  ? -0.072  5.008   -18.144 1.00 13.07 ? 475  PRO A CB  1 
ATOM   402  C  CG  . PRO A 1 57  ? -0.294  6.490   -18.167 1.00 13.93 ? 475  PRO A CG  1 
ATOM   403  C  CD  . PRO A 1 57  ? 0.614   7.021   -17.085 1.00 9.90  ? 475  PRO A CD  1 
ATOM   404  N  N   . GLN A 1 58  ? 2.236   3.516   -16.480 1.00 9.98  ? 476  GLN A N   1 
ATOM   405  C  CA  . GLN A 1 58  ? 3.074   2.356   -16.261 1.00 10.00 ? 476  GLN A CA  1 
ATOM   406  C  C   . GLN A 1 58  ? 2.772   1.749   -14.901 1.00 8.89  ? 476  GLN A C   1 
ATOM   407  O  O   . GLN A 1 58  ? 2.647   0.527   -14.797 1.00 10.19 ? 476  GLN A O   1 
ATOM   408  C  CB  . GLN A 1 58  ? 4.565   2.746   -16.333 1.00 12.35 ? 476  GLN A CB  1 
ATOM   409  C  CG  . GLN A 1 58  ? 5.468   1.642   -15.874 1.00 16.83 ? 476  GLN A CG  1 
ATOM   410  C  CD  . GLN A 1 58  ? 6.956   1.844   -16.008 1.00 20.19 ? 476  GLN A CD  1 
ATOM   411  O  OE1 . GLN A 1 58  ? 7.489   2.954   -16.108 1.00 17.42 ? 476  GLN A OE1 1 
ATOM   412  N  NE2 . GLN A 1 58  ? 7.654   0.704   -15.933 1.00 19.18 ? 476  GLN A NE2 1 
ATOM   413  N  N   . VAL A 1 59  ? 2.687   2.581   -13.878 1.00 8.87  ? 477  VAL A N   1 
ATOM   414  C  CA  . VAL A 1 59  ? 2.394   2.089   -12.529 1.00 9.23  ? 477  VAL A CA  1 
ATOM   415  C  C   . VAL A 1 59  ? 0.956   1.589   -12.449 1.00 9.07  ? 477  VAL A C   1 
ATOM   416  O  O   . VAL A 1 59  ? 0.709   0.538   -11.811 1.00 9.88  ? 477  VAL A O   1 
ATOM   417  C  CB  . VAL A 1 59  ? 2.635   3.245   -11.531 1.00 8.68  ? 477  VAL A CB  1 
ATOM   418  C  CG1 . VAL A 1 59  ? 2.084   2.939   -10.132 1.00 10.87 ? 477  VAL A CG1 1 
ATOM   419  C  CG2 . VAL A 1 59  ? 4.134   3.529   -11.506 1.00 12.02 ? 477  VAL A CG2 1 
ATOM   420  N  N   . GLN A 1 60  ? 0.023   2.320   -13.037 1.00 9.35  ? 478  GLN A N   1 
ATOM   421  C  CA  . GLN A 1 60  ? -1.366  1.872   -12.943 1.00 9.83  ? 478  GLN A CA  1 
ATOM   422  C  C   . GLN A 1 60  ? -1.535  0.496   -13.559 1.00 10.12 ? 478  GLN A C   1 
ATOM   423  O  O   . GLN A 1 60  ? -2.265  -0.326  -13.000 1.00 11.75 ? 478  GLN A O   1 
ATOM   424  C  CB  . GLN A 1 60  ? -2.237  2.866   -13.713 1.00 11.10 ? 478  GLN A CB  1 
ATOM   425  C  CG  . GLN A 1 60  ? -2.159  4.238   -13.025 1.00 11.21 ? 478  GLN A CG  1 
ATOM   426  C  CD  . GLN A 1 60  ? -2.911  5.319   -13.765 1.00 18.38 ? 478  GLN A CD  1 
ATOM   427  O  OE1 . GLN A 1 60  ? -3.136  5.190   -14.986 1.00 18.32 ? 478  GLN A OE1 1 
ATOM   428  N  NE2 . GLN A 1 60  ? -3.250  6.361   -12.999 1.00 17.48 ? 478  GLN A NE2 1 
ATOM   429  N  N   . LYS A 1 61  ? -0.903  0.251   -14.695 1.00 8.92  ? 479  LYS A N   1 
ATOM   430  C  CA  . LYS A 1 61  ? -1.037  -1.050  -15.361 1.00 9.28  ? 479  LYS A CA  1 
ATOM   431  C  C   . LYS A 1 61  ? -0.290  -2.095  -14.567 1.00 10.08 ? 479  LYS A C   1 
ATOM   432  O  O   . LYS A 1 61  ? -0.760  -3.248  -14.457 1.00 10.25 ? 479  LYS A O   1 
ATOM   433  C  CB  . LYS A 1 61  ? -0.522  -0.930  -16.799 1.00 11.05 ? 479  LYS A CB  1 
ATOM   434  C  CG  . LYS A 1 61  ? -1.489  -0.100  -17.651 1.00 13.79 ? 479  LYS A CG  1 
ATOM   435  C  CD  . LYS A 1 61  ? -1.002  -0.068  -19.095 1.00 20.70 ? 479  LYS A CD  1 
ATOM   436  C  CE  . LYS A 1 61  ? -1.894  0.811   -19.963 1.00 25.12 ? 479  LYS A CE  1 
ATOM   437  N  NZ  . LYS A 1 61  ? -1.201  2.087   -20.321 1.00 36.75 ? 479  LYS A NZ  1 
ATOM   438  N  N   . ALA A 1 62  ? 0.868   -1.777  -13.978 1.00 8.67  ? 480  ALA A N   1 
ATOM   439  C  CA  . ALA A 1 62  ? 1.664   -2.704  -13.179 1.00 10.20 ? 480  ALA A CA  1 
ATOM   440  C  C   . ALA A 1 62  ? 0.879   -3.164  -11.949 1.00 12.20 ? 480  ALA A C   1 
ATOM   441  O  O   . ALA A 1 62  ? 1.164   -4.272  -11.452 1.00 14.49 ? 480  ALA A O   1 
ATOM   442  C  CB  . ALA A 1 62  ? 2.988   -2.094  -12.760 1.00 10.75 ? 480  ALA A CB  1 
ATOM   443  N  N   . LEU A 1 63  ? -0.043  -2.354  -11.487 1.00 9.30  ? 481  LEU A N   1 
ATOM   444  C  CA  . LEU A 1 63  ? -0.806  -2.679  -10.279 1.00 11.37 ? 481  LEU A CA  1 
ATOM   445  C  C   . LEU A 1 63  ? -2.159  -3.286  -10.579 1.00 14.63 ? 481  LEU A C   1 
ATOM   446  O  O   . LEU A 1 63  ? -2.944  -3.539  -9.660  1.00 14.57 ? 481  LEU A O   1 
ATOM   447  C  CB  . LEU A 1 63  ? -1.037  -1.407  -9.454  1.00 10.32 ? 481  LEU A CB  1 
ATOM   448  C  CG  . LEU A 1 63  ? 0.226   -0.910  -8.716  1.00 10.43 ? 481  LEU A CG  1 
ATOM   449  C  CD1 . LEU A 1 63  ? -0.095  0.436   -8.098  1.00 12.17 ? 481  LEU A CD1 1 
ATOM   450  C  CD2 . LEU A 1 63  ? 0.737   -1.897  -7.683  1.00 11.08 ? 481  LEU A CD2 1 
ATOM   451  N  N   . ALA A 1 64  ? -2.501  -3.481  -11.840 1.00 14.34 ? 482  ALA A N   1 
ATOM   452  C  CA  . ALA A 1 64  ? -3.857  -3.901  -12.198 1.00 13.59 ? 482  ALA A CA  1 
ATOM   453  C  C   . ALA A 1 64  ? -4.241  -5.225  -11.571 1.00 17.60 ? 482  ALA A C   1 
ATOM   454  O  O   . ALA A 1 64  ? -5.450  -5.431  -11.308 1.00 19.71 ? 482  ALA A O   1 
ATOM   455  C  CB  . ALA A 1 64  ? -3.944  -3.991  -13.718 1.00 18.60 ? 482  ALA A CB  1 
ATOM   456  N  N   . ASP A 1 65  ? -3.275  -6.090  -11.307 1.00 13.82 ? 483  ASP A N   1 
ATOM   457  C  CA  . ASP A 1 65  ? -3.665  -7.379  -10.729 1.00 14.64 ? 483  ASP A CA  1 
ATOM   458  C  C   . ASP A 1 65  ? -3.347  -7.504  -9.256  1.00 14.42 ? 483  ASP A C   1 
ATOM   459  O  O   . ASP A 1 65  ? -3.249  -8.595  -8.700  1.00 16.68 ? 483  ASP A O   1 
ATOM   460  C  CB  . ASP A 1 65  ? -2.975  -8.476  -11.561 1.00 22.59 ? 483  ASP A CB  1 
ATOM   461  C  CG  . ASP A 1 65  ? -1.465  -8.428  -11.494 0.50 30.28 ? 483  ASP A CG  1 
ATOM   462  O  OD1 . ASP A 1 65  ? -0.838  -7.762  -12.355 0.50 49.12 ? 483  ASP A OD1 1 
ATOM   463  O  OD2 . ASP A 1 65  ? -0.866  -9.055  -10.597 0.50 42.01 ? 483  ASP A OD2 1 
ATOM   464  N  N   . THR A 1 66  ? -3.134  -6.395  -8.569  1.00 11.54 ? 484  THR A N   1 
ATOM   465  C  CA  . THR A 1 66  ? -2.868  -6.312  -7.145  1.00 10.96 ? 484  THR A CA  1 
ATOM   466  C  C   . THR A 1 66  ? -4.108  -5.720  -6.470  1.00 8.95  ? 484  THR A C   1 
ATOM   467  O  O   . THR A 1 66  ? -4.673  -4.756  -6.990  1.00 10.72 ? 484  THR A O   1 
ATOM   468  C  CB  . THR A 1 66  ? -1.651  -5.426  -6.894  1.00 10.65 ? 484  THR A CB  1 
ATOM   469  O  OG1 . THR A 1 66  ? -0.442  -6.037  -7.492  1.00 12.00 ? 484  THR A OG1 1 
ATOM   470  C  CG2 . THR A 1 66  ? -1.289  -5.235  -5.446  1.00 11.11 ? 484  THR A CG2 1 
ATOM   471  N  N   . VAL A 1 67  ? -4.487  -6.252  -5.324  1.00 8.69  ? 485  VAL A N   1 
ATOM   472  C  CA  . VAL A 1 67  ? -5.579  -5.613  -4.565  1.00 7.85  ? 485  VAL A CA  1 
ATOM   473  C  C   . VAL A 1 67  ? -5.008  -4.383  -3.840  1.00 8.82  ? 485  VAL A C   1 
ATOM   474  O  O   . VAL A 1 67  ? -4.018  -4.498  -3.130  1.00 9.19  ? 485  VAL A O   1 
ATOM   475  C  CB  . VAL A 1 67  ? -6.126  -6.573  -3.517  1.00 9.47  ? 485  VAL A CB  1 
ATOM   476  C  CG1 . VAL A 1 67  ? -7.165  -5.943  -2.622  1.00 10.91 ? 485  VAL A CG1 1 
ATOM   477  C  CG2 . VAL A 1 67  ? -6.739  -7.793  -4.221  1.00 11.35 ? 485  VAL A CG2 1 
ATOM   478  N  N   . LEU A 1 68  ? -5.601  -3.221  -4.048  1.00 7.00  ? 486  LEU A N   1 
ATOM   479  C  CA  . LEU A 1 68  ? -5.089  -1.963  -3.514  1.00 7.20  ? 486  LEU A CA  1 
ATOM   480  C  C   . LEU A 1 68  ? -5.939  -1.534  -2.335  1.00 7.54  ? 486  LEU A C   1 
ATOM   481  O  O   . LEU A 1 68  ? -7.157  -1.288  -2.483  1.00 9.55  ? 486  LEU A O   1 
ATOM   482  C  CB  . LEU A 1 68  ? -5.125  -0.883  -4.598  1.00 7.58  ? 486  LEU A CB  1 
ATOM   483  C  CG  . LEU A 1 68  ? -4.423  -1.248  -5.910  1.00 9.16  ? 486  LEU A CG  1 
ATOM   484  C  CD1 . LEU A 1 68  ? -4.496  -0.036  -6.852  1.00 10.27 ? 486  LEU A CD1 1 
ATOM   485  C  CD2 . LEU A 1 68  ? -2.987  -1.718  -5.667  1.00 10.49 ? 486  LEU A CD2 1 
ATOM   486  N  N   . LEU A 1 69  ? -5.307  -1.418  -1.181  1.00 7.43  ? 487  LEU A N   1 
ATOM   487  C  CA  . LEU A 1 69  ? -5.912  -0.949  0.068   1.00 6.76  ? 487  LEU A CA  1 
ATOM   488  C  C   . LEU A 1 69  ? -5.297  0.369   0.482   1.00 8.39  ? 487  LEU A C   1 
ATOM   489  O  O   . LEU A 1 69  ? -4.112  0.589   0.191   1.00 8.14  ? 487  LEU A O   1 
ATOM   490  C  CB  . LEU A 1 69  ? -5.670  -2.000  1.157   1.00 7.34  ? 487  LEU A CB  1 
ATOM   491  C  CG  . LEU A 1 69  ? -6.141  -3.426  0.860   1.00 7.92  ? 487  LEU A CG  1 
ATOM   492  C  CD1 . LEU A 1 69  ? -5.857  -4.305  2.065   1.00 9.75  ? 487  LEU A CD1 1 
ATOM   493  C  CD2 . LEU A 1 69  ? -7.624  -3.430  0.487   1.00 9.31  ? 487  LEU A CD2 1 
ATOM   494  N  N   . GLN A 1 70  ? -6.070  1.206   1.161   1.00 8.23  ? 488  GLN A N   1 
ATOM   495  C  CA  . GLN A 1 70  ? -5.532  2.468   1.675   1.00 7.68  ? 488  GLN A CA  1 
ATOM   496  C  C   . GLN A 1 70  ? -6.107  2.725   3.065   1.00 8.34  ? 488  GLN A C   1 
ATOM   497  O  O   . GLN A 1 70  ? -7.298  2.548   3.265   1.00 9.55  ? 488  GLN A O   1 
ATOM   498  C  CB  . GLN A 1 70  ? -5.891  3.598   0.761   1.00 8.13  ? 488  GLN A CB  1 
ATOM   499  C  CG  . GLN A 1 70  ? -5.336  4.976   1.173   1.00 8.57  ? 488  GLN A CG  1 
ATOM   500  C  CD  . GLN A 1 70  ? -5.474  5.923   -0.025  1.00 12.56 ? 488  GLN A CD  1 
ATOM   501  O  OE1 . GLN A 1 70  ? -6.622  6.187   -0.428  1.00 18.32 ? 488  GLN A OE1 1 
ATOM   502  N  NE2 . GLN A 1 70  ? -4.391  6.388   -0.591  1.00 10.49 ? 488  GLN A NE2 1 
ATOM   503  N  N   . ALA A 1 71  ? -5.216  3.119   3.932   1.00 7.76  ? 489  ALA A N   1 
ATOM   504  C  CA  . ALA A 1 71  ? -5.639  3.616   5.258   1.00 9.41  ? 489  ALA A CA  1 
ATOM   505  C  C   . ALA A 1 71  ? -5.343  5.120   5.291   1.00 8.60  ? 489  ALA A C   1 
ATOM   506  O  O   . ALA A 1 71  ? -4.197  5.530   5.087   1.00 11.52 ? 489  ALA A O   1 
ATOM   507  C  CB  . ALA A 1 71  ? -4.975  2.905   6.405   1.00 11.32 ? 489  ALA A CB  1 
ATOM   508  N  N   . ASN A 1 72  ? -6.367  5.893   5.526   1.00 9.28  ? 490  ASN A N   1 
ATOM   509  C  CA  . ASN A 1 72  ? -6.259  7.359   5.630   1.00 8.12  ? 490  ASN A CA  1 
ATOM   510  C  C   . ASN A 1 72  ? -6.091  7.721   7.088   1.00 8.43  ? 490  ASN A C   1 
ATOM   511  O  O   . ASN A 1 72  ? -7.063  7.707   7.856   1.00 10.60 ? 490  ASN A O   1 
ATOM   512  C  CB  . ASN A 1 72  ? -7.496  7.981   5.020   1.00 10.84 ? 490  ASN A CB  1 
ATOM   513  C  CG  . ASN A 1 72  ? -7.566  9.480   5.277   1.00 9.42  ? 490  ASN A CG  1 
ATOM   514  O  OD1 . ASN A 1 72  ? -6.565  10.101  5.587   1.00 11.10 ? 490  ASN A OD1 1 
ATOM   515  N  ND2 . ASN A 1 72  ? -8.737  10.045  5.155   1.00 13.11 ? 490  ASN A ND2 1 
ATOM   516  N  N   . VAL A 1 73  ? -4.889  8.028   7.528   1.00 7.76  ? 491  VAL A N   1 
ATOM   517  C  CA  . VAL A 1 73  ? -4.567  8.286   8.920   1.00 8.87  ? 491  VAL A CA  1 
ATOM   518  C  C   . VAL A 1 73  ? -4.419  9.802   9.186   1.00 10.17 ? 491  VAL A C   1 
ATOM   519  O  O   . VAL A 1 73  ? -3.851  10.202  10.211  1.00 11.44 ? 491  VAL A O   1 
ATOM   520  C  CB  . VAL A 1 73  ? -3.325  7.526   9.384   1.00 9.27  ? 491  VAL A CB  1 
ATOM   521  C  CG1 . VAL A 1 73  ? -3.522  6.019   9.339   1.00 11.95 ? 491  VAL A CG1 1 
ATOM   522  C  CG2 . VAL A 1 73  ? -2.112  7.921   8.531   1.00 15.09 ? 491  VAL A CG2 1 
ATOM   523  N  N   . THR A 1 74  ? -4.978  10.620  8.319   1.00 9.52  ? 492  THR A N   1 
ATOM   524  C  CA  . THR A 1 74  ? -4.992  12.085  8.458   1.00 9.43  ? 492  THR A CA  1 
ATOM   525  C  C   . THR A 1 74  ? -5.342  12.558  9.861   1.00 11.51 ? 492  THR A C   1 
ATOM   526  O  O   . THR A 1 74  ? -4.717  13.475  10.394  1.00 13.80 ? 492  THR A O   1 
ATOM   527  C  CB  . THR A 1 74  ? -6.028  12.717  7.494   1.00 10.12 ? 492  THR A CB  1 
ATOM   528  O  OG1 . THR A 1 74  ? -5.606  12.463  6.145   1.00 9.55  ? 492  THR A OG1 1 
ATOM   529  C  CG2 . THR A 1 74  ? -6.119  14.234  7.687   1.00 11.24 ? 492  THR A CG2 1 
ATOM   530  N  N   . ALA A 1 75  ? -6.379  11.986  10.458  1.00 12.36 ? 493  ALA A N   1 
ATOM   531  C  CA  . ALA A 1 75  ? -6.798  12.504  11.774  1.00 11.45 ? 493  ALA A CA  1 
ATOM   532  C  C   . ALA A 1 75  ? -5.872  12.106  12.896  1.00 13.39 ? 493  ALA A C   1 
ATOM   533  O  O   . ALA A 1 75  ? -5.891  12.714  13.985  1.00 14.12 ? 493  ALA A O   1 
ATOM   534  C  CB  . ALA A 1 75  ? -8.205  11.975  12.069  1.00 14.02 ? 493  ALA A CB  1 
ATOM   535  N  N   . ASN A 1 76  ? -5.111  11.031  12.753  1.00 11.34 ? 494  ASN A N   1 
ATOM   536  C  CA  . ASN A 1 76  ? -4.387  10.411  13.848  1.00 13.14 ? 494  ASN A CA  1 
ATOM   537  C  C   . ASN A 1 76  ? -5.316  10.026  15.008  1.00 12.32 ? 494  ASN A C   1 
ATOM   538  O  O   . ASN A 1 76  ? -4.904  10.209  16.179  1.00 14.39 ? 494  ASN A O   1 
ATOM   539  C  CB  . ASN A 1 76  ? -3.269  11.358  14.325  1.00 15.24 ? 494  ASN A CB  1 
ATOM   540  C  CG  . ASN A 1 76  ? -2.102  10.608  14.903  1.00 24.73 ? 494  ASN A CG  1 
ATOM   541  O  OD1 . ASN A 1 76  ? -1.552  9.674   14.306  1.00 23.69 ? 494  ASN A OD1 1 
ATOM   542  N  ND2 . ASN A 1 76  ? -1.685  11.041  16.094  1.00 21.38 ? 494  ASN A ND2 1 
ATOM   543  N  N   . ASP A 1 77  ? -6.463  9.449   14.705  1.00 11.68 ? 495  ASP A N   1 
ATOM   544  C  CA  . ASP A 1 77  ? -7.391  9.052   15.780  1.00 12.69 ? 495  ASP A CA  1 
ATOM   545  C  C   . ASP A 1 77  ? -6.969  7.719   16.368  1.00 14.70 ? 495  ASP A C   1 
ATOM   546  O  O   . ASP A 1 77  ? -5.985  7.117   15.955  1.00 14.58 ? 495  ASP A O   1 
ATOM   547  C  CB  . ASP A 1 77  ? -8.829  9.108   15.306  1.00 18.89 ? 495  ASP A CB  1 
ATOM   548  C  CG  . ASP A 1 77  ? -9.183  8.146   14.200  1.00 16.62 ? 495  ASP A CG  1 
ATOM   549  O  OD1 . ASP A 1 77  ? -8.569  7.058   14.191  1.00 17.45 ? 495  ASP A OD1 1 
ATOM   550  O  OD2 . ASP A 1 77  ? -10.056 8.441   13.371  1.00 19.98 ? 495  ASP A OD2 1 
ATOM   551  N  N   . ALA A 1 78  ? -7.704  7.260   17.385  1.00 15.51 ? 496  ALA A N   1 
ATOM   552  C  CA  . ALA A 1 78  ? -7.269  6.073   18.110  1.00 12.52 ? 496  ALA A CA  1 
ATOM   553  C  C   . ALA A 1 78  ? -7.203  4.847   17.206  1.00 11.81 ? 496  ALA A C   1 
ATOM   554  O  O   . ALA A 1 78  ? -6.268  4.053   17.390  1.00 12.27 ? 496  ALA A O   1 
ATOM   555  C  CB  . ALA A 1 78  ? -8.242  5.783   19.256  1.00 17.80 ? 496  ALA A CB  1 
ATOM   556  N  N   . GLN A 1 79  ? -8.115  4.732   16.262  1.00 13.49 ? 497  GLN A N   1 
ATOM   557  C  CA  . GLN A 1 79  ? -8.019  3.549   15.361  1.00 12.87 ? 497  GLN A CA  1 
ATOM   558  C  C   . GLN A 1 79  ? -6.837  3.688   14.433  1.00 12.59 ? 497  GLN A C   1 
ATOM   559  O  O   . GLN A 1 79  ? -6.127  2.722   14.171  1.00 12.12 ? 497  GLN A O   1 
ATOM   560  C  CB  . GLN A 1 79  ? -9.308  3.469   14.579  1.00 14.38 ? 497  GLN A CB  1 
ATOM   561  C  CG  . GLN A 1 79  ? -10.450 3.040   15.520  1.00 15.25 ? 497  GLN A CG  1 
ATOM   562  C  CD  . GLN A 1 79  ? -11.763 3.245   14.785  1.00 27.80 ? 497  GLN A CD  1 
ATOM   563  O  OE1 . GLN A 1 79  ? -11.903 4.262   14.101  1.00 36.17 ? 497  GLN A OE1 1 
ATOM   564  N  NE2 . GLN A 1 79  ? -12.656 2.271   14.955  1.00 40.59 ? 497  GLN A NE2 1 
ATOM   565  N  N   . ASP A 1 80  ? -6.573  4.899   13.938  1.00 9.88  ? 498  ASP A N   1 
ATOM   566  C  CA  . ASP A 1 80  ? -5.402  5.132   13.109  1.00 10.63 ? 498  ASP A CA  1 
ATOM   567  C  C   . ASP A 1 80  ? -4.108  4.761   13.821  1.00 11.34 ? 498  ASP A C   1 
ATOM   568  O  O   . ASP A 1 80  ? -3.229  4.045   13.319  1.00 11.61 ? 498  ASP A O   1 
ATOM   569  C  CB  . ASP A 1 80  ? -5.303  6.626   12.740  1.00 10.21 ? 498  ASP A CB  1 
ATOM   570  C  CG  . ASP A 1 80  ? -6.407  7.182   11.903  1.00 14.66 ? 498  ASP A CG  1 
ATOM   571  O  OD1 . ASP A 1 80  ? -7.069  6.460   11.097  1.00 13.87 ? 498  ASP A OD1 1 
ATOM   572  O  OD2 . ASP A 1 80  ? -6.648  8.429   11.984  1.00 13.52 ? 498  ASP A OD2 1 
ATOM   573  N  N   . VAL A 1 81  ? -3.965  5.268   15.064  1.00 10.31 ? 499  VAL A N   1 
ATOM   574  C  CA  . VAL A 1 81  ? -2.768  4.987   15.816  1.00 11.71 ? 499  VAL A CA  1 
ATOM   575  C  C   . VAL A 1 81  ? -2.612  3.493   16.133  1.00 9.65  ? 499  VAL A C   1 
ATOM   576  O  O   . VAL A 1 81  ? -1.483  2.961   16.052  1.00 12.12 ? 499  VAL A O   1 
ATOM   577  C  CB  . VAL A 1 81  ? -2.799  5.853   17.098  1.00 14.47 ? 499  VAL A CB  1 
ATOM   578  C  CG1 . VAL A 1 81  ? -1.770  5.416   18.111  1.00 17.14 ? 499  VAL A CG1 1 
ATOM   579  C  CG2 . VAL A 1 81  ? -2.626  7.316   16.683  1.00 17.29 ? 499  VAL A CG2 1 
ATOM   580  N  N   . ALA A 1 82  ? -3.733  2.828   16.453  1.00 9.74  ? 500  ALA A N   1 
ATOM   581  C  CA  . ALA A 1 82  ? -3.604  1.385   16.718  1.00 12.51 ? 500  ALA A CA  1 
ATOM   582  C  C   . ALA A 1 82  ? -3.154  0.619   15.474  1.00 11.35 ? 500  ALA A C   1 
ATOM   583  O  O   . ALA A 1 82  ? -2.394  -0.344  15.562  1.00 11.73 ? 500  ALA A O   1 
ATOM   584  C  CB  . ALA A 1 82  ? -4.929  0.817   17.224  1.00 15.16 ? 500  ALA A CB  1 
ATOM   585  N  N   . LEU A 1 83  ? -3.676  1.078   14.333  1.00 11.75 ? 501  LEU A N   1 
ATOM   586  C  CA  . LEU A 1 83  ? -3.269  0.409   13.075  1.00 10.51 ? 501  LEU A CA  1 
ATOM   587  C  C   . LEU A 1 83  ? -1.810  0.626   12.800  1.00 11.17 ? 501  LEU A C   1 
ATOM   588  O  O   . LEU A 1 83  ? -1.070  -0.318  12.468  1.00 11.33 ? 501  LEU A O   1 
ATOM   589  C  CB  . LEU A 1 83  ? -4.160  0.926   11.952  1.00 10.81 ? 501  LEU A CB  1 
ATOM   590  C  CG  . LEU A 1 83  ? -3.806  0.368   10.568  1.00 13.73 ? 501  LEU A CG  1 
ATOM   591  C  CD1 . LEU A 1 83  ? -4.095  -1.115  10.472  1.00 12.11 ? 501  LEU A CD1 1 
ATOM   592  C  CD2 . LEU A 1 83  ? -4.519  1.108   9.442   1.00 14.65 ? 501  LEU A CD2 1 
ATOM   593  N  N   . LEU A 1 84  ? -1.339  1.854   12.923  1.00 10.44 ? 502  LEU A N   1 
ATOM   594  C  CA  . LEU A 1 84  ? 0.084   2.148   12.676  1.00 11.54 ? 502  LEU A CA  1 
ATOM   595  C  C   . LEU A 1 84  ? 0.992   1.361   13.600  1.00 11.40 ? 502  LEU A C   1 
ATOM   596  O  O   . LEU A 1 84  ? 2.015   0.788   13.234  1.00 12.29 ? 502  LEU A O   1 
ATOM   597  C  CB  . LEU A 1 84  ? 0.304   3.660   12.846  1.00 12.82 ? 502  LEU A CB  1 
ATOM   598  C  CG  . LEU A 1 84  ? -0.412  4.513   11.768  1.00 12.76 ? 502  LEU A CG  1 
ATOM   599  C  CD1 . LEU A 1 84  ? -0.412  5.989   12.153  1.00 15.90 ? 502  LEU A CD1 1 
ATOM   600  C  CD2 . LEU A 1 84  ? 0.251   4.314   10.422  1.00 14.94 ? 502  LEU A CD2 1 
ATOM   601  N  N   . LYS A 1 85  ? 0.564   1.265   14.867  1.00 11.50 ? 503  LYS A N   1 
ATOM   602  C  CA  . LYS A 1 85  ? 1.346   0.477   15.810  1.00 14.28 ? 503  LYS A CA  1 
ATOM   603  C  C   . LYS A 1 85  ? 1.385   -1.015  15.473  1.00 11.30 ? 503  LYS A C   1 
ATOM   604  O  O   . LYS A 1 85  ? 2.424   -1.667  15.553  1.00 12.84 ? 503  LYS A O   1 
ATOM   605  C  CB  . LYS A 1 85  ? 0.764   0.630   17.235  1.00 13.99 ? 503  LYS A CB  1 
ATOM   606  C  CG  . LYS A 1 85  ? 1.190   1.991   17.819  1.00 29.45 ? 503  LYS A CG  1 
ATOM   607  C  CD  . LYS A 1 85  ? 0.267   2.433   18.945  1.00 31.47 ? 503  LYS A CD  1 
ATOM   608  C  CE  . LYS A 1 85  ? 0.803   3.675   19.639  0.00 31.47 ? 503  LYS A CE  1 
ATOM   609  N  NZ  . LYS A 1 85  ? -0.227  4.747   19.733  0.00 31.47 ? 503  LYS A NZ  1 
ATOM   610  N  N   . HIS A 1 86  ? 0.212   -1.536  15.158  1.00 11.17 ? 504  HIS A N   1 
ATOM   611  C  CA  . HIS A 1 86  ? 0.086   -2.951  14.765  1.00 11.46 ? 504  HIS A CA  1 
ATOM   612  C  C   . HIS A 1 86  ? 0.998   -3.254  13.597  1.00 12.76 ? 504  HIS A C   1 
ATOM   613  O  O   . HIS A 1 86  ? 1.615   -4.319  13.558  1.00 14.76 ? 504  HIS A O   1 
ATOM   614  C  CB  . HIS A 1 86  ? -1.355  -3.220  14.341  1.00 13.09 ? 504  HIS A CB  1 
ATOM   615  C  CG  . HIS A 1 86  ? -1.595  -4.515  13.642  1.00 16.23 ? 504  HIS A CG  1 
ATOM   616  N  ND1 . HIS A 1 86  ? -1.505  -5.720  14.308  1.00 20.58 ? 504  HIS A ND1 1 
ATOM   617  C  CD2 . HIS A 1 86  ? -1.911  -4.795  12.358  1.00 14.66 ? 504  HIS A CD2 1 
ATOM   618  C  CE1 . HIS A 1 86  ? -1.754  -6.698  13.451  1.00 18.12 ? 504  HIS A CE1 1 
ATOM   619  N  NE2 . HIS A 1 86  ? -2.015  -6.167  12.272  1.00 18.65 ? 504  HIS A NE2 1 
ATOM   620  N  N   . LEU A 1 87  ? 1.106   -2.320  12.628  1.00 10.03 ? 505  LEU A N   1 
ATOM   621  C  CA  . LEU A 1 87  ? 1.989   -2.538  11.486  1.00 11.31 ? 505  LEU A CA  1 
ATOM   622  C  C   . LEU A 1 87  ? 3.423   -2.118  11.711  1.00 10.69 ? 505  LEU A C   1 
ATOM   623  O  O   . LEU A 1 87  ? 4.249   -2.184  10.787  1.00 14.80 ? 505  LEU A O   1 
ATOM   624  C  CB  . LEU A 1 87  ? 1.406   -1.725  10.314  1.00 11.30 ? 505  LEU A CB  1 
ATOM   625  C  CG  . LEU A 1 87  ? 0.024   -2.187  9.843   1.00 12.36 ? 505  LEU A CG  1 
ATOM   626  C  CD1 . LEU A 1 87  ? -0.483  -1.254  8.755   1.00 13.02 ? 505  LEU A CD1 1 
ATOM   627  C  CD2 . LEU A 1 87  ? 0.071   -3.634  9.346   1.00 16.66 ? 505  LEU A CD2 1 
ATOM   628  N  N   . ASN A 1 88  ? 3.790   -1.613  12.885  1.00 12.22 ? 506  ASN A N   1 
ATOM   629  C  CA  . ASN A 1 88  ? 5.080   -1.034  13.188  1.00 12.57 ? 506  ASN A CA  1 
ATOM   630  C  C   . ASN A 1 88  ? 5.477   0.001   12.124  1.00 11.43 ? 506  ASN A C   1 
ATOM   631  O  O   . ASN A 1 88  ? 6.600   0.006   11.606  1.00 14.56 ? 506  ASN A O   1 
ATOM   632  C  CB  . ASN A 1 88  ? 6.129   -2.137  13.323  1.00 15.19 ? 506  ASN A CB  1 
ATOM   633  C  CG  . ASN A 1 88  ? 7.287   -1.710  14.230  1.00 17.72 ? 506  ASN A CG  1 
ATOM   634  O  OD1 . ASN A 1 88  ? 7.355   -0.600  14.741  1.00 15.64 ? 506  ASN A OD1 1 
ATOM   635  N  ND2 . ASN A 1 88  ? 8.167   -2.692  14.355  1.00 24.43 ? 506  ASN A ND2 1 
ATOM   636  N  N   . VAL A 1 89  ? 4.541   0.887   11.818  1.00 11.80 ? 507  VAL A N   1 
ATOM   637  C  CA  . VAL A 1 89  ? 4.836   1.989   10.892  1.00 13.32 ? 507  VAL A CA  1 
ATOM   638  C  C   . VAL A 1 89  ? 5.434   3.148   11.662  1.00 17.26 ? 507  VAL A C   1 
ATOM   639  O  O   . VAL A 1 89  ? 4.975   3.489   12.777  1.00 16.37 ? 507  VAL A O   1 
ATOM   640  C  CB  . VAL A 1 89  ? 3.534   2.417   10.176  1.00 13.08 ? 507  VAL A CB  1 
ATOM   641  C  CG1 . VAL A 1 89  ? 3.679   3.739   9.427   1.00 16.86 ? 507  VAL A CG1 1 
ATOM   642  C  CG2 . VAL A 1 89  ? 3.125   1.278   9.257   1.00 18.08 ? 507  VAL A CG2 1 
ATOM   643  N  N   . LEU A 1 90  ? 6.476   3.783   11.112  1.00 15.75 ? 508  LEU A N   1 
ATOM   644  C  CA  . LEU A 1 90  ? 7.211   4.770   11.933  1.00 17.59 ? 508  LEU A CA  1 
ATOM   645  C  C   . LEU A 1 90  ? 6.996   6.185   11.469  1.00 20.17 ? 508  LEU A C   1 
ATOM   646  O  O   . LEU A 1 90  ? 7.353   7.150   12.148  1.00 27.73 ? 508  LEU A O   1 
ATOM   647  C  CB  . LEU A 1 90  ? 8.708   4.447   11.864  1.00 14.77 ? 508  LEU A CB  1 
ATOM   648  C  CG  . LEU A 1 90  ? 9.082   3.019   12.268  1.00 24.61 ? 508  LEU A CG  1 
ATOM   649  C  CD1 . LEU A 1 90  ? 10.584  2.869   12.243  1.00 23.88 ? 508  LEU A CD1 1 
ATOM   650  C  CD2 . LEU A 1 90  ? 8.525   2.673   13.636  1.00 27.03 ? 508  LEU A CD2 1 
ATOM   651  N  N   . GLY A 1 91  ? 6.412   6.287   10.285  1.00 15.45 ? 509  GLY A N   1 
ATOM   652  C  CA  . GLY A 1 91  ? 6.080   7.601   9.745   1.00 17.25 ? 509  GLY A CA  1 
ATOM   653  C  C   . GLY A 1 91  ? 5.470   7.402   8.371   1.00 16.02 ? 509  GLY A C   1 
ATOM   654  O  O   . GLY A 1 91  ? 5.386   6.292   7.830   1.00 18.39 ? 509  GLY A O   1 
ATOM   655  N  N   . LEU A 1 92  ? 5.032   8.499   7.771   1.00 14.20 ? 510  LEU A N   1 
ATOM   656  C  CA  . LEU A 1 92  ? 4.530   8.548   6.420   1.00 10.90 ? 510  LEU A CA  1 
ATOM   657  C  C   . LEU A 1 92  ? 5.534   9.250   5.523   1.00 14.55 ? 510  LEU A C   1 
ATOM   658  O  O   . LEU A 1 92  ? 6.280   10.151  5.956   1.00 19.73 ? 510  LEU A O   1 
ATOM   659  C  CB  . LEU A 1 92  ? 3.171   9.250   6.399   1.00 13.75 ? 510  LEU A CB  1 
ATOM   660  C  CG  A LEU A 1 92  ? 2.140   8.816   7.432   0.70 11.93 ? 510  LEU A CG  1 
ATOM   661  C  CG  B LEU A 1 92  ? 1.955   8.307   6.397   0.30 11.79 ? 510  LEU A CG  1 
ATOM   662  C  CD1 A LEU A 1 92  ? 0.927   9.706   7.357   0.70 14.29 ? 510  LEU A CD1 1 
ATOM   663  C  CD1 B LEU A 1 92  ? 1.976   7.371   7.595   0.30 18.18 ? 510  LEU A CD1 1 
ATOM   664  C  CD2 A LEU A 1 92  ? 1.773   7.356   7.197   0.70 16.02 ? 510  LEU A CD2 1 
ATOM   665  C  CD2 B LEU A 1 92  ? 0.667   9.117   6.362   0.30 11.64 ? 510  LEU A CD2 1 
ATOM   666  N  N   . PRO A 1 93  ? 5.594   8.878   4.270   1.00 15.86 ? 511  PRO A N   1 
ATOM   667  C  CA  . PRO A 1 93  ? 4.711   7.911   3.632   1.00 14.17 ? 511  PRO A CA  1 
ATOM   668  C  C   . PRO A 1 93  ? 5.156   6.490   3.950   1.00 12.71 ? 511  PRO A C   1 
ATOM   669  O  O   . PRO A 1 93  ? 6.349   6.297   4.215   1.00 15.93 ? 511  PRO A O   1 
ATOM   670  C  CB  . PRO A 1 93  ? 4.959   8.193   2.136   1.00 21.31 ? 511  PRO A CB  1 
ATOM   671  C  CG  . PRO A 1 93  ? 6.410   8.549   2.136   1.00 22.20 ? 511  PRO A CG  1 
ATOM   672  C  CD  . PRO A 1 93  ? 6.632   9.412   3.353   1.00 15.73 ? 511  PRO A CD  1 
ATOM   673  N  N   . THR A 1 94  ? 4.252   5.510   3.975   1.00 10.81 ? 512  THR A N   1 
ATOM   674  C  CA  . THR A 1 94  ? 4.694   4.101   4.064   1.00 10.13 ? 512  THR A CA  1 
ATOM   675  C  C   . THR A 1 94  ? 3.740   3.298   3.168   1.00 10.61 ? 512  THR A C   1 
ATOM   676  O  O   . THR A 1 94  ? 2.493   3.503   3.198   1.00 13.34 ? 512  THR A O   1 
ATOM   677  C  CB  . THR A 1 94  ? 4.649   3.522   5.475   1.00 12.13 ? 512  THR A CB  1 
ATOM   678  O  OG1 . THR A 1 94  ? 5.647   4.224   6.303   1.00 12.88 ? 512  THR A OG1 1 
ATOM   679  C  CG2 . THR A 1 94  ? 5.034   2.046   5.526   1.00 13.29 ? 512  THR A CG2 1 
ATOM   680  N  N   . ILE A 1 95  ? 4.298   2.402   2.371   1.00 8.33  ? 513  ILE A N   1 
ATOM   681  C  CA  . ILE A 1 95  ? 3.510   1.477   1.563   1.00 9.10  ? 513  ILE A CA  1 
ATOM   682  C  C   . ILE A 1 95  ? 3.976   0.051   1.860   1.00 9.45  ? 513  ILE A C   1 
ATOM   683  O  O   . ILE A 1 95  ? 5.180   -0.186  1.847   1.00 9.99  ? 513  ILE A O   1 
ATOM   684  C  CB  . ILE A 1 95  ? 3.651   1.783   0.069   1.00 10.19 ? 513  ILE A CB  1 
ATOM   685  C  CG1 . ILE A 1 95  ? 3.407   3.258   -0.289  1.00 9.62  ? 513  ILE A CG1 1 
ATOM   686  C  CG2 . ILE A 1 95  ? 2.745   0.871   -0.755  1.00 9.82  ? 513  ILE A CG2 1 
ATOM   687  C  CD1 . ILE A 1 95  ? 3.730   3.575   -1.736  1.00 11.34 ? 513  ILE A CD1 1 
ATOM   688  N  N   . LEU A 1 96  ? 3.027   -0.810  2.201   1.00 8.85  ? 514  LEU A N   1 
ATOM   689  C  CA  . LEU A 1 96  ? 3.303   -2.203  2.551   1.00 8.18  ? 514  LEU A CA  1 
ATOM   690  C  C   . LEU A 1 96  ? 2.835   -3.122  1.428   1.00 7.85  ? 514  LEU A C   1 
ATOM   691  O  O   . LEU A 1 96  ? 1.868   -2.810  0.723   1.00 9.25  ? 514  LEU A O   1 
ATOM   692  C  CB  . LEU A 1 96  ? 2.599   -2.611  3.847   1.00 9.59  ? 514  LEU A CB  1 
ATOM   693  C  CG  A LEU A 1 96  ? 3.309   -2.429  5.174   0.60 18.71 ? 514  LEU A CG  1 
ATOM   694  C  CG  B LEU A 1 96  ? 2.760   -1.819  5.138   0.40 10.48 ? 514  LEU A CG  1 
ATOM   695  C  CD1 A LEU A 1 96  ? 3.708   -0.979  5.384   0.60 14.70 ? 514  LEU A CD1 1 
ATOM   696  C  CD1 B LEU A 1 96  ? 4.225   -1.710  5.562   0.40 31.01 ? 514  LEU A CD1 1 
ATOM   697  C  CD2 A LEU A 1 96  ? 2.429   -2.909  6.323   0.60 12.31 ? 514  LEU A CD2 1 
ATOM   698  C  CD2 B LEU A 1 96  ? 2.140   -0.429  5.046   0.40 10.29 ? 514  LEU A CD2 1 
ATOM   699  N  N   . PHE A 1 97  ? 3.533   -4.252  1.294   1.00 8.25  ? 515  PHE A N   1 
ATOM   700  C  CA  . PHE A 1 97  ? 3.188   -5.236  0.293   1.00 8.53  ? 515  PHE A CA  1 
ATOM   701  C  C   . PHE A 1 97  ? 2.972   -6.597  0.948   1.00 10.64 ? 515  PHE A C   1 
ATOM   702  O  O   . PHE A 1 97  ? 3.796   -6.994  1.782   1.00 11.78 ? 515  PHE A O   1 
ATOM   703  C  CB  . PHE A 1 97  ? 4.282   -5.329  -0.782  1.00 10.30 ? 515  PHE A CB  1 
ATOM   704  C  CG  . PHE A 1 97  ? 4.357   -4.047  -1.603  1.00 9.57  ? 515  PHE A CG  1 
ATOM   705  C  CD1 . PHE A 1 97  ? 3.593   -3.905  -2.757  1.00 13.53 ? 515  PHE A CD1 1 
ATOM   706  C  CD2 . PHE A 1 97  ? 5.177   -3.010  -1.208  1.00 12.62 ? 515  PHE A CD2 1 
ATOM   707  C  CE1 . PHE A 1 97  ? 3.652   -2.720  -3.485  1.00 11.34 ? 515  PHE A CE1 1 
ATOM   708  C  CE2 . PHE A 1 97  ? 5.274   -1.822  -1.939  1.00 11.28 ? 515  PHE A CE2 1 
ATOM   709  C  CZ  . PHE A 1 97  ? 4.512   -1.714  -3.092  1.00 11.58 ? 515  PHE A CZ  1 
ATOM   710  N  N   . PHE A 1 98  ? 1.892   -7.260  0.576   1.00 10.44 ? 516  PHE A N   1 
ATOM   711  C  CA  . PHE A 1 98  ? 1.598   -8.619  1.074   1.00 8.73  ? 516  PHE A CA  1 
ATOM   712  C  C   . PHE A 1 98  ? 1.489   -9.535  -0.121  1.00 10.85 ? 516  PHE A C   1 
ATOM   713  O  O   . PHE A 1 98  ? 0.959   -9.171  -1.156  1.00 11.01 ? 516  PHE A O   1 
ATOM   714  C  CB  . PHE A 1 98  ? 0.274   -8.674  1.818   1.00 9.48  ? 516  PHE A CB  1 
ATOM   715  C  CG  . PHE A 1 98  ? 0.120   -7.690  2.956   1.00 10.09 ? 516  PHE A CG  1 
ATOM   716  C  CD1 . PHE A 1 98  ? -0.168  -6.355  2.664   1.00 12.29 ? 516  PHE A CD1 1 
ATOM   717  C  CD2 . PHE A 1 98  ? 0.270   -8.059  4.273   1.00 12.43 ? 516  PHE A CD2 1 
ATOM   718  C  CE1 . PHE A 1 98  ? -0.327  -5.437  3.697   1.00 12.32 ? 516  PHE A CE1 1 
ATOM   719  C  CE2 . PHE A 1 98  ? 0.098   -7.158  5.303   1.00 12.99 ? 516  PHE A CE2 1 
ATOM   720  C  CZ  . PHE A 1 98  ? -0.188  -5.832  5.019   1.00 12.48 ? 516  PHE A CZ  1 
ATOM   721  N  N   . ASP A 1 99  ? 1.980   -10.774 0.050   1.00 11.06 ? 517  ASP A N   1 
ATOM   722  C  CA  . ASP A 1 99  ? 1.888   -11.697 -1.101  1.00 12.82 ? 517  ASP A CA  1 
ATOM   723  C  C   . ASP A 1 99  ? 0.506   -12.340 -1.157  1.00 11.38 ? 517  ASP A C   1 
ATOM   724  O  O   . ASP A 1 99  ? -0.374  -12.006 -0.355  1.00 11.70 ? 517  ASP A O   1 
ATOM   725  C  CB  . ASP A 1 99  ? 3.030   -12.687 -0.985  1.00 12.73 ? 517  ASP A CB  1 
ATOM   726  C  CG  . ASP A 1 99  ? 2.965   -13.598 0.204   1.00 13.85 ? 517  ASP A CG  1 
ATOM   727  O  OD1 . ASP A 1 99  ? 1.890   -13.787 0.792   1.00 12.87 ? 517  ASP A OD1 1 
ATOM   728  O  OD2 . ASP A 1 99  ? 4.011   -14.185 0.602   1.00 15.49 ? 517  ASP A OD2 1 
ATOM   729  N  N   . GLY A 1 100 ? 0.324   -13.259 -2.115  1.00 14.05 ? 518  GLY A N   1 
ATOM   730  C  CA  . GLY A 1 100 ? -0.926  -13.969 -2.363  1.00 13.60 ? 518  GLY A CA  1 
ATOM   731  C  C   . GLY A 1 100 ? -1.324  -14.851 -1.197  1.00 15.63 ? 518  GLY A C   1 
ATOM   732  O  O   . GLY A 1 100 ? -2.475  -15.329 -1.094  1.00 17.72 ? 518  GLY A O   1 
ATOM   733  N  N   . GLN A 1 101 ? -0.451  -15.087 -0.221  1.00 14.72 ? 519  GLN A N   1 
ATOM   734  C  CA  . GLN A 1 101 ? -0.825  -15.820 0.991   1.00 13.24 ? 519  GLN A CA  1 
ATOM   735  C  C   . GLN A 1 101 ? -1.101  -14.913 2.176   1.00 16.22 ? 519  GLN A C   1 
ATOM   736  O  O   . GLN A 1 101 ? -1.415  -15.250 3.316   1.00 17.92 ? 519  GLN A O   1 
ATOM   737  C  CB  . GLN A 1 101 ? 0.273   -16.816 1.371   1.00 16.54 ? 519  GLN A CB  1 
ATOM   738  C  CG  . GLN A 1 101 ? 0.674   -17.767 0.256   1.00 18.87 ? 519  GLN A CG  1 
ATOM   739  C  CD  . GLN A 1 101 ? -0.502  -18.567 -0.265  1.00 19.85 ? 519  GLN A CD  1 
ATOM   740  O  OE1 . GLN A 1 101 ? -1.400  -18.952 0.487   1.00 15.59 ? 519  GLN A OE1 1 
ATOM   741  N  NE2 . GLN A 1 101 ? -0.445  -18.793 -1.575  1.00 26.11 ? 519  GLN A NE2 1 
ATOM   742  N  N   . GLY A 1 102 ? -1.009  -13.582 1.927   1.00 13.77 ? 520  GLY A N   1 
ATOM   743  C  CA  . GLY A 1 102 ? -1.293  -12.664 3.012   1.00 12.77 ? 520  GLY A CA  1 
ATOM   744  C  C   . GLY A 1 102 ? -0.085  -12.294 3.841   1.00 12.74 ? 520  GLY A C   1 
ATOM   745  O  O   . GLY A 1 102 ? -0.242  -11.602 4.847   1.00 17.29 ? 520  GLY A O   1 
ATOM   746  N  N   . GLN A 1 103 ? 1.087   -12.757 3.427   1.00 13.97 ? 521  GLN A N   1 
ATOM   747  C  CA  . GLN A 1 103 ? 2.288   -12.480 4.209   1.00 15.66 ? 521  GLN A CA  1 
ATOM   748  C  C   . GLN A 1 103 ? 2.920   -11.165 3.786   1.00 9.93  ? 521  GLN A C   1 
ATOM   749  O  O   . GLN A 1 103 ? 3.197   -10.998 2.606   1.00 11.25 ? 521  GLN A O   1 
ATOM   750  C  CB  . GLN A 1 103 ? 3.289   -13.619 4.009   1.00 17.51 ? 521  GLN A CB  1 
ATOM   751  C  CG  . GLN A 1 103 ? 2.703   -14.989 4.280   1.00 27.26 ? 521  GLN A CG  1 
ATOM   752  C  CD  . GLN A 1 103 ? 2.122   -15.076 5.679   0.50 30.82 ? 521  GLN A CD  1 
ATOM   753  O  OE1 . GLN A 1 103 ? 2.844   -14.828 6.643   0.50 26.34 ? 521  GLN A OE1 1 
ATOM   754  N  NE2 . GLN A 1 103 ? 0.842   -15.418 5.744   0.50 39.95 ? 521  GLN A NE2 1 
ATOM   755  N  N   . GLU A 1 104 ? 3.146   -10.318 4.796   1.00 12.85 ? 522  GLU A N   1 
ATOM   756  C  CA  . GLU A 1 104 ? 3.840   -9.062  4.528   1.00 11.76 ? 522  GLU A CA  1 
ATOM   757  C  C   . GLU A 1 104 ? 5.327   -9.313  4.366   1.00 13.30 ? 522  GLU A C   1 
ATOM   758  O  O   . GLU A 1 104 ? 5.884   -10.164 5.078   1.00 17.50 ? 522  GLU A O   1 
ATOM   759  C  CB  . GLU A 1 104 ? 3.605   -8.061  5.662   1.00 13.63 ? 522  GLU A CB  1 
ATOM   760  C  CG  . GLU A 1 104 ? 4.014   -6.658  5.217   1.00 16.45 ? 522  GLU A CG  1 
ATOM   761  C  CD  . GLU A 1 104 ? 4.934   -5.883  6.111   1.00 16.92 ? 522  GLU A CD  1 
ATOM   762  O  OE1 . GLU A 1 104 ? 4.902   -6.009  7.357   1.00 19.74 ? 522  GLU A OE1 1 
ATOM   763  O  OE2 . GLU A 1 104 ? 5.718   -5.066  5.574   1.00 16.38 ? 522  GLU A OE2 1 
ATOM   764  N  N   . HIS A 1 105 ? 5.979   -8.610  3.451   1.00 12.76 ? 523  HIS A N   1 
ATOM   765  C  CA  . HIS A 1 105 ? 7.414   -8.748  3.231   1.00 11.89 ? 523  HIS A CA  1 
ATOM   766  C  C   . HIS A 1 105 ? 8.084   -7.398  3.501   1.00 14.04 ? 523  HIS A C   1 
ATOM   767  O  O   . HIS A 1 105 ? 8.011   -6.463  2.718   1.00 13.43 ? 523  HIS A O   1 
ATOM   768  C  CB  . HIS A 1 105 ? 7.737   -9.220  1.810   1.00 16.49 ? 523  HIS A CB  1 
ATOM   769  C  CG  . HIS A 1 105 ? 7.202   -10.612 1.580   1.00 17.38 ? 523  HIS A CG  1 
ATOM   770  N  ND1 . HIS A 1 105 ? 7.897   -11.724 1.995   1.00 19.88 ? 523  HIS A ND1 1 
ATOM   771  C  CD2 . HIS A 1 105 ? 6.046   -11.065 1.041   1.00 13.20 ? 523  HIS A CD2 1 
ATOM   772  C  CE1 . HIS A 1 105 ? 7.192   -12.816 1.696   1.00 18.20 ? 523  HIS A CE1 1 
ATOM   773  N  NE2 . HIS A 1 105 ? 6.055   -12.438 1.097   1.00 15.60 ? 523  HIS A NE2 1 
ATOM   774  N  N   . PRO A 1 106 ? 8.680   -7.265  4.678   1.00 15.19 ? 524  PRO A N   1 
ATOM   775  C  CA  . PRO A 1 106 ? 9.206   -6.009  5.203   1.00 21.32 ? 524  PRO A CA  1 
ATOM   776  C  C   . PRO A 1 106 ? 10.202  -5.319  4.253   1.00 17.68 ? 524  PRO A C   1 
ATOM   777  O  O   . PRO A 1 106 ? 10.285  -4.087  4.124   1.00 14.49 ? 524  PRO A O   1 
ATOM   778  C  CB  . PRO A 1 106 ? 9.970   -6.472  6.454   1.00 26.63 ? 524  PRO A CB  1 
ATOM   779  C  CG  . PRO A 1 106 ? 9.370   -7.768  6.872   1.00 31.85 ? 524  PRO A CG  1 
ATOM   780  C  CD  . PRO A 1 106 ? 8.868   -8.422  5.615   1.00 25.56 ? 524  PRO A CD  1 
ATOM   781  N  N   . GLN A 1 107 ? 10.980  -6.113  3.544   1.00 14.61 ? 525  GLN A N   1 
ATOM   782  C  CA  . GLN A 1 107 ? 11.978  -5.554  2.654   1.00 18.87 ? 525  GLN A CA  1 
ATOM   783  C  C   . GLN A 1 107 ? 11.319  -4.745  1.547   1.00 21.86 ? 525  GLN A C   1 
ATOM   784  O  O   . GLN A 1 107 ? 11.963  -3.825  1.017   1.00 20.31 ? 525  GLN A O   1 
ATOM   785  C  CB  . GLN A 1 107 ? 12.847  -6.666  2.037   1.00 22.81 ? 525  GLN A CB  1 
ATOM   786  C  CG  A GLN A 1 107 ? 12.020  -7.771  1.404   0.60 29.15 ? 525  GLN A CG  1 
ATOM   787  C  CG  B GLN A 1 107 ? 13.713  -6.121  0.899   0.40 20.82 ? 525  GLN A CG  1 
ATOM   788  C  CD  A GLN A 1 107 ? 11.679  -8.964  2.268   0.60 19.10 ? 525  GLN A CD  1 
ATOM   789  C  CD  B GLN A 1 107 ? 14.675  -5.051  1.378   0.40 28.52 ? 525  GLN A CD  1 
ATOM   790  O  OE1 A GLN A 1 107 ? 11.342  -8.897  3.458   0.60 14.99 ? 525  GLN A OE1 1 
ATOM   791  O  OE1 B GLN A 1 107 ? 15.103  -4.205  0.593   0.40 22.10 ? 525  GLN A OE1 1 
ATOM   792  N  NE2 A GLN A 1 107 ? 11.747  -10.127 1.570   0.60 16.97 ? 525  GLN A NE2 1 
ATOM   793  N  NE2 B GLN A 1 107 ? 15.027  -5.076  2.659   0.40 35.51 ? 525  GLN A NE2 1 
ATOM   794  N  N   . ALA A 1 108 ? 10.055  -5.070  1.237   1.00 11.88 ? 526  ALA A N   1 
ATOM   795  C  CA  . ALA A 1 108 ? 9.388   -4.357  0.158   1.00 12.20 ? 526  ALA A CA  1 
ATOM   796  C  C   . ALA A 1 108 ? 8.765   -3.057  0.636   1.00 10.97 ? 526  ALA A C   1 
ATOM   797  O  O   . ALA A 1 108 ? 8.219   -2.339  -0.203  1.00 12.51 ? 526  ALA A O   1 
ATOM   798  C  CB  . ALA A 1 108 ? 8.301   -5.177  -0.498  1.00 14.46 ? 526  ALA A CB  1 
ATOM   799  N  N   . ARG A 1 109 ? 8.798   -2.711  1.937   1.00 10.48 ? 527  ARG A N   1 
ATOM   800  C  CA  . ARG A 1 109 ? 8.179   -1.476  2.366   1.00 10.18 ? 527  ARG A CA  1 
ATOM   801  C  C   . ARG A 1 109 ? 8.827   -0.273  1.674   1.00 11.42 ? 527  ARG A C   1 
ATOM   802  O  O   . ARG A 1 109 ? 10.053  -0.214  1.549   1.00 12.26 ? 527  ARG A O   1 
ATOM   803  C  CB  . ARG A 1 109 ? 8.312   -1.244  3.869   1.00 12.37 ? 527  ARG A CB  1 
ATOM   804  C  CG  . ARG A 1 109 ? 7.413   -2.194  4.644   1.00 14.56 ? 527  ARG A CG  1 
ATOM   805  C  CD  . ARG A 1 109 ? 7.475   -1.798  6.132   1.00 15.59 ? 527  ARG A CD  1 
ATOM   806  N  NE  . ARG A 1 109 ? 6.711   -2.791  6.891   1.00 18.05 ? 527  ARG A NE  1 
ATOM   807  C  CZ  . ARG A 1 109 ? 6.192   -2.542  8.101   1.00 15.04 ? 527  ARG A CZ  1 
ATOM   808  N  NH1 . ARG A 1 109 ? 6.403   -1.319  8.589   1.00 15.73 ? 527  ARG A NH1 1 
ATOM   809  N  NH2 . ARG A 1 109 ? 5.511   -3.484  8.724   1.00 15.75 ? 527  ARG A NH2 1 
ATOM   810  N  N   . VAL A 1 110 ? 7.967   0.655   1.294   1.00 9.61  ? 528  VAL A N   1 
ATOM   811  C  CA  . VAL A 1 110 ? 8.437   1.922   0.705   1.00 8.78  ? 528  VAL A CA  1 
ATOM   812  C  C   . VAL A 1 110 ? 8.182   3.000   1.730   1.00 10.17 ? 528  VAL A C   1 
ATOM   813  O  O   . VAL A 1 110 ? 7.046   3.096   2.244   1.00 11.77 ? 528  VAL A O   1 
ATOM   814  C  CB  . VAL A 1 110 ? 7.705   2.186   -0.623  1.00 10.86 ? 528  VAL A CB  1 
ATOM   815  C  CG1 . VAL A 1 110 ? 8.048   3.556   -1.182  1.00 11.38 ? 528  VAL A CG1 1 
ATOM   816  C  CG2 . VAL A 1 110 ? 8.042   1.118   -1.652  1.00 11.40 ? 528  VAL A CG2 1 
ATOM   817  N  N   . THR A 1 111 ? 9.227   3.749   2.077   1.00 10.09 ? 529  THR A N   1 
ATOM   818  C  CA  . THR A 1 111 ? 9.111   4.699   3.184   1.00 10.34 ? 529  THR A CA  1 
ATOM   819  C  C   . THR A 1 111 ? 9.569   6.107   2.787   1.00 13.04 ? 529  THR A C   1 
ATOM   820  O  O   . THR A 1 111 ? 9.769   6.981   3.645   1.00 15.23 ? 529  THR A O   1 
ATOM   821  C  CB  . THR A 1 111 ? 9.902   4.295   4.432   1.00 13.54 ? 529  THR A CB  1 
ATOM   822  O  OG1 . THR A 1 111 ? 11.255  4.001   4.054   1.00 15.53 ? 529  THR A OG1 1 
ATOM   823  C  CG2 . THR A 1 111 ? 9.335   3.031   5.070   1.00 12.50 ? 529  THR A CG2 1 
ATOM   824  N  N   . GLY A 1 112 ? 9.726   6.332   1.501   1.00 15.28 ? 530  GLY A N   1 
ATOM   825  C  CA  . GLY A 1 112 ? 9.912   7.754   1.061   1.00 13.07 ? 530  GLY A CA  1 
ATOM   826  C  C   . GLY A 1 112 ? 9.301   7.851   -0.335  1.00 13.73 ? 530  GLY A C   1 
ATOM   827  O  O   . GLY A 1 112 ? 8.898   6.841   -0.907  1.00 12.18 ? 530  GLY A O   1 
ATOM   828  N  N   . PHE A 1 113 ? 9.240   9.075   -0.899  1.00 13.23 ? 531  PHE A N   1 
ATOM   829  C  CA  . PHE A 1 113 ? 8.756   9.182   -2.259  1.00 9.84  ? 531  PHE A CA  1 
ATOM   830  C  C   . PHE A 1 113 ? 9.591   8.352   -3.195  1.00 10.92 ? 531  PHE A C   1 
ATOM   831  O  O   . PHE A 1 113 ? 10.830  8.300   -3.107  1.00 11.52 ? 531  PHE A O   1 
ATOM   832  C  CB  . PHE A 1 113 ? 8.840   10.686  -2.667  1.00 11.96 ? 531  PHE A CB  1 
ATOM   833  C  CG  . PHE A 1 113 ? 8.496   10.884  -4.137  1.00 11.71 ? 531  PHE A CG  1 
ATOM   834  C  CD1 . PHE A 1 113 ? 7.150   10.867  -4.531  1.00 13.04 ? 531  PHE A CD1 1 
ATOM   835  C  CD2 . PHE A 1 113 ? 9.515   11.071  -5.039  1.00 10.43 ? 531  PHE A CD2 1 
ATOM   836  C  CE1 . PHE A 1 113 ? 6.848   11.032  -5.882  1.00 11.75 ? 531  PHE A CE1 1 
ATOM   837  C  CE2 . PHE A 1 113 ? 9.208   11.234  -6.383  1.00 11.17 ? 531  PHE A CE2 1 
ATOM   838  C  CZ  . PHE A 1 113 ? 7.877   11.203  -6.774  1.00 12.05 ? 531  PHE A CZ  1 
ATOM   839  N  N   . MET A 1 114 ? 8.937   7.755   -4.198  1.00 10.64 ? 532  MET A N   1 
ATOM   840  C  CA  . MET A 1 114 ? 9.589   7.144   -5.337  1.00 11.26 ? 532  MET A CA  1 
ATOM   841  C  C   . MET A 1 114 ? 8.894   7.635   -6.611  1.00 12.25 ? 532  MET A C   1 
ATOM   842  O  O   . MET A 1 114 ? 7.645   7.616   -6.549  1.00 11.82 ? 532  MET A O   1 
ATOM   843  C  CB  . MET A 1 114 ? 9.410   5.616   -5.307  1.00 14.21 ? 532  MET A CB  1 
ATOM   844  C  CG  . MET A 1 114 ? 10.284  4.869   -4.311  1.00 13.52 ? 532  MET A CG  1 
ATOM   845  S  SD  . MET A 1 114 ? 10.026  3.094   -4.560  1.00 14.19 ? 532  MET A SD  1 
ATOM   846  C  CE  . MET A 1 114 ? 11.272  2.502   -3.387  1.00 17.96 ? 532  MET A CE  1 
ATOM   847  N  N   . ASP A 1 115 ? 9.608   7.971   -7.667  1.00 10.37 ? 533  ASP A N   1 
ATOM   848  C  CA  . ASP A 1 115 ? 8.968   8.341   -8.929  1.00 11.79 ? 533  ASP A CA  1 
ATOM   849  C  C   . ASP A 1 115 ? 8.505   7.098   -9.669  1.00 11.41 ? 533  ASP A C   1 
ATOM   850  O  O   . ASP A 1 115 ? 8.650   5.945   -9.204  1.00 12.64 ? 533  ASP A O   1 
ATOM   851  C  CB  . ASP A 1 115 ? 9.922   9.188   -9.795  1.00 13.36 ? 533  ASP A CB  1 
ATOM   852  C  CG  . ASP A 1 115 ? 11.144  8.480   -10.293 1.00 15.31 ? 533  ASP A CG  1 
ATOM   853  O  OD1 . ASP A 1 115 ? 11.351  7.256   -10.195 1.00 17.25 ? 533  ASP A OD1 1 
ATOM   854  O  OD2 . ASP A 1 115 ? 12.022  9.150   -10.903 0.50 13.52 ? 533  ASP A OD2 1 
ATOM   855  N  N   . ALA A 1 116 ? 7.892   7.278   -10.827 1.00 10.50 ? 534  ALA A N   1 
ATOM   856  C  CA  . ALA A 1 116 ? 7.249   6.135   -11.438 1.00 11.53 ? 534  ALA A CA  1 
ATOM   857  C  C   . ALA A 1 116 ? 8.250   5.088   -11.859 1.00 12.17 ? 534  ALA A C   1 
ATOM   858  O  O   . ALA A 1 116 ? 7.991   3.898   -11.709 1.00 12.58 ? 534  ALA A O   1 
ATOM   859  C  CB  . ALA A 1 116 ? 6.463   6.648   -12.650 1.00 13.09 ? 534  ALA A CB  1 
ATOM   860  N  N   . GLU A 1 117 ? 9.378   5.465   -12.412 1.00 11.79 ? 535  GLU A N   1 
ATOM   861  C  CA  . GLU A 1 117 ? 10.329  4.446   -12.884 1.00 13.88 ? 535  GLU A CA  1 
ATOM   862  C  C   . GLU A 1 117 ? 10.843  3.637   -11.703 1.00 12.78 ? 535  GLU A C   1 
ATOM   863  O  O   . GLU A 1 117 ? 10.888  2.383   -11.758 1.00 13.34 ? 535  GLU A O   1 
ATOM   864  C  CB  . GLU A 1 117 ? 11.459  5.125   -13.663 1.00 16.88 ? 535  GLU A CB  1 
ATOM   865  C  CG  . GLU A 1 117 ? 12.493  4.129   -14.181 1.00 20.49 ? 535  GLU A CG  1 
ATOM   866  C  CD  A GLU A 1 117 ? 13.917  4.564   -13.871 0.70 39.69 ? 535  GLU A CD  1 
ATOM   867  C  CD  B GLU A 1 117 ? 13.742  4.851   -14.665 0.30 33.21 ? 535  GLU A CD  1 
ATOM   868  O  OE1 A GLU A 1 117 ? 14.776  3.680   -13.645 0.70 55.41 ? 535  GLU A OE1 1 
ATOM   869  O  OE1 B GLU A 1 117 ? 13.792  5.192   -15.865 0.30 16.82 ? 535  GLU A OE1 1 
ATOM   870  O  OE2 A GLU A 1 117 ? 14.209  5.781   -13.859 0.70 32.48 ? 535  GLU A OE2 1 
ATOM   871  O  OE2 B GLU A 1 117 ? 14.663  5.080   -13.853 0.30 39.22 ? 535  GLU A OE2 1 
ATOM   872  N  N   . THR A 1 118 ? 11.188  4.320   -10.628 1.00 10.24 ? 536  THR A N   1 
ATOM   873  C  CA  . THR A 1 118 ? 11.719  3.593   -9.461  1.00 12.39 ? 536  THR A CA  1 
ATOM   874  C  C   . THR A 1 118 ? 10.637  2.747   -8.801  1.00 11.40 ? 536  THR A C   1 
ATOM   875  O  O   . THR A 1 118 ? 10.912  1.578   -8.405  1.00 11.20 ? 536  THR A O   1 
ATOM   876  C  CB  . THR A 1 118 ? 12.338  4.583   -8.472  1.00 15.32 ? 536  THR A CB  1 
ATOM   877  O  OG1 A THR A 1 118 ? 13.300  5.384   -9.178  0.70 13.94 ? 536  THR A OG1 1 
ATOM   878  O  OG1 B THR A 1 118 ? 12.812  3.992   -7.248  0.30 15.49 ? 536  THR A OG1 1 
ATOM   879  C  CG2 A THR A 1 118 ? 13.088  3.890   -7.347  0.70 28.95 ? 536  THR A CG2 1 
ATOM   880  C  CG2 B THR A 1 118 ? 11.273  5.536   -8.006  0.30 15.19 ? 536  THR A CG2 1 
ATOM   881  N  N   . PHE A 1 119 ? 9.430   3.283   -8.699  1.00 9.50  ? 537  PHE A N   1 
ATOM   882  C  CA  . PHE A 1 119 ? 8.349   2.493   -8.087  1.00 9.71  ? 537  PHE A CA  1 
ATOM   883  C  C   . PHE A 1 119 ? 8.006   1.289   -8.941  1.00 10.03 ? 537  PHE A C   1 
ATOM   884  O  O   . PHE A 1 119 ? 7.775   0.200   -8.416  1.00 9.19  ? 537  PHE A O   1 
ATOM   885  C  CB  . PHE A 1 119 ? 7.118   3.396   -7.925  1.00 9.17  ? 537  PHE A CB  1 
ATOM   886  C  CG  . PHE A 1 119 ? 6.034   2.775   -7.037  1.00 9.51  ? 537  PHE A CG  1 
ATOM   887  C  CD1 . PHE A 1 119 ? 6.304   2.550   -5.685  1.00 10.93 ? 537  PHE A CD1 1 
ATOM   888  C  CD2 . PHE A 1 119 ? 4.813   2.421   -7.562  1.00 10.40 ? 537  PHE A CD2 1 
ATOM   889  C  CE1 . PHE A 1 119 ? 5.298   1.966   -4.904  1.00 10.35 ? 537  PHE A CE1 1 
ATOM   890  C  CE2 . PHE A 1 119 ? 3.797   1.880   -6.788  1.00 11.54 ? 537  PHE A CE2 1 
ATOM   891  C  CZ  . PHE A 1 119 ? 4.069   1.648   -5.464  1.00 11.29 ? 537  PHE A CZ  1 
ATOM   892  N  N   . SER A 1 120 ? 7.980   1.469   -10.265 1.00 11.35 ? 538  SER A N   1 
ATOM   893  C  CA  . SER A 1 120 ? 7.725   0.325   -11.152 1.00 12.27 ? 538  SER A CA  1 
ATOM   894  C  C   . SER A 1 120 ? 8.770   -0.751  -10.996 1.00 10.38 ? 538  SER A C   1 
ATOM   895  O  O   . SER A 1 120 ? 8.467   -1.959  -11.031 1.00 11.84 ? 538  SER A O   1 
ATOM   896  C  CB  . SER A 1 120 ? 7.666   0.803   -12.617 1.00 11.61 ? 538  SER A CB  1 
ATOM   897  O  OG  . SER A 1 120 ? 6.525   1.638   -12.777 1.00 15.90 ? 538  SER A OG  1 
ATOM   898  N  N   . ALA A 1 121 ? 10.022  -0.376  -10.879 1.00 10.60 ? 539  ALA A N   1 
ATOM   899  C  CA  . ALA A 1 121 ? 11.101  -1.330  -10.682 1.00 11.40 ? 539  ALA A CA  1 
ATOM   900  C  C   . ALA A 1 121 ? 10.942  -2.035  -9.338  1.00 12.02 ? 539  ALA A C   1 
ATOM   901  O  O   . ALA A 1 121 ? 11.159  -3.247  -9.219  1.00 12.39 ? 539  ALA A O   1 
ATOM   902  C  CB  . ALA A 1 121 ? 12.438  -0.603  -10.788 1.00 13.81 ? 539  ALA A CB  1 
ATOM   903  N  N   . HIS A 1 122 ? 10.490  -1.296  -8.318  1.00 10.49 ? 540  HIS A N   1 
ATOM   904  C  CA  . HIS A 1 122 ? 10.222  -1.905  -7.031  1.00 10.92 ? 540  HIS A CA  1 
ATOM   905  C  C   . HIS A 1 122 ? 9.110   -2.941  -7.121  1.00 10.18 ? 540  HIS A C   1 
ATOM   906  O  O   . HIS A 1 122 ? 9.197   -4.027  -6.533  1.00 12.67 ? 540  HIS A O   1 
ATOM   907  C  CB  . HIS A 1 122 ? 9.860   -0.769  -6.049  1.00 12.31 ? 540  HIS A CB  1 
ATOM   908  C  CG  . HIS A 1 122 ? 9.739   -1.229  -4.636  1.00 11.86 ? 540  HIS A CG  1 
ATOM   909  N  ND1 . HIS A 1 122 ? 10.853  -1.384  -3.829  1.00 15.73 ? 540  HIS A ND1 1 
ATOM   910  C  CD2 . HIS A 1 122 ? 8.630   -1.543  -3.906  1.00 12.27 ? 540  HIS A CD2 1 
ATOM   911  C  CE1 . HIS A 1 122 ? 10.413  -1.785  -2.632  1.00 15.53 ? 540  HIS A CE1 1 
ATOM   912  N  NE2 . HIS A 1 122 ? 9.092   -1.902  -2.665  1.00 14.46 ? 540  HIS A NE2 1 
ATOM   913  N  N   . LEU A 1 123 ? 8.056   -2.634  -7.882  1.00 10.85 ? 541  LEU A N   1 
ATOM   914  C  CA  . LEU A 1 123 ? 6.951   -3.591  -8.038  1.00 11.90 ? 541  LEU A CA  1 
ATOM   915  C  C   . LEU A 1 123 ? 7.430   -4.880  -8.676  1.00 13.45 ? 541  LEU A C   1 
ATOM   916  O  O   . LEU A 1 123 ? 7.067   -6.002  -8.279  1.00 14.52 ? 541  LEU A O   1 
ATOM   917  C  CB  . LEU A 1 123 ? 5.799   -2.995  -8.863  1.00 12.20 ? 541  LEU A CB  1 
ATOM   918  C  CG  . LEU A 1 123 ? 5.079   -1.804  -8.205  1.00 11.54 ? 541  LEU A CG  1 
ATOM   919  C  CD1 . LEU A 1 123 ? 4.013   -1.252  -9.125  1.00 12.78 ? 541  LEU A CD1 1 
ATOM   920  C  CD2 . LEU A 1 123 ? 4.463   -2.217  -6.864  1.00 12.93 ? 541  LEU A CD2 1 
ATOM   921  N  N   . ARG A 1 124 ? 8.268   -4.697  -9.703  1.00 16.47 ? 542  ARG A N   1 
ATOM   922  C  CA  . ARG A 1 124 ? 8.814   -5.833  -10.465 1.00 16.69 ? 542  ARG A CA  1 
ATOM   923  C  C   . ARG A 1 124 ? 9.625   -6.750  -9.571  1.00 17.56 ? 542  ARG A C   1 
ATOM   924  O  O   . ARG A 1 124 ? 9.649   -7.980  -9.784  1.00 19.38 ? 542  ARG A O   1 
ATOM   925  C  CB  . ARG A 1 124 ? 9.571   -5.220  -11.652 1.00 14.96 ? 542  ARG A CB  1 
ATOM   926  C  CG  . ARG A 1 124 ? 10.420  -6.170  -12.448 1.00 21.28 ? 542  ARG A CG  1 
ATOM   927  C  CD  . ARG A 1 124 ? 10.801  -5.549  -13.765 1.00 18.57 ? 542  ARG A CD  1 
ATOM   928  N  NE  . ARG A 1 124 ? 11.484  -4.272  -13.750 1.00 16.58 ? 542  ARG A NE  1 
ATOM   929  C  CZ  . ARG A 1 124 ? 10.990  -3.144  -14.253 1.00 21.06 ? 542  ARG A CZ  1 
ATOM   930  N  NH1 . ARG A 1 124 ? 9.773   -3.081  -14.805 1.00 20.47 ? 542  ARG A NH1 1 
ATOM   931  N  NH2 . ARG A 1 124 ? 11.688  -2.013  -14.216 1.00 18.13 ? 542  ARG A NH2 1 
ATOM   932  N  N   . ASP A 1 125 ? 10.290  -6.267  -8.540  1.00 17.70 ? 543  ASP A N   1 
ATOM   933  C  CA  . ASP A 1 125 ? 11.119  -6.943  -7.568  1.00 18.68 ? 543  ASP A CA  1 
ATOM   934  C  C   . ASP A 1 125 ? 10.378  -7.692  -6.488  1.00 19.27 ? 543  ASP A C   1 
ATOM   935  O  O   . ASP A 1 125 ? 11.014  -8.399  -5.693  1.00 24.45 ? 543  ASP A O   1 
ATOM   936  C  CB  . ASP A 1 125 ? 12.079  -5.935  -6.877  1.00 21.61 ? 543  ASP A CB  1 
ATOM   937  C  CG  . ASP A 1 125 ? 13.523  -6.245  -7.220  0.50 31.97 ? 543  ASP A CG  1 
ATOM   938  O  OD1 . ASP A 1 125 ? 14.052  -5.583  -8.133  0.50 42.20 ? 543  ASP A OD1 1 
ATOM   939  O  OD2 . ASP A 1 125 ? 14.141  -7.144  -6.610  0.50 44.74 ? 543  ASP A OD2 1 
ATOM   940  N  N   . ARG A 1 126 ? 9.047   -7.592  -6.411  1.00 16.98 ? 544  ARG A N   1 
ATOM   941  C  CA  . ARG A 1 126 ? 8.242   -8.340  -5.447  1.00 14.88 ? 544  ARG A CA  1 
ATOM   942  C  C   . ARG A 1 126 ? 8.391   -9.833  -5.641  1.00 21.24 ? 544  ARG A C   1 
ATOM   943  O  O   . ARG A 1 126 ? 8.743   -10.276 -6.739  1.00 18.44 ? 544  ARG A O   1 
ATOM   944  C  CB  . ARG A 1 126 ? 6.751   -7.980  -5.641  1.00 12.53 ? 544  ARG A CB  1 
ATOM   945  C  CG  . ARG A 1 126 ? 6.388   -6.578  -5.107  1.00 13.84 ? 544  ARG A CG  1 
ATOM   946  C  CD  . ARG A 1 126 ? 4.890   -6.374  -5.238  1.00 14.31 ? 544  ARG A CD  1 
ATOM   947  N  NE  . ARG A 1 126 ? 4.542   -6.209  -6.672  1.00 12.69 ? 544  ARG A NE  1 
ATOM   948  C  CZ  . ARG A 1 126 ? 3.288   -6.115  -7.101  1.00 16.49 ? 544  ARG A CZ  1 
ATOM   949  N  NH1 . ARG A 1 126 ? 2.278   -6.176  -6.206  1.00 15.41 ? 544  ARG A NH1 1 
ATOM   950  N  NH2 . ARG A 1 126 ? 3.037   -5.968  -8.389  1.00 17.37 ? 544  ARG A NH2 1 
ATOM   951  N  N   . GLN A 1 127 ? 8.071   -10.618 -4.629  1.00 20.31 ? 545  GLN A N   1 
ATOM   952  C  CA  . GLN A 1 127 ? 7.957   -12.058 -4.765  1.00 19.50 ? 545  GLN A CA  1 
ATOM   953  C  C   . GLN A 1 127 ? 7.030   -12.438 -5.907  1.00 22.97 ? 545  GLN A C   1 
ATOM   954  O  O   . GLN A 1 127 ? 5.982   -11.782 -6.046  1.00 25.56 ? 545  GLN A O   1 
ATOM   955  C  CB  . GLN A 1 127 ? 7.408   -12.630 -3.452  1.00 26.68 ? 545  GLN A CB  1 
ATOM   956  C  CG  . GLN A 1 127 ? 6.879   -14.055 -3.568  1.00 36.67 ? 545  GLN A CG  1 
ATOM   957  C  CD  . GLN A 1 127 ? 6.460   -14.545 -2.184  1.00 30.46 ? 545  GLN A CD  1 
ATOM   958  O  OE1 . GLN A 1 127 ? 7.279   -14.635 -1.261  1.00 33.22 ? 545  GLN A OE1 1 
ATOM   959  N  NE2 . GLN A 1 127 ? 5.182   -14.834 -2.030  1.00 36.40 ? 545  GLN A NE2 1 
ATOM   960  N  N   . PRO A 1 128 ? 7.329   -13.432 -6.731  1.00 18.31 ? 546  PRO A N   1 
ATOM   961  C  CA  . PRO A 1 128 ? 6.434   -13.784 -7.844  1.00 16.61 ? 546  PRO A CA  1 
ATOM   962  C  C   . PRO A 1 128 ? 5.005   -14.028 -7.390  1.00 17.64 ? 546  PRO A C   1 
ATOM   963  O  O   . PRO A 1 128 ? 4.819   -14.650 -6.343  1.00 26.34 ? 546  PRO A O   1 
ATOM   964  C  CB  . PRO A 1 128 ? 7.071   -15.088 -8.366  1.00 20.83 ? 546  PRO A CB  1 
ATOM   965  C  CG  . PRO A 1 128 ? 8.521   -14.872 -8.115  1.00 23.70 ? 546  PRO A CG  1 
ATOM   966  C  CD  . PRO A 1 128 ? 8.559   -14.269 -6.730  1.00 20.61 ? 546  PRO A CD  1 
ATOM   967  N  N   . HIS A 1 129 ? 3.991   -13.561 -8.110  1.00 26.18 ? 547  HIS A N   1 
ATOM   968  C  CA  . HIS A 1 129 ? 2.613   -13.694 -7.629  1.00 30.78 ? 547  HIS A CA  1 
ATOM   969  C  C   . HIS A 1 129 ? 1.646   -14.169 -8.707  1.00 39.01 ? 547  HIS A C   1 
ATOM   970  O  O   . HIS A 1 129 ? 0.443   -13.883 -8.608  1.00 74.79 ? 547  HIS A O   1 
ATOM   971  C  CB  . HIS A 1 129 ? 2.034   -12.362 -7.108  1.00 31.08 ? 547  HIS A CB  1 
ATOM   972  C  CG  . HIS A 1 129 ? 1.967   -11.317 -8.180  0.50 22.27 ? 547  HIS A CG  1 
ATOM   973  N  ND1 . HIS A 1 129 ? 0.842   -10.986 -8.893  0.50 30.47 ? 547  HIS A ND1 1 
ATOM   974  C  CD2 . HIS A 1 129 ? 2.951   -10.525 -8.663  0.50 27.55 ? 547  HIS A CD2 1 
ATOM   975  C  CE1 . HIS A 1 129 ? 1.132   -10.041 -9.762  0.50 30.55 ? 547  HIS A CE1 1 
ATOM   976  N  NE2 . HIS A 1 129 ? 2.409   -9.733  -9.645  0.50 20.74 ? 547  HIS A NE2 1 
ATOM   977  N  N   . HIS A 1 130 ? 2.129   -14.858 -9.725  1.00 24.29 ? 548  HIS A N   1 
ATOM   978  C  CA  . HIS A 1 130 ? 1.193   -15.396 -10.721 1.00 32.48 ? 548  HIS A CA  1 
ATOM   979  C  C   . HIS A 1 130 ? 0.904   -16.865 -10.444 1.00 26.80 ? 548  HIS A C   1 
ATOM   980  O  O   . HIS A 1 130 ? 1.803   -17.635 -10.093 1.00 31.74 ? 548  HIS A O   1 
ATOM   981  C  CB  . HIS A 1 130 ? 1.746   -15.161 -12.128 1.00 30.18 ? 548  HIS A CB  1 
ATOM   982  C  CG  A HIS A 1 130 ? 2.171   -13.750 -12.401 0.50 45.18 ? 548  HIS A CG  1 
ATOM   983  C  CG  B HIS A 1 130 ? 1.922   -13.699 -12.425 0.50 44.72 ? 548  HIS A CG  1 
ATOM   984  N  ND1 A HIS A 1 130 ? 1.399   -12.655 -12.078 0.50 47.21 ? 548  HIS A ND1 1 
ATOM   985  N  ND1 B HIS A 1 130 ? 3.151   -13.081 -12.468 0.50 47.40 ? 548  HIS A ND1 1 
ATOM   986  C  CD2 A HIS A 1 130 ? 3.301   -13.253 -12.968 0.50 46.96 ? 548  HIS A CD2 1 
ATOM   987  C  CD2 B HIS A 1 130 ? 1.015   -12.725 -12.688 0.50 46.27 ? 548  HIS A CD2 1 
ATOM   988  C  CE1 A HIS A 1 130 ? 2.024   -11.545 -12.435 0.50 48.20 ? 548  HIS A CE1 1 
ATOM   989  C  CE1 B HIS A 1 130 ? 3.001   -11.798 -12.747 0.50 46.98 ? 548  HIS A CE1 1 
ATOM   990  N  NE2 A HIS A 1 130 ? 3.183   -11.881 -12.977 0.50 47.63 ? 548  HIS A NE2 1 
ATOM   991  N  NE2 B HIS A 1 130 ? 1.710   -11.554 -12.883 0.50 48.08 ? 548  HIS A NE2 1 
ATOM   992  N  N   . HIS A 1 131 ? -0.354  -17.263 -10.599 1.00 21.76 ? 549  HIS A N   1 
ATOM   993  C  CA  . HIS A 1 131 ? -0.734  -18.669 -10.520 1.00 24.11 ? 549  HIS A CA  1 
ATOM   994  C  C   . HIS A 1 131 ? -0.549  -19.338 -11.890 1.00 36.46 ? 549  HIS A C   1 
ATOM   995  O  O   . HIS A 1 131 ? -0.420  -18.722 -12.950 1.00 35.96 ? 549  HIS A O   1 
ATOM   996  C  CB  . HIS A 1 131 ? -2.184  -18.916 -10.137 1.00 31.45 ? 549  HIS A CB  1 
ATOM   997  C  CG  A HIS A 1 131 ? -2.548  -18.652 -8.715  0.50 38.26 ? 549  HIS A CG  1 
ATOM   998  C  CG  B HIS A 1 131 ? -2.599  -18.667 -8.728  0.50 38.14 ? 549  HIS A CG  1 
ATOM   999  N  ND1 A HIS A 1 131 ? -2.202  -17.497 -8.047  0.50 44.36 ? 549  HIS A ND1 1 
ATOM   1000 C  CD2 A HIS A 1 131 ? -3.240  -19.399 -7.822  0.50 36.13 ? 549  HIS A CD2 1 
ATOM   1001 C  CD2 B HIS A 1 131 ? -2.707  -17.533 -7.991  0.50 44.25 ? 549  HIS A CD2 1 
ATOM   1002 C  CE1 A HIS A 1 131 ? -2.665  -17.556 -6.808  0.50 44.99 ? 549  HIS A CE1 1 
ATOM   1003 C  CE1 B HIS A 1 131 ? -3.309  -19.203 -6.704  0.50 39.94 ? 549  HIS A CE1 1 
ATOM   1004 N  NE2 A HIS A 1 131 ? -3.303  -18.701 -6.645  0.50 41.49 ? 549  HIS A NE2 1 
ATOM   1005 N  NE2 B HIS A 1 131 ? -3.145  -17.890 -6.737  0.50 44.31 ? 549  HIS A NE2 1 
ATOM   1006 N  N   . HIS A 1 132 ? -0.568  -20.663 -11.780 1.00 31.60 ? 550  HIS A N   1 
ATOM   1007 C  CA  . HIS A 1 132 ? -0.562  -21.520 -12.961 1.00 46.62 ? 550  HIS A CA  1 
ATOM   1008 C  C   . HIS A 1 132 ? -1.464  -22.722 -12.611 1.00 54.86 ? 550  HIS A C   1 
ATOM   1009 O  O   . HIS A 1 132 ? -2.325  -22.492 -11.718 1.00 65.42 ? 550  HIS A O   1 
ATOM   1010 C  CB  . HIS A 1 132 ? 0.820   -21.955 -13.404 1.00 42.79 ? 550  HIS A CB  1 
ATOM   1011 C  CG  . HIS A 1 132 ? 1.970   -21.005 -13.424 1.00 31.44 ? 550  HIS A CG  1 
ATOM   1012 N  ND1 . HIS A 1 132 ? 2.471   -20.424 -14.567 1.00 29.29 ? 550  HIS A ND1 1 
ATOM   1013 C  CD2 . HIS A 1 132 ? 2.779   -20.543 -12.431 1.00 43.53 ? 550  HIS A CD2 1 
ATOM   1014 C  CE1 . HIS A 1 132 ? 3.502   -19.642 -14.280 1.00 27.29 ? 550  HIS A CE1 1 
ATOM   1015 N  NE2 . HIS A 1 132 ? 3.709   -19.695 -12.971 1.00 25.81 ? 550  HIS A NE2 1 
HETATM 1016 I  I   A IOD B 2 .   ? -3.678  8.656   -3.338  0.35 20.43 ? 1001 IOD A I   1 
HETATM 1017 I  I   B IOD B 2 .   ? -4.160  7.898   -6.399  0.48 19.88 ? 1001 IOD A I   1 
HETATM 1018 I  I   A IOD C 2 .   ? 4.864   -9.106  -2.060  0.65 13.66 ? 1002 IOD A I   1 
HETATM 1019 I  I   B IOD C 2 .   ? 6.420   -8.759  -1.769  0.15 18.48 ? 1002 IOD A I   1 
HETATM 1020 I  I   A IOD D 2 .   ? 2.115   -16.198 -3.472  0.33 17.22 ? 1003 IOD A I   1 
HETATM 1021 I  I   B IOD D 2 .   ? 0.061   -15.221 -5.644  0.20 22.30 ? 1003 IOD A I   1 
HETATM 1022 I  I   . IOD E 2 .   ? -9.502  -3.329  15.313  0.25 29.23 ? 1005 IOD A I   1 
HETATM 1023 I  I   . IOD F 2 .   ? -3.007  -20.605 5.199   0.25 27.88 ? 1006 IOD A I   1 
HETATM 1024 I  I   A IOD G 2 .   ? -2.249  -28.471 -12.021 0.20 24.57 ? 1010 IOD A I   1 
HETATM 1025 I  I   B IOD G 2 .   ? -0.696  -26.830 -11.598 0.10 22.52 ? 1010 IOD A I   1 
HETATM 1026 I  I   . IOD H 2 .   ? 13.799  7.307   -16.477 0.21 31.48 ? 1013 IOD A I   1 
HETATM 1027 NA NA  A NA  I 3 .   ? 8.223   -9.052  -1.821  0.65 24.81 ? 1101 NA  A NA  1 
HETATM 1028 NA NA  . NA  J 3 .   ? -10.810 -11.475 9.675   1.00 25.94 ? 1102 NA  A NA  1 
HETATM 1029 O  O   . HOH K 4 .   ? -14.242 6.951   -9.758  0.85 39.36 ? 1    HOH A O   1 
HETATM 1030 O  O   . HOH K 4 .   ? -7.761  9.530   9.874   1.00 13.19 ? 2    HOH A O   1 
HETATM 1031 O  O   . HOH K 4 .   ? -5.139  4.032   19.897  1.00 12.51 ? 3    HOH A O   1 
HETATM 1032 O  O   . HOH K 4 .   ? -7.317  15.051  14.315  1.00 15.42 ? 4    HOH A O   1 
HETATM 1033 O  O   . HOH K 4 .   ? 5.946   -4.559  2.847   1.00 12.25 ? 5    HOH A O   1 
HETATM 1034 O  O   . HOH K 4 .   ? 2.184   -7.067  -3.284  1.00 12.24 ? 6    HOH A O   1 
HETATM 1035 O  O   . HOH K 4 .   ? 9.527   0.510   16.130  1.00 15.61 ? 7    HOH A O   1 
HETATM 1036 O  O   . HOH K 4 .   ? 11.243  8.499   -15.356 1.00 30.53 ? 8    HOH A O   1 
HETATM 1037 O  O   . HOH K 4 .   ? -6.811  4.147   9.651   1.00 14.40 ? 9    HOH A O   1 
HETATM 1038 O  O   . HOH K 4 .   ? -3.267  -11.948 -0.242  1.00 17.27 ? 10   HOH A O   1 
HETATM 1039 O  O   . HOH K 4 .   ? -9.628  -16.444 3.022   1.00 15.96 ? 11   HOH A O   1 
HETATM 1040 O  O   . HOH K 4 .   ? -8.177  7.887   1.570   1.00 22.02 ? 12   HOH A O   1 
HETATM 1041 O  O   . HOH K 4 .   ? -7.284  -0.024  14.349  1.00 14.49 ? 13   HOH A O   1 
HETATM 1042 O  O   . HOH K 4 .   ? 8.231   0.853   8.226   1.00 18.84 ? 14   HOH A O   1 
HETATM 1043 O  O   . HOH K 4 .   ? -0.677  8.771   -1.633  1.00 19.97 ? 15   HOH A O   1 
HETATM 1044 O  O   . HOH K 4 .   ? -2.133  -1.678  18.083  1.00 19.00 ? 16   HOH A O   1 
HETATM 1045 O  O   . HOH K 4 .   ? -12.347 -4.901  5.426   1.00 25.30 ? 17   HOH A O   1 
HETATM 1046 O  O   . HOH K 4 .   ? 11.189  0.931   -14.135 1.00 19.62 ? 18   HOH A O   1 
HETATM 1047 O  O   . HOH K 4 .   ? 12.808  8.348   -7.118  1.00 19.60 ? 19   HOH A O   1 
HETATM 1048 O  O   . HOH K 4 .   ? -4.379  -12.828 2.111   1.00 17.08 ? 20   HOH A O   1 
HETATM 1049 O  O   . HOH K 4 .   ? -5.592  -2.258  -9.260  1.00 20.45 ? 21   HOH A O   1 
HETATM 1050 O  O   . HOH K 4 .   ? 6.554   14.453  3.127   1.00 14.25 ? 22   HOH A O   1 
HETATM 1051 O  O   . HOH K 4 .   ? 6.942   5.560   -16.183 1.00 17.74 ? 23   HOH A O   1 
HETATM 1052 O  O   . HOH K 4 .   ? -9.602  -7.243  -0.126  1.00 14.67 ? 24   HOH A O   1 
HETATM 1053 O  O   . HOH K 4 .   ? -8.269  4.836   7.312   1.00 20.50 ? 25   HOH A O   1 
HETATM 1054 O  O   . HOH K 4 .   ? 11.665  3.179   0.436   1.00 17.19 ? 26   HOH A O   1 
HETATM 1055 O  O   . HOH K 4 .   ? -2.404  -4.037  -16.913 1.00 19.71 ? 27   HOH A O   1 
HETATM 1056 O  O   . HOH K 4 .   ? 10.333  2.717   -16.070 1.00 23.52 ? 28   HOH A O   1 
HETATM 1057 O  O   . HOH K 4 .   ? -4.352  -2.104  -19.883 1.00 23.38 ? 29   HOH A O   1 
HETATM 1058 O  O   . HOH K 4 .   ? -7.693  17.227  5.687   1.00 20.79 ? 30   HOH A O   1 
HETATM 1059 O  O   . HOH K 4 .   ? -11.250 4.577   -2.207  1.00 26.43 ? 31   HOH A O   1 
HETATM 1060 O  O   . HOH K 4 .   ? 8.354   6.949   6.210   1.00 19.39 ? 32   HOH A O   1 
HETATM 1061 O  O   . HOH K 4 .   ? -3.045  9.518   -8.727  1.00 21.08 ? 33   HOH A O   1 
HETATM 1062 O  O   . HOH K 4 .   ? -2.668  10.307  -15.340 1.00 20.07 ? 34   HOH A O   1 
HETATM 1063 O  O   . HOH K 4 .   ? 6.419   -3.413  -12.609 1.00 17.08 ? 35   HOH A O   1 
HETATM 1064 O  O   . HOH K 4 .   ? -1.374  9.961   11.469  1.00 21.69 ? 36   HOH A O   1 
HETATM 1065 O  O   . HOH K 4 .   ? -10.960 -9.086  11.218  1.00 20.08 ? 37   HOH A O   1 
HETATM 1066 O  O   . HOH K 4 .   ? 12.862  4.835   5.914   1.00 27.27 ? 38   HOH A O   1 
HETATM 1067 O  O   . HOH K 4 .   ? 1.429   7.316   -0.601  1.00 26.57 ? 39   HOH A O   1 
HETATM 1068 O  O   . HOH K 4 .   ? 6.527   18.785  -4.461  1.00 27.40 ? 40   HOH A O   1 
HETATM 1069 O  O   . HOH K 4 .   ? -13.393 -2.493  12.683  1.00 21.89 ? 41   HOH A O   1 
HETATM 1070 O  O   . HOH K 4 .   ? -6.300  -11.928 7.698   1.00 28.61 ? 42   HOH A O   1 
HETATM 1071 O  O   A HOH K 4 .   ? 11.656  1.150   3.484   0.60 15.96 ? 43   HOH A O   1 
HETATM 1072 O  O   B HOH K 4 .   ? 13.540  1.688   2.152   0.20 10.81 ? 43   HOH A O   1 
HETATM 1073 O  O   C HOH K 4 .   ? 12.566  2.109   3.104   0.20 7.73  ? 43   HOH A O   1 
HETATM 1074 O  O   . HOH K 4 .   ? -6.852  -5.720  -8.704  1.00 28.03 ? 44   HOH A O   1 
HETATM 1075 O  O   . HOH K 4 .   ? -8.001  -3.261  -5.695  1.00 19.19 ? 45   HOH A O   1 
HETATM 1076 O  O   . HOH K 4 .   ? -2.666  -12.246 6.431   1.00 40.38 ? 46   HOH A O   1 
HETATM 1077 O  O   . HOH K 4 .   ? 9.827   8.298   -13.556 1.00 20.97 ? 47   HOH A O   1 
HETATM 1078 O  O   . HOH K 4 .   ? 5.337   -17.852 -6.812  1.00 36.77 ? 48   HOH A O   1 
HETATM 1079 O  O   A HOH K 4 .   ? 0.392   -6.336  -9.872  0.50 14.75 ? 49   HOH A O   1 
HETATM 1080 O  O   B HOH K 4 .   ? -0.717  -6.098  -10.548 0.50 16.06 ? 49   HOH A O   1 
HETATM 1081 O  O   . HOH K 4 .   ? -13.376 -1.762  3.160   1.00 21.58 ? 50   HOH A O   1 
HETATM 1082 O  O   . HOH K 4 .   ? -13.578 5.504   12.565  1.00 44.05 ? 51   HOH A O   1 
HETATM 1083 O  O   . HOH K 4 .   ? -1.274  15.514  -5.632  1.00 30.45 ? 52   HOH A O   1 
HETATM 1084 O  O   . HOH K 4 .   ? -9.932  6.608   -9.946  1.00 32.80 ? 53   HOH A O   1 
HETATM 1085 O  O   . HOH K 4 .   ? 13.094  7.686   -4.709  1.00 29.01 ? 54   HOH A O   1 
HETATM 1086 O  O   . HOH K 4 .   ? 10.095  -4.889  -4.023  1.00 21.89 ? 55   HOH A O   1 
HETATM 1087 O  O   . HOH K 4 .   ? -7.654  -1.591  -7.715  1.00 23.51 ? 56   HOH A O   1 
HETATM 1088 O  O   . HOH K 4 .   ? 4.655   -1.357  16.986  1.00 33.77 ? 57   HOH A O   1 
HETATM 1089 O  O   . HOH K 4 .   ? -10.819 -7.282  -4.326  1.00 40.39 ? 58   HOH A O   1 
HETATM 1090 O  O   . HOH K 4 .   ? -8.555  14.817  0.598   1.00 27.90 ? 59   HOH A O   1 
HETATM 1091 O  O   . HOH K 4 .   ? 9.802   -13.655 -0.629  1.00 29.14 ? 60   HOH A O   1 
HETATM 1092 O  O   . HOH K 4 .   ? -15.435 -4.737  11.824  1.00 49.57 ? 61   HOH A O   1 
HETATM 1093 O  O   A HOH K 4 .   ? 7.641   9.911   -12.419 0.75 16.87 ? 62   HOH A O   1 
HETATM 1094 O  O   B HOH K 4 .   ? 7.367   10.211  -11.226 0.25 6.37  ? 62   HOH A O   1 
HETATM 1095 O  O   . HOH K 4 .   ? 4.261   -16.617 1.864   1.00 24.10 ? 63   HOH A O   1 
HETATM 1096 O  O   . HOH K 4 .   ? 12.373  7.202   -1.054  1.00 22.54 ? 64   HOH A O   1 
HETATM 1097 O  O   . HOH K 4 .   ? -9.047  4.637   4.848   1.00 21.69 ? 65   HOH A O   1 
HETATM 1098 O  O   . HOH K 4 .   ? 13.408  0.480   -7.218  1.00 25.03 ? 66   HOH A O   1 
HETATM 1099 O  O   . HOH K 4 .   ? -5.166  9.201   18.587  1.00 20.83 ? 67   HOH A O   1 
HETATM 1100 O  O   A HOH K 4 .   ? 3.980   -11.183 -4.371  0.65 18.04 ? 68   HOH A O   1 
HETATM 1101 O  O   B HOH K 4 .   ? 4.291   -9.731  -3.359  0.15 4.92  ? 68   HOH A O   1 
HETATM 1102 O  O   . HOH K 4 .   ? 11.232  8.894   4.563   1.00 25.17 ? 69   HOH A O   1 
HETATM 1103 O  O   . HOH K 4 .   ? -10.378 -15.417 -0.133  1.00 21.48 ? 70   HOH A O   1 
HETATM 1104 O  O   . HOH K 4 .   ? -4.249  -3.835  17.484  1.00 29.11 ? 71   HOH A O   1 
HETATM 1105 O  O   . HOH K 4 .   ? -9.942  16.926  7.049   1.00 22.19 ? 72   HOH A O   1 
HETATM 1106 O  O   . HOH K 4 .   ? 0.093   -3.417  18.367  1.00 22.61 ? 73   HOH A O   1 
HETATM 1107 O  O   . HOH K 4 .   ? 9.316   5.261   8.096   1.00 18.39 ? 74   HOH A O   1 
HETATM 1108 O  O   . HOH K 4 .   ? -9.746  5.361   -4.246  1.00 31.21 ? 75   HOH A O   1 
HETATM 1109 O  O   . HOH K 4 .   ? 4.724   -5.530  -11.319 1.00 21.76 ? 76   HOH A O   1 
HETATM 1110 O  O   . HOH K 4 .   ? -2.835  2.578   19.886  1.00 20.97 ? 77   HOH A O   1 
HETATM 1111 O  O   . HOH K 4 .   ? -4.706  -0.319  -11.515 1.00 25.27 ? 78   HOH A O   1 
HETATM 1112 O  O   . HOH K 4 .   ? 10.120  -7.290  -2.705  1.00 25.28 ? 79   HOH A O   1 
HETATM 1113 O  O   . HOH K 4 .   ? -12.016 -0.509  -5.926  1.00 30.01 ? 80   HOH A O   1 
HETATM 1114 O  O   . HOH K 4 .   ? 2.604   -11.290 7.448   1.00 28.90 ? 81   HOH A O   1 
HETATM 1115 O  O   A HOH K 4 .   ? -9.469  -2.464  -3.761  0.50 18.84 ? 82   HOH A O   1 
HETATM 1116 O  O   B HOH K 4 .   ? -10.022 -1.412  -4.561  0.50 13.62 ? 82   HOH A O   1 
HETATM 1117 O  O   . HOH K 4 .   ? -13.740 1.960   -2.686  1.00 28.54 ? 83   HOH A O   1 
HETATM 1118 O  O   . HOH K 4 .   ? -10.229 -8.452  -2.458  1.00 21.12 ? 84   HOH A O   1 
HETATM 1119 O  O   . HOH K 4 .   ? -11.184 -5.864  0.952   1.00 37.91 ? 85   HOH A O   1 
HETATM 1120 O  O   . HOH K 4 .   ? 12.529  4.762   -0.989  1.00 30.21 ? 86   HOH A O   1 
HETATM 1121 O  O   . HOH K 4 .   ? 10.079  -11.010 -1.080  1.00 32.55 ? 87   HOH A O   1 
HETATM 1122 O  O   . HOH K 4 .   ? -3.762  -11.378 8.395   1.00 38.38 ? 88   HOH A O   1 
HETATM 1123 O  O   . HOH K 4 .   ? 13.204  -0.497  -4.862  1.00 29.86 ? 89   HOH A O   1 
HETATM 1124 O  O   . HOH K 4 .   ? -4.351  9.783   -10.993 1.00 32.34 ? 90   HOH A O   1 
HETATM 1125 O  O   . HOH K 4 .   ? -6.624  12.030  -2.219  1.00 53.66 ? 91   HOH A O   1 
HETATM 1126 O  O   . HOH K 4 .   ? -13.477 -8.758  11.333  1.00 28.21 ? 92   HOH A O   1 
HETATM 1127 O  O   . HOH K 4 .   ? -4.756  -2.823  -16.927 1.00 25.75 ? 93   HOH A O   1 
HETATM 1128 O  O   . HOH K 4 .   ? 0.584   -18.932 4.616   1.00 25.82 ? 94   HOH A O   1 
HETATM 1129 O  O   . HOH K 4 .   ? 13.206  -4.288  -3.658  1.00 42.36 ? 95   HOH A O   1 
HETATM 1130 O  O   . HOH K 4 .   ? -11.109 8.138   8.630   1.00 24.83 ? 96   HOH A O   1 
HETATM 1131 O  O   . HOH K 4 .   ? -7.933  -17.354 4.578   1.00 26.84 ? 97   HOH A O   1 
HETATM 1132 O  O   . HOH K 4 .   ? -10.142 10.597  9.544   1.00 23.69 ? 98   HOH A O   1 
HETATM 1133 O  O   . HOH K 4 .   ? -6.169  -2.613  17.157  1.00 34.33 ? 99   HOH A O   1 
HETATM 1134 O  O   A HOH K 4 .   ? -4.360  18.007  1.334   0.30 17.59 ? 100  HOH A O   1 
HETATM 1135 O  O   B HOH K 4 .   ? 6.300   -18.714 -0.428  0.70 27.23 ? 100  HOH A O   1 
HETATM 1136 O  O   . HOH K 4 .   ? 2.856   -18.190 3.560   1.00 28.92 ? 101  HOH A O   1 
HETATM 1137 O  O   . HOH K 4 .   ? 5.086   11.455  9.303   1.00 30.45 ? 102  HOH A O   1 
HETATM 1138 O  O   . HOH K 4 .   ? -8.523  -0.715  16.380  1.00 40.53 ? 103  HOH A O   1 
HETATM 1139 O  O   . HOH K 4 .   ? 2.220   6.453   2.080   1.00 27.13 ? 104  HOH A O   1 
HETATM 1140 O  O   A HOH K 4 .   ? -14.874 13.054  -8.924  0.50 40.62 ? 105  HOH A O   1 
HETATM 1141 O  O   B HOH K 4 .   ? -13.254 12.320  -8.811  0.50 39.87 ? 105  HOH A O   1 
HETATM 1142 O  O   . HOH K 4 .   ? 5.296   -5.563  11.754  1.00 34.10 ? 106  HOH A O   1 
HETATM 1143 O  O   . HOH K 4 .   ? 2.413   -6.766  8.956   1.00 31.39 ? 107  HOH A O   1 
HETATM 1144 O  O   . HOH K 4 .   ? -2.483  -7.303  9.487   1.00 32.69 ? 108  HOH A O   1 
HETATM 1145 O  O   . HOH K 4 .   ? -1.800  19.216  -12.130 1.00 59.18 ? 109  HOH A O   1 
HETATM 1146 O  O   . HOH K 4 .   ? -0.039  17.603  -11.877 1.00 42.08 ? 110  HOH A O   1 
HETATM 1147 O  O   . HOH K 4 .   ? -2.075  -3.299  -19.619 1.00 28.07 ? 111  HOH A O   1 
HETATM 1148 O  O   . HOH K 4 .   ? -7.312  -3.239  -15.504 0.50 24.43 ? 112  HOH A O   1 
HETATM 1149 O  O   . HOH K 4 .   ? -1.182  -5.564  -12.916 1.00 58.98 ? 113  HOH A O   1 
HETATM 1150 O  O   . HOH K 4 .   ? 3.150   3.712   15.128  1.00 39.10 ? 114  HOH A O   1 
HETATM 1151 O  O   . HOH K 4 .   ? -10.456 6.539   6.840   1.00 27.46 ? 115  HOH A O   1 
HETATM 1152 O  O   . HOH K 4 .   ? 11.582  12.519  -9.277  1.00 30.44 ? 116  HOH A O   1 
HETATM 1153 O  O   . HOH K 4 .   ? 11.954  11.340  -12.677 1.00 34.41 ? 117  HOH A O   1 
HETATM 1154 O  O   . HOH K 4 .   ? -8.362  8.595   -0.765  1.00 31.06 ? 118  HOH A O   1 
HETATM 1155 O  O   . HOH K 4 .   ? -7.002  7.507   -3.146  1.00 44.18 ? 119  HOH A O   1 
HETATM 1156 O  O   . HOH K 4 .   ? -12.234 -4.358  2.928   1.00 25.29 ? 120  HOH A O   1 
HETATM 1157 O  O   . HOH K 4 .   ? -11.659 10.430  12.020  1.00 30.38 ? 121  HOH A O   1 
HETATM 1158 O  O   . HOH K 4 .   ? -13.798 -6.033  10.006  1.00 27.81 ? 122  HOH A O   1 
HETATM 1159 O  O   . HOH K 4 .   ? 7.139   -16.233 1.081   1.00 38.20 ? 123  HOH A O   1 
HETATM 1160 O  O   . HOH K 4 .   ? -1.736  -17.124 -4.205  1.00 25.48 ? 124  HOH A O   1 
HETATM 1161 O  O   . HOH K 4 .   ? -6.697  -0.942  -14.380 1.00 34.46 ? 125  HOH A O   1 
HETATM 1162 O  O   . HOH K 4 .   ? -4.688  -0.251  -15.629 1.00 30.44 ? 126  HOH A O   1 
HETATM 1163 O  O   . HOH K 4 .   ? -9.598  -4.665  -3.129  1.00 78.46 ? 127  HOH A O   1 
HETATM 1164 O  O   . HOH K 4 .   ? -13.412 -1.373  -2.791  1.00 47.96 ? 128  HOH A O   1 
HETATM 1165 O  O   . HOH K 4 .   ? -16.467 1.670   -2.996  1.00 35.43 ? 129  HOH A O   1 
HETATM 1166 O  O   . HOH K 4 .   ? 0.273   -8.379  8.933   1.00 40.72 ? 130  HOH A O   1 
HETATM 1167 O  O   . HOH K 4 .   ? 14.131  -5.860  5.129   1.00 42.81 ? 131  HOH A O   1 
HETATM 1168 O  O   . HOH K 4 .   ? -2.178  -5.740  17.045  1.00 28.77 ? 132  HOH A O   1 
HETATM 1169 O  O   . HOH K 4 .   ? 12.133  -1.429  0.045   1.00 32.39 ? 133  HOH A O   1 
HETATM 1170 O  O   . HOH K 4 .   ? -2.635  14.788  -8.010  1.00 43.50 ? 134  HOH A O   1 
HETATM 1171 O  O   . HOH K 4 .   ? -15.187 10.062  -7.958  1.00 33.61 ? 135  HOH A O   1 
HETATM 1172 O  O   . HOH K 4 .   ? -12.924 6.064   -12.484 1.00 44.59 ? 136  HOH A O   1 
HETATM 1173 O  O   . HOH K 4 .   ? 2.436   10.609  -13.845 1.00 26.53 ? 137  HOH A O   1 
HETATM 1174 O  O   . HOH K 4 .   ? 9.117   13.482  -9.362  1.00 32.90 ? 138  HOH A O   1 
HETATM 1175 O  O   . HOH K 4 .   ? 4.399   -17.207 -9.402  1.00 33.24 ? 139  HOH A O   1 
HETATM 1176 O  O   . HOH K 4 .   ? 1.673   -7.307  12.184  1.00 46.30 ? 140  HOH A O   1 
HETATM 1177 O  O   . HOH K 4 .   ? -2.051  -13.804 -7.928  1.00 32.45 ? 141  HOH A O   1 
HETATM 1178 O  O   . HOH K 4 .   ? -3.008  -25.761 -11.388 1.00 38.25 ? 142  HOH A O   1 
HETATM 1179 O  O   . HOH K 4 .   ? 11.738  4.892   -17.239 1.00 14.38 ? 143  HOH A O   1 
HETATM 1180 O  O   . HOH K 4 .   ? -6.924  -16.188 -7.170  1.00 41.53 ? 144  HOH A O   1 
HETATM 1181 O  O   . HOH K 4 .   ? 11.795  3.889   8.148   1.00 32.38 ? 145  HOH A O   1 
HETATM 1182 O  O   . HOH K 4 .   ? 11.439  1.176   8.179   1.00 35.89 ? 146  HOH A O   1 
HETATM 1183 O  O   . HOH K 4 .   ? 11.305  0.105   5.741   1.00 39.67 ? 147  HOH A O   1 
HETATM 1184 O  O   . HOH K 4 .   ? 5.315   10.090  -14.147 1.00 14.21 ? 148  HOH A O   1 
HETATM 1185 O  O   . HOH K 4 .   ? 7.373   3.313   8.404   1.00 15.12 ? 149  HOH A O   1 
HETATM 1186 O  O   . HOH K 4 .   ? -2.024  -18.894 3.037   1.00 31.48 ? 150  HOH A O   1 
HETATM 1187 O  O   . HOH K 4 .   ? -12.269 -0.449  16.495  1.00 57.87 ? 153  HOH A O   1 
HETATM 1188 O  O   . HOH K 4 .   ? -12.159 4.265   6.152   0.20 7.51  ? 154  HOH A O   1 
HETATM 1189 O  O   . HOH K 4 .   ? -12.447 2.636   4.905   0.20 30.22 ? 155  HOH A O   1 
HETATM 1190 O  O   . HOH K 4 .   ? 15.053  6.649   -4.041  1.00 31.46 ? 156  HOH A O   1 
HETATM 1191 O  O   . HOH K 4 .   ? -3.776  -9.257  13.850  1.00 35.23 ? 157  HOH A O   1 
HETATM 1192 O  O   . HOH K 4 .   ? -10.624 6.496   -7.327  1.00 40.09 ? 158  HOH A O   1 
HETATM 1193 O  O   . HOH K 4 .   ? -12.021 -12.205 -8.794  1.00 48.17 ? 159  HOH A O   1 
HETATM 1194 O  O   . HOH K 4 .   ? -9.624  13.146  8.627   1.00 43.46 ? 160  HOH A O   1 
HETATM 1195 O  O   . HOH K 4 .   ? -4.417  -13.482 5.233   1.00 34.67 ? 161  HOH A O   1 
HETATM 1196 O  O   . HOH K 4 .   ? -14.601 9.223   -11.198 1.00 52.32 ? 163  HOH A O   1 
HETATM 1197 O  O   . HOH K 4 .   ? 7.295   -9.872  -8.837  1.00 37.70 ? 164  HOH A O   1 
HETATM 1198 O  O   . HOH K 4 .   ? -3.603  -16.617 4.385   1.00 43.10 ? 165  HOH A O   1 
HETATM 1199 O  O   . HOH K 4 .   ? -9.825  -12.462 -8.197  1.00 40.16 ? 166  HOH A O   1 
HETATM 1200 O  O   . HOH K 4 .   ? -7.794  -14.317 -8.623  1.00 44.25 ? 167  HOH A O   1 
# 
loop_
_atom_site_anisotrop.id 
_atom_site_anisotrop.type_symbol 
_atom_site_anisotrop.pdbx_label_atom_id 
_atom_site_anisotrop.pdbx_label_alt_id 
_atom_site_anisotrop.pdbx_label_comp_id 
_atom_site_anisotrop.pdbx_label_asym_id 
_atom_site_anisotrop.pdbx_label_seq_id 
_atom_site_anisotrop.pdbx_PDB_ins_code 
_atom_site_anisotrop.U[1][1] 
_atom_site_anisotrop.U[2][2] 
_atom_site_anisotrop.U[3][3] 
_atom_site_anisotrop.U[1][2] 
_atom_site_anisotrop.U[1][3] 
_atom_site_anisotrop.U[2][3] 
_atom_site_anisotrop.pdbx_auth_seq_id 
_atom_site_anisotrop.pdbx_auth_comp_id 
_atom_site_anisotrop.pdbx_auth_asym_id 
_atom_site_anisotrop.pdbx_auth_atom_id 
210  S SD . MET A 35  ? 0.1727 0.1322 0.1392 -0.0111 0.0118  0.0131  453  MET A SD 
282  S SG . CYS A 43  ? 0.1628 0.1778 0.1976 0.0117  0.0135  0.0583  461  CYS A SG 
300  S SG . CYS A 46  ? 0.2190 0.1506 0.1856 -0.0109 0.0561  0.0268  464  CYS A SG 
845  S SD . MET A 114 ? 0.1778 0.1457 0.2158 -0.0040 -0.0093 0.0249  532  MET A SD 
1016 I I  A IOD B .   ? 0.2504 0.2069 0.3191 -0.0301 0.0728  -0.0070 1001 IOD A I  
1017 I I  B IOD B .   ? 0.2221 0.2194 0.3140 -0.0235 -0.0718 0.0051  1001 IOD A I  
1018 I I  A IOD C .   ? 0.1751 0.1422 0.2016 0.0325  0.0286  0.0239  1002 IOD A I  
1019 I I  B IOD C .   ? 0.3205 0.1999 0.1816 0.0543  0.0426  -0.0016 1002 IOD A I  
1020 I I  A IOD D .   ? 0.2669 0.1616 0.2256 -0.0656 0.0709  -0.0416 1003 IOD A I  
1021 I I  B IOD D .   ? 0.2550 0.2965 0.2959 -0.0967 0.1064  -0.1199 1003 IOD A I  
1022 I I  . IOD E .   ? 0.4563 0.2864 0.3678 -0.1298 -0.0329 0.0789  1005 IOD A I  
1023 I I  . IOD F .   ? 0.4983 0.3114 0.2494 -0.1174 -0.0681 -0.0109 1006 IOD A I  
1024 I I  A IOD G .   ? 0.2719 0.3468 0.3150 0.0272  -0.0246 -0.0100 1010 IOD A I  
1025 I I  B IOD G .   ? 0.3317 0.3085 0.2156 0.0343  0.0283  0.0232  1010 IOD A I  
1026 I I  . IOD H .   ? 0.4497 0.4848 0.2618 -0.0812 0.0648  0.0536  1013 IOD A I  
# 
loop_
_pdbx_poly_seq_scheme.asym_id 
_pdbx_poly_seq_scheme.entity_id 
_pdbx_poly_seq_scheme.seq_id 
_pdbx_poly_seq_scheme.mon_id 
_pdbx_poly_seq_scheme.ndb_seq_num 
_pdbx_poly_seq_scheme.pdb_seq_num 
_pdbx_poly_seq_scheme.auth_seq_num 
_pdbx_poly_seq_scheme.pdb_mon_id 
_pdbx_poly_seq_scheme.auth_mon_id 
_pdbx_poly_seq_scheme.pdb_strand_id 
_pdbx_poly_seq_scheme.pdb_ins_code 
_pdbx_poly_seq_scheme.hetero 
A 1 1   ALA 1   419 ?   ?   ?   A . n 
A 1 2   THR 2   420 ?   ?   ?   A . n 
A 1 3   HIS 3   421 ?   ?   ?   A . n 
A 1 4   THR 4   422 ?   ?   ?   A . n 
A 1 5   ALA 5   423 ?   ?   ?   A . n 
A 1 6   GLN 6   424 ?   ?   ?   A . n 
A 1 7   THR 7   425 ?   ?   ?   A . n 
A 1 8   GLN 8   426 ?   ?   ?   A . n 
A 1 9   THR 9   427 ?   ?   ?   A . n 
A 1 10  HIS 10  428 428 HIS HIS A . n 
A 1 11  LEU 11  429 429 LEU LEU A . n 
A 1 12  ASN 12  430 430 ASN ASN A . n 
A 1 13  PHE 13  431 431 PHE PHE A . n 
A 1 14  THR 14  432 432 THR THR A . n 
A 1 15  GLN 15  433 433 GLN GLN A . n 
A 1 16  ILE 16  434 434 ILE ILE A . n 
A 1 17  LYS 17  435 435 LYS LYS A . n 
A 1 18  THR 18  436 436 THR THR A . n 
A 1 19  VAL 19  437 437 VAL VAL A . n 
A 1 20  ASP 20  438 438 ASP ASP A . n 
A 1 21  GLU 21  439 439 GLU GLU A . n 
A 1 22  LEU 22  440 440 LEU LEU A . n 
A 1 23  ASN 23  441 441 ASN ASN A . n 
A 1 24  GLN 24  442 442 GLN GLN A . n 
A 1 25  ALA 25  443 443 ALA ALA A . n 
A 1 26  LEU 26  444 444 LEU LEU A . n 
A 1 27  VAL 27  445 445 VAL VAL A . n 
A 1 28  GLU 28  446 446 GLU GLU A . n 
A 1 29  ALA 29  447 447 ALA ALA A . n 
A 1 30  LYS 30  448 448 LYS LYS A . n 
A 1 31  GLY 31  449 449 GLY GLY A . n 
A 1 32  LYS 32  450 450 LYS LYS A . n 
A 1 33  PRO 33  451 451 PRO PRO A . n 
A 1 34  VAL 34  452 452 VAL VAL A . n 
A 1 35  MET 35  453 453 MET MET A . n 
A 1 36  LEU 36  454 454 LEU LEU A . n 
A 1 37  ASP 37  455 455 ASP ASP A . n 
A 1 38  LEU 38  456 456 LEU LEU A . n 
A 1 39  TYR 39  457 457 TYR TYR A . n 
A 1 40  ALA 40  458 458 ALA ALA A . n 
A 1 41  ASP 41  459 459 ASP ASP A . n 
A 1 42  TRP 42  460 460 TRP TRP A . n 
A 1 43  CYS 43  461 461 CYS CYS A . n 
A 1 44  VAL 44  462 462 VAL VAL A . n 
A 1 45  ALA 45  463 463 ALA ALA A . n 
A 1 46  CYS 46  464 464 CYS CYS A . n 
A 1 47  LYS 47  465 465 LYS LYS A . n 
A 1 48  GLU 48  466 466 GLU GLU A . n 
A 1 49  PHE 49  467 467 PHE PHE A . n 
A 1 50  GLU 50  468 468 GLU GLU A . n 
A 1 51  LYS 51  469 469 LYS LYS A . n 
A 1 52  TYR 52  470 470 TYR TYR A . n 
A 1 53  THR 53  471 471 THR THR A . n 
A 1 54  PHE 54  472 472 PHE PHE A . n 
A 1 55  SER 55  473 473 SER SER A . n 
A 1 56  ASP 56  474 474 ASP ASP A . n 
A 1 57  PRO 57  475 475 PRO PRO A . n 
A 1 58  GLN 58  476 476 GLN GLN A . n 
A 1 59  VAL 59  477 477 VAL VAL A . n 
A 1 60  GLN 60  478 478 GLN GLN A . n 
A 1 61  LYS 61  479 479 LYS LYS A . n 
A 1 62  ALA 62  480 480 ALA ALA A . n 
A 1 63  LEU 63  481 481 LEU LEU A . n 
A 1 64  ALA 64  482 482 ALA ALA A . n 
A 1 65  ASP 65  483 483 ASP ASP A . n 
A 1 66  THR 66  484 484 THR THR A . n 
A 1 67  VAL 67  485 485 VAL VAL A . n 
A 1 68  LEU 68  486 486 LEU LEU A . n 
A 1 69  LEU 69  487 487 LEU LEU A . n 
A 1 70  GLN 70  488 488 GLN GLN A . n 
A 1 71  ALA 71  489 489 ALA ALA A . n 
A 1 72  ASN 72  490 490 ASN ASN A . n 
A 1 73  VAL 73  491 491 VAL VAL A . n 
A 1 74  THR 74  492 492 THR THR A . n 
A 1 75  ALA 75  493 493 ALA ALA A . n 
A 1 76  ASN 76  494 494 ASN ASN A . n 
A 1 77  ASP 77  495 495 ASP ASP A . n 
A 1 78  ALA 78  496 496 ALA ALA A . n 
A 1 79  GLN 79  497 497 GLN GLN A . n 
A 1 80  ASP 80  498 498 ASP ASP A . n 
A 1 81  VAL 81  499 499 VAL VAL A . n 
A 1 82  ALA 82  500 500 ALA ALA A . n 
A 1 83  LEU 83  501 501 LEU LEU A . n 
A 1 84  LEU 84  502 502 LEU LEU A . n 
A 1 85  LYS 85  503 503 LYS LYS A . n 
A 1 86  HIS 86  504 504 HIS HIS A . n 
A 1 87  LEU 87  505 505 LEU LEU A . n 
A 1 88  ASN 88  506 506 ASN ASN A . n 
A 1 89  VAL 89  507 507 VAL VAL A . n 
A 1 90  LEU 90  508 508 LEU LEU A . n 
A 1 91  GLY 91  509 509 GLY GLY A . n 
A 1 92  LEU 92  510 510 LEU LEU A . n 
A 1 93  PRO 93  511 511 PRO PRO A . n 
A 1 94  THR 94  512 512 THR THR A . n 
A 1 95  ILE 95  513 513 ILE ILE A . n 
A 1 96  LEU 96  514 514 LEU LEU A . n 
A 1 97  PHE 97  515 515 PHE PHE A . n 
A 1 98  PHE 98  516 516 PHE PHE A . n 
A 1 99  ASP 99  517 517 ASP ASP A . n 
A 1 100 GLY 100 518 518 GLY GLY A . n 
A 1 101 GLN 101 519 519 GLN GLN A . n 
A 1 102 GLY 102 520 520 GLY GLY A . n 
A 1 103 GLN 103 521 521 GLN GLN A . n 
A 1 104 GLU 104 522 522 GLU GLU A . n 
A 1 105 HIS 105 523 523 HIS HIS A . n 
A 1 106 PRO 106 524 524 PRO PRO A . n 
A 1 107 GLN 107 525 525 GLN GLN A . n 
A 1 108 ALA 108 526 526 ALA ALA A . n 
A 1 109 ARG 109 527 527 ARG ARG A . n 
A 1 110 VAL 110 528 528 VAL VAL A . n 
A 1 111 THR 111 529 529 THR THR A . n 
A 1 112 GLY 112 530 530 GLY GLY A . n 
A 1 113 PHE 113 531 531 PHE PHE A . n 
A 1 114 MET 114 532 532 MET MET A . n 
A 1 115 ASP 115 533 533 ASP ASP A . n 
A 1 116 ALA 116 534 534 ALA ALA A . n 
A 1 117 GLU 117 535 535 GLU GLU A . n 
A 1 118 THR 118 536 536 THR THR A . n 
A 1 119 PHE 119 537 537 PHE PHE A . n 
A 1 120 SER 120 538 538 SER SER A . n 
A 1 121 ALA 121 539 539 ALA ALA A . n 
A 1 122 HIS 122 540 540 HIS HIS A . n 
A 1 123 LEU 123 541 541 LEU LEU A . n 
A 1 124 ARG 124 542 542 ARG ARG A . n 
A 1 125 ASP 125 543 543 ASP ASP A . n 
A 1 126 ARG 126 544 544 ARG ARG A . n 
A 1 127 GLN 127 545 545 GLN GLN A . n 
A 1 128 PRO 128 546 546 PRO PRO A . n 
A 1 129 HIS 129 547 547 HIS HIS A . n 
A 1 130 HIS 130 548 548 HIS HIS A . n 
A 1 131 HIS 131 549 549 HIS HIS A . n 
A 1 132 HIS 132 550 550 HIS HIS A . n 
A 1 133 HIS 133 551 ?   ?   ?   A . n 
A 1 134 HIS 134 552 ?   ?   ?   A . n 
# 
loop_
_pdbx_nonpoly_scheme.asym_id 
_pdbx_nonpoly_scheme.entity_id 
_pdbx_nonpoly_scheme.mon_id 
_pdbx_nonpoly_scheme.ndb_seq_num 
_pdbx_nonpoly_scheme.pdb_seq_num 
_pdbx_nonpoly_scheme.auth_seq_num 
_pdbx_nonpoly_scheme.pdb_mon_id 
_pdbx_nonpoly_scheme.auth_mon_id 
_pdbx_nonpoly_scheme.pdb_strand_id 
_pdbx_nonpoly_scheme.pdb_ins_code 
B 2 IOD 1   1001 1001 IOD IOD A . 
C 2 IOD 1   1002 1002 IOD IOD A . 
D 2 IOD 1   1003 1003 IOD IOD A . 
E 2 IOD 1   1005 1005 IOD IOD A . 
F 2 IOD 1   1006 1006 IOD IOD A . 
G 2 IOD 1   1010 1010 IOD IOD A . 
H 2 IOD 1   1013 1013 IOD IOD A . 
I 3 NA  1   1101 1101 NA  NA  A . 
J 3 NA  1   1102 1102 NA  NA  A . 
K 4 HOH 1   1    1    HOH HOH A . 
K 4 HOH 2   2    2    HOH HOH A . 
K 4 HOH 3   3    3    HOH HOH A . 
K 4 HOH 4   4    4    HOH HOH A . 
K 4 HOH 5   5    5    HOH HOH A . 
K 4 HOH 6   6    6    HOH HOH A . 
K 4 HOH 7   7    7    HOH HOH A . 
K 4 HOH 8   8    8    HOH HOH A . 
K 4 HOH 9   9    9    HOH HOH A . 
K 4 HOH 10  10   10   HOH HOH A . 
K 4 HOH 11  11   11   HOH HOH A . 
K 4 HOH 12  12   12   HOH HOH A . 
K 4 HOH 13  13   13   HOH HOH A . 
K 4 HOH 14  14   14   HOH HOH A . 
K 4 HOH 15  15   15   HOH HOH A . 
K 4 HOH 16  16   16   HOH HOH A . 
K 4 HOH 17  17   17   HOH HOH A . 
K 4 HOH 18  18   18   HOH HOH A . 
K 4 HOH 19  19   19   HOH HOH A . 
K 4 HOH 20  20   20   HOH HOH A . 
K 4 HOH 21  21   21   HOH HOH A . 
K 4 HOH 22  22   22   HOH HOH A . 
K 4 HOH 23  23   23   HOH HOH A . 
K 4 HOH 24  24   24   HOH HOH A . 
K 4 HOH 25  25   25   HOH HOH A . 
K 4 HOH 26  26   26   HOH HOH A . 
K 4 HOH 27  27   27   HOH HOH A . 
K 4 HOH 28  28   28   HOH HOH A . 
K 4 HOH 29  29   29   HOH HOH A . 
K 4 HOH 30  30   30   HOH HOH A . 
K 4 HOH 31  31   31   HOH HOH A . 
K 4 HOH 32  32   32   HOH HOH A . 
K 4 HOH 33  33   33   HOH HOH A . 
K 4 HOH 34  34   34   HOH HOH A . 
K 4 HOH 35  35   35   HOH HOH A . 
K 4 HOH 36  36   36   HOH HOH A . 
K 4 HOH 37  37   37   HOH HOH A . 
K 4 HOH 38  38   38   HOH HOH A . 
K 4 HOH 39  39   39   HOH HOH A . 
K 4 HOH 40  40   40   HOH HOH A . 
K 4 HOH 41  41   41   HOH HOH A . 
K 4 HOH 42  42   42   HOH HOH A . 
K 4 HOH 43  43   43   HOH HOH A . 
K 4 HOH 44  44   44   HOH HOH A . 
K 4 HOH 45  45   45   HOH HOH A . 
K 4 HOH 46  46   46   HOH HOH A . 
K 4 HOH 47  47   47   HOH HOH A . 
K 4 HOH 48  48   48   HOH HOH A . 
K 4 HOH 49  49   49   HOH HOH A . 
K 4 HOH 50  50   50   HOH HOH A . 
K 4 HOH 51  51   51   HOH HOH A . 
K 4 HOH 52  52   52   HOH HOH A . 
K 4 HOH 53  53   53   HOH HOH A . 
K 4 HOH 54  54   54   HOH HOH A . 
K 4 HOH 55  55   55   HOH HOH A . 
K 4 HOH 56  56   56   HOH HOH A . 
K 4 HOH 57  57   57   HOH HOH A . 
K 4 HOH 58  58   58   HOH HOH A . 
K 4 HOH 59  59   59   HOH HOH A . 
K 4 HOH 60  60   60   HOH HOH A . 
K 4 HOH 61  61   61   HOH HOH A . 
K 4 HOH 62  62   62   HOH HOH A . 
K 4 HOH 63  63   63   HOH HOH A . 
K 4 HOH 64  64   64   HOH HOH A . 
K 4 HOH 65  65   65   HOH HOH A . 
K 4 HOH 66  66   66   HOH HOH A . 
K 4 HOH 67  67   67   HOH HOH A . 
K 4 HOH 68  68   68   HOH HOH A . 
K 4 HOH 69  69   69   HOH HOH A . 
K 4 HOH 70  70   70   HOH HOH A . 
K 4 HOH 71  71   71   HOH HOH A . 
K 4 HOH 72  72   72   HOH HOH A . 
K 4 HOH 73  73   73   HOH HOH A . 
K 4 HOH 74  74   74   HOH HOH A . 
K 4 HOH 75  75   75   HOH HOH A . 
K 4 HOH 76  76   76   HOH HOH A . 
K 4 HOH 77  77   77   HOH HOH A . 
K 4 HOH 78  78   78   HOH HOH A . 
K 4 HOH 79  79   79   HOH HOH A . 
K 4 HOH 80  80   80   HOH HOH A . 
K 4 HOH 81  81   81   HOH HOH A . 
K 4 HOH 82  82   82   HOH HOH A . 
K 4 HOH 83  83   83   HOH HOH A . 
K 4 HOH 84  84   84   HOH HOH A . 
K 4 HOH 85  85   85   HOH HOH A . 
K 4 HOH 86  86   86   HOH HOH A . 
K 4 HOH 87  87   87   HOH HOH A . 
K 4 HOH 88  88   88   HOH HOH A . 
K 4 HOH 89  89   89   HOH HOH A . 
K 4 HOH 90  90   90   HOH HOH A . 
K 4 HOH 91  91   91   HOH HOH A . 
K 4 HOH 92  92   92   HOH HOH A . 
K 4 HOH 93  93   93   HOH HOH A . 
K 4 HOH 94  94   94   HOH HOH A . 
K 4 HOH 95  95   95   HOH HOH A . 
K 4 HOH 96  96   96   HOH HOH A . 
K 4 HOH 97  97   97   HOH HOH A . 
K 4 HOH 98  98   98   HOH HOH A . 
K 4 HOH 99  99   99   HOH HOH A . 
K 4 HOH 100 100  100  HOH HOH A . 
K 4 HOH 101 101  101  HOH HOH A . 
K 4 HOH 102 102  102  HOH HOH A . 
K 4 HOH 103 103  103  HOH HOH A . 
K 4 HOH 104 104  104  HOH HOH A . 
K 4 HOH 105 105  105  HOH HOH A . 
K 4 HOH 106 106  106  HOH HOH A . 
K 4 HOH 107 107  107  HOH HOH A . 
K 4 HOH 108 108  108  HOH HOH A . 
K 4 HOH 109 109  109  HOH HOH A . 
K 4 HOH 110 110  110  HOH HOH A . 
K 4 HOH 111 111  111  HOH HOH A . 
K 4 HOH 112 112  112  HOH HOH A . 
K 4 HOH 113 113  113  HOH HOH A . 
K 4 HOH 114 114  114  HOH HOH A . 
K 4 HOH 115 115  115  HOH HOH A . 
K 4 HOH 116 116  116  HOH HOH A . 
K 4 HOH 117 117  117  HOH HOH A . 
K 4 HOH 118 118  118  HOH HOH A . 
K 4 HOH 119 119  119  HOH HOH A . 
K 4 HOH 120 120  120  HOH HOH A . 
K 4 HOH 121 121  121  HOH HOH A . 
K 4 HOH 122 122  122  HOH HOH A . 
K 4 HOH 123 123  123  HOH HOH A . 
K 4 HOH 124 124  124  HOH HOH A . 
K 4 HOH 125 125  125  HOH HOH A . 
K 4 HOH 126 126  126  HOH HOH A . 
K 4 HOH 127 127  127  HOH HOH A . 
K 4 HOH 128 128  128  HOH HOH A . 
K 4 HOH 129 129  129  HOH HOH A . 
K 4 HOH 130 130  130  HOH HOH A . 
K 4 HOH 131 131  131  HOH HOH A . 
K 4 HOH 132 132  132  HOH HOH A . 
K 4 HOH 133 133  133  HOH HOH A . 
K 4 HOH 134 134  134  HOH HOH A . 
K 4 HOH 135 135  135  HOH HOH A . 
K 4 HOH 136 136  136  HOH HOH A . 
K 4 HOH 137 137  137  HOH HOH A . 
K 4 HOH 138 138  138  HOH HOH A . 
K 4 HOH 139 139  139  HOH HOH A . 
K 4 HOH 140 140  140  HOH HOH A . 
K 4 HOH 141 141  141  HOH HOH A . 
K 4 HOH 142 142  142  HOH HOH A . 
K 4 HOH 143 143  143  HOH HOH A . 
K 4 HOH 144 144  144  HOH HOH A . 
K 4 HOH 145 145  145  HOH HOH A . 
K 4 HOH 146 146  146  HOH HOH A . 
K 4 HOH 147 147  147  HOH HOH A . 
K 4 HOH 148 148  148  HOH HOH A . 
K 4 HOH 149 149  149  HOH HOH A . 
K 4 HOH 150 150  150  HOH HOH A . 
K 4 HOH 151 153  153  HOH HOH A . 
K 4 HOH 152 154  154  HOH HOH A . 
K 4 HOH 153 155  155  HOH HOH A . 
K 4 HOH 154 156  156  HOH HOH A . 
K 4 HOH 155 157  157  HOH HOH A . 
K 4 HOH 156 158  158  HOH HOH A . 
K 4 HOH 157 159  159  HOH HOH A . 
K 4 HOH 158 160  160  HOH HOH A . 
K 4 HOH 159 161  161  HOH HOH A . 
K 4 HOH 160 163  163  HOH HOH A . 
K 4 HOH 161 164  164  HOH HOH A . 
K 4 HOH 162 165  165  HOH HOH A . 
K 4 HOH 163 166  166  HOH HOH A . 
K 4 HOH 164 167  167  HOH HOH A . 
# 
_pdbx_struct_assembly.id                   1 
_pdbx_struct_assembly.details              author_defined_assembly 
_pdbx_struct_assembly.method_details       ? 
_pdbx_struct_assembly.oligomeric_details   monomeric 
_pdbx_struct_assembly.oligomeric_count     1 
# 
_pdbx_struct_assembly_gen.assembly_id       1 
_pdbx_struct_assembly_gen.oper_expression   1 
_pdbx_struct_assembly_gen.asym_id_list      A,B,C,D,E,F,G,H,I,J,K 
# 
_pdbx_struct_oper_list.id                   1 
_pdbx_struct_oper_list.type                 'identity operation' 
_pdbx_struct_oper_list.name                 1_555 
_pdbx_struct_oper_list.symmetry_operation   x,y,z 
_pdbx_struct_oper_list.matrix[1][1]         1.0000000000 
_pdbx_struct_oper_list.matrix[1][2]         0.0000000000 
_pdbx_struct_oper_list.matrix[1][3]         0.0000000000 
_pdbx_struct_oper_list.vector[1]            0.0000000000 
_pdbx_struct_oper_list.matrix[2][1]         0.0000000000 
_pdbx_struct_oper_list.matrix[2][2]         1.0000000000 
_pdbx_struct_oper_list.matrix[2][3]         0.0000000000 
_pdbx_struct_oper_list.vector[2]            0.0000000000 
_pdbx_struct_oper_list.matrix[3][1]         0.0000000000 
_pdbx_struct_oper_list.matrix[3][2]         0.0000000000 
_pdbx_struct_oper_list.matrix[3][3]         1.0000000000 
_pdbx_struct_oper_list.vector[3]            0.0000000000 
# 
loop_
_pdbx_struct_conn_angle.id 
_pdbx_struct_conn_angle.ptnr1_label_atom_id 
_pdbx_struct_conn_angle.ptnr1_label_alt_id 
_pdbx_struct_conn_angle.ptnr1_label_asym_id 
_pdbx_struct_conn_angle.ptnr1_label_comp_id 
_pdbx_struct_conn_angle.ptnr1_label_seq_id 
_pdbx_struct_conn_angle.ptnr1_auth_atom_id 
_pdbx_struct_conn_angle.ptnr1_auth_asym_id 
_pdbx_struct_conn_angle.ptnr1_auth_comp_id 
_pdbx_struct_conn_angle.ptnr1_auth_seq_id 
_pdbx_struct_conn_angle.ptnr1_PDB_ins_code 
_pdbx_struct_conn_angle.ptnr1_symmetry 
_pdbx_struct_conn_angle.ptnr2_label_atom_id 
_pdbx_struct_conn_angle.ptnr2_label_alt_id 
_pdbx_struct_conn_angle.ptnr2_label_asym_id 
_pdbx_struct_conn_angle.ptnr2_label_comp_id 
_pdbx_struct_conn_angle.ptnr2_label_seq_id 
_pdbx_struct_conn_angle.ptnr2_auth_atom_id 
_pdbx_struct_conn_angle.ptnr2_auth_asym_id 
_pdbx_struct_conn_angle.ptnr2_auth_comp_id 
_pdbx_struct_conn_angle.ptnr2_auth_seq_id 
_pdbx_struct_conn_angle.ptnr2_PDB_ins_code 
_pdbx_struct_conn_angle.ptnr2_symmetry 
_pdbx_struct_conn_angle.ptnr3_label_atom_id 
_pdbx_struct_conn_angle.ptnr3_label_alt_id 
_pdbx_struct_conn_angle.ptnr3_label_asym_id 
_pdbx_struct_conn_angle.ptnr3_label_comp_id 
_pdbx_struct_conn_angle.ptnr3_label_seq_id 
_pdbx_struct_conn_angle.ptnr3_auth_atom_id 
_pdbx_struct_conn_angle.ptnr3_auth_asym_id 
_pdbx_struct_conn_angle.ptnr3_auth_comp_id 
_pdbx_struct_conn_angle.ptnr3_auth_seq_id 
_pdbx_struct_conn_angle.ptnr3_PDB_ins_code 
_pdbx_struct_conn_angle.ptnr3_symmetry 
_pdbx_struct_conn_angle.value 
_pdbx_struct_conn_angle.value_esd 
1 O ? K HOH . ? A HOH 37  ? 1_555 NA ? J NA . ? A NA 1102 ? 1_555 O   ? K HOH .  ? A HOH 131 ? 3_545 118.8 ? 
2 O ? K HOH . ? A HOH 37  ? 1_555 NA ? J NA . ? A NA 1102 ? 1_555 OE1 ? A GLN 24 ? A GLN 442 ? 1_555 111.4 ? 
3 O ? K HOH . ? A HOH 131 ? 3_545 NA ? J NA . ? A NA 1102 ? 1_555 OE1 ? A GLN 24 ? A GLN 442 ? 1_555 128.7 ? 
4 O ? K HOH . ? A HOH 79  ? 1_555 NA A I NA . ? A NA 1101 ? 1_555 O   ? K HOH .  ? A HOH 87  ? 1_555 94.4  ? 
# 
loop_
_pdbx_audit_revision_history.ordinal 
_pdbx_audit_revision_history.data_content_type 
_pdbx_audit_revision_history.major_revision 
_pdbx_audit_revision_history.minor_revision 
_pdbx_audit_revision_history.revision_date 
1 'Structure model' 1 0 2006-06-13 
2 'Structure model' 1 1 2008-05-01 
3 'Structure model' 1 2 2011-07-13 
4 'Structure model' 1 3 2023-10-25 
# 
_pdbx_audit_revision_details.ordinal             1 
_pdbx_audit_revision_details.revision_ordinal    1 
_pdbx_audit_revision_details.data_content_type   'Structure model' 
_pdbx_audit_revision_details.provider            repository 
_pdbx_audit_revision_details.type                'Initial release' 
_pdbx_audit_revision_details.description         ? 
_pdbx_audit_revision_details.details             ? 
# 
loop_
_pdbx_audit_revision_group.ordinal 
_pdbx_audit_revision_group.revision_ordinal 
_pdbx_audit_revision_group.data_content_type 
_pdbx_audit_revision_group.group 
1 2 'Structure model' 'Version format compliance' 
2 3 'Structure model' 'Version format compliance' 
3 4 'Structure model' 'Data collection'           
4 4 'Structure model' 'Database references'       
5 4 'Structure model' 'Derived calculations'      
6 4 'Structure model' 'Refinement description'    
# 
loop_
_pdbx_audit_revision_category.ordinal 
_pdbx_audit_revision_category.revision_ordinal 
_pdbx_audit_revision_category.data_content_type 
_pdbx_audit_revision_category.category 
1 4 'Structure model' chem_comp_atom                
2 4 'Structure model' chem_comp_bond                
3 4 'Structure model' database_2                    
4 4 'Structure model' pdbx_initial_refinement_model 
5 4 'Structure model' pdbx_struct_conn_angle        
6 4 'Structure model' struct_conn                   
7 4 'Structure model' struct_ref_seq_dif            
8 4 'Structure model' struct_site                   
# 
loop_
_pdbx_audit_revision_item.ordinal 
_pdbx_audit_revision_item.revision_ordinal 
_pdbx_audit_revision_item.data_content_type 
_pdbx_audit_revision_item.item 
1  4 'Structure model' '_database_2.pdbx_DOI'                        
2  4 'Structure model' '_database_2.pdbx_database_accession'         
3  4 'Structure model' '_pdbx_struct_conn_angle.ptnr1_auth_comp_id'  
4  4 'Structure model' '_pdbx_struct_conn_angle.ptnr1_auth_seq_id'   
5  4 'Structure model' '_pdbx_struct_conn_angle.ptnr1_label_asym_id' 
6  4 'Structure model' '_pdbx_struct_conn_angle.ptnr1_label_atom_id' 
7  4 'Structure model' '_pdbx_struct_conn_angle.ptnr1_label_comp_id' 
8  4 'Structure model' '_pdbx_struct_conn_angle.ptnr1_label_seq_id'  
9  4 'Structure model' '_pdbx_struct_conn_angle.ptnr1_symmetry'      
10 4 'Structure model' '_pdbx_struct_conn_angle.ptnr3_auth_comp_id'  
11 4 'Structure model' '_pdbx_struct_conn_angle.ptnr3_auth_seq_id'   
12 4 'Structure model' '_pdbx_struct_conn_angle.ptnr3_label_asym_id' 
13 4 'Structure model' '_pdbx_struct_conn_angle.ptnr3_label_atom_id' 
14 4 'Structure model' '_pdbx_struct_conn_angle.ptnr3_label_comp_id' 
15 4 'Structure model' '_pdbx_struct_conn_angle.ptnr3_label_seq_id'  
16 4 'Structure model' '_pdbx_struct_conn_angle.ptnr3_symmetry'      
17 4 'Structure model' '_pdbx_struct_conn_angle.value'               
18 4 'Structure model' '_struct_conn.pdbx_dist_value'                
19 4 'Structure model' '_struct_conn.pdbx_ptnr1_label_alt_id'        
20 4 'Structure model' '_struct_conn.pdbx_ptnr2_label_alt_id'        
21 4 'Structure model' '_struct_conn.ptnr1_auth_comp_id'             
22 4 'Structure model' '_struct_conn.ptnr1_auth_seq_id'              
23 4 'Structure model' '_struct_conn.ptnr1_label_asym_id'            
24 4 'Structure model' '_struct_conn.ptnr1_label_atom_id'            
25 4 'Structure model' '_struct_conn.ptnr1_label_comp_id'            
26 4 'Structure model' '_struct_conn.ptnr1_label_seq_id'             
27 4 'Structure model' '_struct_conn.ptnr1_symmetry'                 
28 4 'Structure model' '_struct_conn.ptnr2_auth_comp_id'             
29 4 'Structure model' '_struct_conn.ptnr2_auth_seq_id'              
30 4 'Structure model' '_struct_conn.ptnr2_label_asym_id'            
31 4 'Structure model' '_struct_conn.ptnr2_label_atom_id'            
32 4 'Structure model' '_struct_conn.ptnr2_label_comp_id'            
33 4 'Structure model' '_struct_conn.ptnr2_symmetry'                 
34 4 'Structure model' '_struct_ref_seq_dif.details'                 
35 4 'Structure model' '_struct_site.pdbx_auth_asym_id'              
36 4 'Structure model' '_struct_site.pdbx_auth_comp_id'              
37 4 'Structure model' '_struct_site.pdbx_auth_seq_id'               
# 
loop_
_software.name 
_software.classification 
_software.version 
_software.citation_id 
_software.pdbx_ordinal 
SHELX     'model building' . ? 1 
SHELXL-97 refinement       . ? 2 
DENZO     'data reduction' . ? 3 
SCALEPACK 'data scaling'   . ? 4 
AMoRE     phasing          . ? 5 
# 
loop_
_pdbx_validate_symm_contact.id 
_pdbx_validate_symm_contact.PDB_model_num 
_pdbx_validate_symm_contact.auth_atom_id_1 
_pdbx_validate_symm_contact.auth_asym_id_1 
_pdbx_validate_symm_contact.auth_comp_id_1 
_pdbx_validate_symm_contact.auth_seq_id_1 
_pdbx_validate_symm_contact.PDB_ins_code_1 
_pdbx_validate_symm_contact.label_alt_id_1 
_pdbx_validate_symm_contact.site_symmetry_1 
_pdbx_validate_symm_contact.auth_atom_id_2 
_pdbx_validate_symm_contact.auth_asym_id_2 
_pdbx_validate_symm_contact.auth_comp_id_2 
_pdbx_validate_symm_contact.auth_seq_id_2 
_pdbx_validate_symm_contact.PDB_ins_code_2 
_pdbx_validate_symm_contact.label_alt_id_2 
_pdbx_validate_symm_contact.site_symmetry_2 
_pdbx_validate_symm_contact.dist 
1 1 NZ A LYS 503 ? ? 1_555 O A HOH 98  ? ? 4_445 2.15 
2 1 NZ A LYS 503 ? ? 1_555 O A HOH 160 ? ? 4_445 2.17 
# 
loop_
_pdbx_validate_rmsd_angle.id 
_pdbx_validate_rmsd_angle.PDB_model_num 
_pdbx_validate_rmsd_angle.auth_atom_id_1 
_pdbx_validate_rmsd_angle.auth_asym_id_1 
_pdbx_validate_rmsd_angle.auth_comp_id_1 
_pdbx_validate_rmsd_angle.auth_seq_id_1 
_pdbx_validate_rmsd_angle.PDB_ins_code_1 
_pdbx_validate_rmsd_angle.label_alt_id_1 
_pdbx_validate_rmsd_angle.auth_atom_id_2 
_pdbx_validate_rmsd_angle.auth_asym_id_2 
_pdbx_validate_rmsd_angle.auth_comp_id_2 
_pdbx_validate_rmsd_angle.auth_seq_id_2 
_pdbx_validate_rmsd_angle.PDB_ins_code_2 
_pdbx_validate_rmsd_angle.label_alt_id_2 
_pdbx_validate_rmsd_angle.auth_atom_id_3 
_pdbx_validate_rmsd_angle.auth_asym_id_3 
_pdbx_validate_rmsd_angle.auth_comp_id_3 
_pdbx_validate_rmsd_angle.auth_seq_id_3 
_pdbx_validate_rmsd_angle.PDB_ins_code_3 
_pdbx_validate_rmsd_angle.label_alt_id_3 
_pdbx_validate_rmsd_angle.angle_value 
_pdbx_validate_rmsd_angle.angle_target_value 
_pdbx_validate_rmsd_angle.angle_deviation 
_pdbx_validate_rmsd_angle.angle_standard_deviation 
_pdbx_validate_rmsd_angle.linker_flag 
1 1 CG A TYR 457 ? ? CD2 A TYR 457 ? ? CE2 A TYR 457 ? ? 127.44 121.30 6.14  0.80 N 
2 1 CZ A TYR 457 ? ? CE2 A TYR 457 ? ? CD2 A TYR 457 ? ? 114.12 119.80 -5.68 0.90 N 
3 1 NE A ARG 527 ? ? CZ  A ARG 527 ? ? NH1 A ARG 527 ? ? 116.09 120.30 -4.21 0.50 N 
4 1 CB A ASP 533 ? ? CG  A ASP 533 ? ? OD1 A ASP 533 ? ? 125.02 118.30 6.72  0.90 N 
# 
loop_
_pdbx_unobs_or_zero_occ_atoms.id 
_pdbx_unobs_or_zero_occ_atoms.PDB_model_num 
_pdbx_unobs_or_zero_occ_atoms.polymer_flag 
_pdbx_unobs_or_zero_occ_atoms.occupancy_flag 
_pdbx_unobs_or_zero_occ_atoms.auth_asym_id 
_pdbx_unobs_or_zero_occ_atoms.auth_comp_id 
_pdbx_unobs_or_zero_occ_atoms.auth_seq_id 
_pdbx_unobs_or_zero_occ_atoms.PDB_ins_code 
_pdbx_unobs_or_zero_occ_atoms.auth_atom_id 
_pdbx_unobs_or_zero_occ_atoms.label_alt_id 
_pdbx_unobs_or_zero_occ_atoms.label_asym_id 
_pdbx_unobs_or_zero_occ_atoms.label_comp_id 
_pdbx_unobs_or_zero_occ_atoms.label_seq_id 
_pdbx_unobs_or_zero_occ_atoms.label_atom_id 
1  1 Y 0 A HIS 428 ? CG  ? A HIS 10 CG  
2  1 Y 0 A HIS 428 ? ND1 ? A HIS 10 ND1 
3  1 Y 0 A HIS 428 ? CD2 ? A HIS 10 CD2 
4  1 Y 0 A HIS 428 ? CE1 ? A HIS 10 CE1 
5  1 Y 0 A HIS 428 ? NE2 ? A HIS 10 NE2 
6  1 Y 0 A LYS 450 ? CD  B A LYS 32 CD  
7  1 Y 0 A LYS 450 ? CE  B A LYS 32 CE  
8  1 Y 0 A LYS 450 ? NZ  B A LYS 32 NZ  
9  1 Y 0 A LYS 503 ? CE  ? A LYS 85 CE  
10 1 Y 0 A LYS 503 ? NZ  ? A LYS 85 NZ  
# 
loop_
_pdbx_unobs_or_zero_occ_residues.id 
_pdbx_unobs_or_zero_occ_residues.PDB_model_num 
_pdbx_unobs_or_zero_occ_residues.polymer_flag 
_pdbx_unobs_or_zero_occ_residues.occupancy_flag 
_pdbx_unobs_or_zero_occ_residues.auth_asym_id 
_pdbx_unobs_or_zero_occ_residues.auth_comp_id 
_pdbx_unobs_or_zero_occ_residues.auth_seq_id 
_pdbx_unobs_or_zero_occ_residues.PDB_ins_code 
_pdbx_unobs_or_zero_occ_residues.label_asym_id 
_pdbx_unobs_or_zero_occ_residues.label_comp_id 
_pdbx_unobs_or_zero_occ_residues.label_seq_id 
1  1 Y 1 A ALA 419 ? A ALA 1   
2  1 Y 1 A THR 420 ? A THR 2   
3  1 Y 1 A HIS 421 ? A HIS 3   
4  1 Y 1 A THR 422 ? A THR 4   
5  1 Y 1 A ALA 423 ? A ALA 5   
6  1 Y 1 A GLN 424 ? A GLN 6   
7  1 Y 1 A THR 425 ? A THR 7   
8  1 Y 1 A GLN 426 ? A GLN 8   
9  1 Y 1 A THR 427 ? A THR 9   
10 1 Y 1 A HIS 551 ? A HIS 133 
11 1 Y 1 A HIS 552 ? A HIS 134 
# 
loop_
_chem_comp_atom.comp_id 
_chem_comp_atom.atom_id 
_chem_comp_atom.type_symbol 
_chem_comp_atom.pdbx_aromatic_flag 
_chem_comp_atom.pdbx_stereo_config 
_chem_comp_atom.pdbx_ordinal 
ALA N    N  N N 1   
ALA CA   C  N S 2   
ALA C    C  N N 3   
ALA O    O  N N 4   
ALA CB   C  N N 5   
ALA OXT  O  N N 6   
ALA H    H  N N 7   
ALA H2   H  N N 8   
ALA HA   H  N N 9   
ALA HB1  H  N N 10  
ALA HB2  H  N N 11  
ALA HB3  H  N N 12  
ALA HXT  H  N N 13  
ARG N    N  N N 14  
ARG CA   C  N S 15  
ARG C    C  N N 16  
ARG O    O  N N 17  
ARG CB   C  N N 18  
ARG CG   C  N N 19  
ARG CD   C  N N 20  
ARG NE   N  N N 21  
ARG CZ   C  N N 22  
ARG NH1  N  N N 23  
ARG NH2  N  N N 24  
ARG OXT  O  N N 25  
ARG H    H  N N 26  
ARG H2   H  N N 27  
ARG HA   H  N N 28  
ARG HB2  H  N N 29  
ARG HB3  H  N N 30  
ARG HG2  H  N N 31  
ARG HG3  H  N N 32  
ARG HD2  H  N N 33  
ARG HD3  H  N N 34  
ARG HE   H  N N 35  
ARG HH11 H  N N 36  
ARG HH12 H  N N 37  
ARG HH21 H  N N 38  
ARG HH22 H  N N 39  
ARG HXT  H  N N 40  
ASN N    N  N N 41  
ASN CA   C  N S 42  
ASN C    C  N N 43  
ASN O    O  N N 44  
ASN CB   C  N N 45  
ASN CG   C  N N 46  
ASN OD1  O  N N 47  
ASN ND2  N  N N 48  
ASN OXT  O  N N 49  
ASN H    H  N N 50  
ASN H2   H  N N 51  
ASN HA   H  N N 52  
ASN HB2  H  N N 53  
ASN HB3  H  N N 54  
ASN HD21 H  N N 55  
ASN HD22 H  N N 56  
ASN HXT  H  N N 57  
ASP N    N  N N 58  
ASP CA   C  N S 59  
ASP C    C  N N 60  
ASP O    O  N N 61  
ASP CB   C  N N 62  
ASP CG   C  N N 63  
ASP OD1  O  N N 64  
ASP OD2  O  N N 65  
ASP OXT  O  N N 66  
ASP H    H  N N 67  
ASP H2   H  N N 68  
ASP HA   H  N N 69  
ASP HB2  H  N N 70  
ASP HB3  H  N N 71  
ASP HD2  H  N N 72  
ASP HXT  H  N N 73  
CYS N    N  N N 74  
CYS CA   C  N R 75  
CYS C    C  N N 76  
CYS O    O  N N 77  
CYS CB   C  N N 78  
CYS SG   S  N N 79  
CYS OXT  O  N N 80  
CYS H    H  N N 81  
CYS H2   H  N N 82  
CYS HA   H  N N 83  
CYS HB2  H  N N 84  
CYS HB3  H  N N 85  
CYS HG   H  N N 86  
CYS HXT  H  N N 87  
GLN N    N  N N 88  
GLN CA   C  N S 89  
GLN C    C  N N 90  
GLN O    O  N N 91  
GLN CB   C  N N 92  
GLN CG   C  N N 93  
GLN CD   C  N N 94  
GLN OE1  O  N N 95  
GLN NE2  N  N N 96  
GLN OXT  O  N N 97  
GLN H    H  N N 98  
GLN H2   H  N N 99  
GLN HA   H  N N 100 
GLN HB2  H  N N 101 
GLN HB3  H  N N 102 
GLN HG2  H  N N 103 
GLN HG3  H  N N 104 
GLN HE21 H  N N 105 
GLN HE22 H  N N 106 
GLN HXT  H  N N 107 
GLU N    N  N N 108 
GLU CA   C  N S 109 
GLU C    C  N N 110 
GLU O    O  N N 111 
GLU CB   C  N N 112 
GLU CG   C  N N 113 
GLU CD   C  N N 114 
GLU OE1  O  N N 115 
GLU OE2  O  N N 116 
GLU OXT  O  N N 117 
GLU H    H  N N 118 
GLU H2   H  N N 119 
GLU HA   H  N N 120 
GLU HB2  H  N N 121 
GLU HB3  H  N N 122 
GLU HG2  H  N N 123 
GLU HG3  H  N N 124 
GLU HE2  H  N N 125 
GLU HXT  H  N N 126 
GLY N    N  N N 127 
GLY CA   C  N N 128 
GLY C    C  N N 129 
GLY O    O  N N 130 
GLY OXT  O  N N 131 
GLY H    H  N N 132 
GLY H2   H  N N 133 
GLY HA2  H  N N 134 
GLY HA3  H  N N 135 
GLY HXT  H  N N 136 
HIS N    N  N N 137 
HIS CA   C  N S 138 
HIS C    C  N N 139 
HIS O    O  N N 140 
HIS CB   C  N N 141 
HIS CG   C  Y N 142 
HIS ND1  N  Y N 143 
HIS CD2  C  Y N 144 
HIS CE1  C  Y N 145 
HIS NE2  N  Y N 146 
HIS OXT  O  N N 147 
HIS H    H  N N 148 
HIS H2   H  N N 149 
HIS HA   H  N N 150 
HIS HB2  H  N N 151 
HIS HB3  H  N N 152 
HIS HD1  H  N N 153 
HIS HD2  H  N N 154 
HIS HE1  H  N N 155 
HIS HE2  H  N N 156 
HIS HXT  H  N N 157 
HOH O    O  N N 158 
HOH H1   H  N N 159 
HOH H2   H  N N 160 
ILE N    N  N N 161 
ILE CA   C  N S 162 
ILE C    C  N N 163 
ILE O    O  N N 164 
ILE CB   C  N S 165 
ILE CG1  C  N N 166 
ILE CG2  C  N N 167 
ILE CD1  C  N N 168 
ILE OXT  O  N N 169 
ILE H    H  N N 170 
ILE H2   H  N N 171 
ILE HA   H  N N 172 
ILE HB   H  N N 173 
ILE HG12 H  N N 174 
ILE HG13 H  N N 175 
ILE HG21 H  N N 176 
ILE HG22 H  N N 177 
ILE HG23 H  N N 178 
ILE HD11 H  N N 179 
ILE HD12 H  N N 180 
ILE HD13 H  N N 181 
ILE HXT  H  N N 182 
IOD I    I  N N 183 
LEU N    N  N N 184 
LEU CA   C  N S 185 
LEU C    C  N N 186 
LEU O    O  N N 187 
LEU CB   C  N N 188 
LEU CG   C  N N 189 
LEU CD1  C  N N 190 
LEU CD2  C  N N 191 
LEU OXT  O  N N 192 
LEU H    H  N N 193 
LEU H2   H  N N 194 
LEU HA   H  N N 195 
LEU HB2  H  N N 196 
LEU HB3  H  N N 197 
LEU HG   H  N N 198 
LEU HD11 H  N N 199 
LEU HD12 H  N N 200 
LEU HD13 H  N N 201 
LEU HD21 H  N N 202 
LEU HD22 H  N N 203 
LEU HD23 H  N N 204 
LEU HXT  H  N N 205 
LYS N    N  N N 206 
LYS CA   C  N S 207 
LYS C    C  N N 208 
LYS O    O  N N 209 
LYS CB   C  N N 210 
LYS CG   C  N N 211 
LYS CD   C  N N 212 
LYS CE   C  N N 213 
LYS NZ   N  N N 214 
LYS OXT  O  N N 215 
LYS H    H  N N 216 
LYS H2   H  N N 217 
LYS HA   H  N N 218 
LYS HB2  H  N N 219 
LYS HB3  H  N N 220 
LYS HG2  H  N N 221 
LYS HG3  H  N N 222 
LYS HD2  H  N N 223 
LYS HD3  H  N N 224 
LYS HE2  H  N N 225 
LYS HE3  H  N N 226 
LYS HZ1  H  N N 227 
LYS HZ2  H  N N 228 
LYS HZ3  H  N N 229 
LYS HXT  H  N N 230 
MET N    N  N N 231 
MET CA   C  N S 232 
MET C    C  N N 233 
MET O    O  N N 234 
MET CB   C  N N 235 
MET CG   C  N N 236 
MET SD   S  N N 237 
MET CE   C  N N 238 
MET OXT  O  N N 239 
MET H    H  N N 240 
MET H2   H  N N 241 
MET HA   H  N N 242 
MET HB2  H  N N 243 
MET HB3  H  N N 244 
MET HG2  H  N N 245 
MET HG3  H  N N 246 
MET HE1  H  N N 247 
MET HE2  H  N N 248 
MET HE3  H  N N 249 
MET HXT  H  N N 250 
NA  NA   NA N N 251 
PHE N    N  N N 252 
PHE CA   C  N S 253 
PHE C    C  N N 254 
PHE O    O  N N 255 
PHE CB   C  N N 256 
PHE CG   C  Y N 257 
PHE CD1  C  Y N 258 
PHE CD2  C  Y N 259 
PHE CE1  C  Y N 260 
PHE CE2  C  Y N 261 
PHE CZ   C  Y N 262 
PHE OXT  O  N N 263 
PHE H    H  N N 264 
PHE H2   H  N N 265 
PHE HA   H  N N 266 
PHE HB2  H  N N 267 
PHE HB3  H  N N 268 
PHE HD1  H  N N 269 
PHE HD2  H  N N 270 
PHE HE1  H  N N 271 
PHE HE2  H  N N 272 
PHE HZ   H  N N 273 
PHE HXT  H  N N 274 
PRO N    N  N N 275 
PRO CA   C  N S 276 
PRO C    C  N N 277 
PRO O    O  N N 278 
PRO CB   C  N N 279 
PRO CG   C  N N 280 
PRO CD   C  N N 281 
PRO OXT  O  N N 282 
PRO H    H  N N 283 
PRO HA   H  N N 284 
PRO HB2  H  N N 285 
PRO HB3  H  N N 286 
PRO HG2  H  N N 287 
PRO HG3  H  N N 288 
PRO HD2  H  N N 289 
PRO HD3  H  N N 290 
PRO HXT  H  N N 291 
SER N    N  N N 292 
SER CA   C  N S 293 
SER C    C  N N 294 
SER O    O  N N 295 
SER CB   C  N N 296 
SER OG   O  N N 297 
SER OXT  O  N N 298 
SER H    H  N N 299 
SER H2   H  N N 300 
SER HA   H  N N 301 
SER HB2  H  N N 302 
SER HB3  H  N N 303 
SER HG   H  N N 304 
SER HXT  H  N N 305 
THR N    N  N N 306 
THR CA   C  N S 307 
THR C    C  N N 308 
THR O    O  N N 309 
THR CB   C  N R 310 
THR OG1  O  N N 311 
THR CG2  C  N N 312 
THR OXT  O  N N 313 
THR H    H  N N 314 
THR H2   H  N N 315 
THR HA   H  N N 316 
THR HB   H  N N 317 
THR HG1  H  N N 318 
THR HG21 H  N N 319 
THR HG22 H  N N 320 
THR HG23 H  N N 321 
THR HXT  H  N N 322 
TRP N    N  N N 323 
TRP CA   C  N S 324 
TRP C    C  N N 325 
TRP O    O  N N 326 
TRP CB   C  N N 327 
TRP CG   C  Y N 328 
TRP CD1  C  Y N 329 
TRP CD2  C  Y N 330 
TRP NE1  N  Y N 331 
TRP CE2  C  Y N 332 
TRP CE3  C  Y N 333 
TRP CZ2  C  Y N 334 
TRP CZ3  C  Y N 335 
TRP CH2  C  Y N 336 
TRP OXT  O  N N 337 
TRP H    H  N N 338 
TRP H2   H  N N 339 
TRP HA   H  N N 340 
TRP HB2  H  N N 341 
TRP HB3  H  N N 342 
TRP HD1  H  N N 343 
TRP HE1  H  N N 344 
TRP HE3  H  N N 345 
TRP HZ2  H  N N 346 
TRP HZ3  H  N N 347 
TRP HH2  H  N N 348 
TRP HXT  H  N N 349 
TYR N    N  N N 350 
TYR CA   C  N S 351 
TYR C    C  N N 352 
TYR O    O  N N 353 
TYR CB   C  N N 354 
TYR CG   C  Y N 355 
TYR CD1  C  Y N 356 
TYR CD2  C  Y N 357 
TYR CE1  C  Y N 358 
TYR CE2  C  Y N 359 
TYR CZ   C  Y N 360 
TYR OH   O  N N 361 
TYR OXT  O  N N 362 
TYR H    H  N N 363 
TYR H2   H  N N 364 
TYR HA   H  N N 365 
TYR HB2  H  N N 366 
TYR HB3  H  N N 367 
TYR HD1  H  N N 368 
TYR HD2  H  N N 369 
TYR HE1  H  N N 370 
TYR HE2  H  N N 371 
TYR HH   H  N N 372 
TYR HXT  H  N N 373 
VAL N    N  N N 374 
VAL CA   C  N S 375 
VAL C    C  N N 376 
VAL O    O  N N 377 
VAL CB   C  N N 378 
VAL CG1  C  N N 379 
VAL CG2  C  N N 380 
VAL OXT  O  N N 381 
VAL H    H  N N 382 
VAL H2   H  N N 383 
VAL HA   H  N N 384 
VAL HB   H  N N 385 
VAL HG11 H  N N 386 
VAL HG12 H  N N 387 
VAL HG13 H  N N 388 
VAL HG21 H  N N 389 
VAL HG22 H  N N 390 
VAL HG23 H  N N 391 
VAL HXT  H  N N 392 
# 
loop_
_chem_comp_bond.comp_id 
_chem_comp_bond.atom_id_1 
_chem_comp_bond.atom_id_2 
_chem_comp_bond.value_order 
_chem_comp_bond.pdbx_aromatic_flag 
_chem_comp_bond.pdbx_stereo_config 
_chem_comp_bond.pdbx_ordinal 
ALA N   CA   sing N N 1   
ALA N   H    sing N N 2   
ALA N   H2   sing N N 3   
ALA CA  C    sing N N 4   
ALA CA  CB   sing N N 5   
ALA CA  HA   sing N N 6   
ALA C   O    doub N N 7   
ALA C   OXT  sing N N 8   
ALA CB  HB1  sing N N 9   
ALA CB  HB2  sing N N 10  
ALA CB  HB3  sing N N 11  
ALA OXT HXT  sing N N 12  
ARG N   CA   sing N N 13  
ARG N   H    sing N N 14  
ARG N   H2   sing N N 15  
ARG CA  C    sing N N 16  
ARG CA  CB   sing N N 17  
ARG CA  HA   sing N N 18  
ARG C   O    doub N N 19  
ARG C   OXT  sing N N 20  
ARG CB  CG   sing N N 21  
ARG CB  HB2  sing N N 22  
ARG CB  HB3  sing N N 23  
ARG CG  CD   sing N N 24  
ARG CG  HG2  sing N N 25  
ARG CG  HG3  sing N N 26  
ARG CD  NE   sing N N 27  
ARG CD  HD2  sing N N 28  
ARG CD  HD3  sing N N 29  
ARG NE  CZ   sing N N 30  
ARG NE  HE   sing N N 31  
ARG CZ  NH1  sing N N 32  
ARG CZ  NH2  doub N N 33  
ARG NH1 HH11 sing N N 34  
ARG NH1 HH12 sing N N 35  
ARG NH2 HH21 sing N N 36  
ARG NH2 HH22 sing N N 37  
ARG OXT HXT  sing N N 38  
ASN N   CA   sing N N 39  
ASN N   H    sing N N 40  
ASN N   H2   sing N N 41  
ASN CA  C    sing N N 42  
ASN CA  CB   sing N N 43  
ASN CA  HA   sing N N 44  
ASN C   O    doub N N 45  
ASN C   OXT  sing N N 46  
ASN CB  CG   sing N N 47  
ASN CB  HB2  sing N N 48  
ASN CB  HB3  sing N N 49  
ASN CG  OD1  doub N N 50  
ASN CG  ND2  sing N N 51  
ASN ND2 HD21 sing N N 52  
ASN ND2 HD22 sing N N 53  
ASN OXT HXT  sing N N 54  
ASP N   CA   sing N N 55  
ASP N   H    sing N N 56  
ASP N   H2   sing N N 57  
ASP CA  C    sing N N 58  
ASP CA  CB   sing N N 59  
ASP CA  HA   sing N N 60  
ASP C   O    doub N N 61  
ASP C   OXT  sing N N 62  
ASP CB  CG   sing N N 63  
ASP CB  HB2  sing N N 64  
ASP CB  HB3  sing N N 65  
ASP CG  OD1  doub N N 66  
ASP CG  OD2  sing N N 67  
ASP OD2 HD2  sing N N 68  
ASP OXT HXT  sing N N 69  
CYS N   CA   sing N N 70  
CYS N   H    sing N N 71  
CYS N   H2   sing N N 72  
CYS CA  C    sing N N 73  
CYS CA  CB   sing N N 74  
CYS CA  HA   sing N N 75  
CYS C   O    doub N N 76  
CYS C   OXT  sing N N 77  
CYS CB  SG   sing N N 78  
CYS CB  HB2  sing N N 79  
CYS CB  HB3  sing N N 80  
CYS SG  HG   sing N N 81  
CYS OXT HXT  sing N N 82  
GLN N   CA   sing N N 83  
GLN N   H    sing N N 84  
GLN N   H2   sing N N 85  
GLN CA  C    sing N N 86  
GLN CA  CB   sing N N 87  
GLN CA  HA   sing N N 88  
GLN C   O    doub N N 89  
GLN C   OXT  sing N N 90  
GLN CB  CG   sing N N 91  
GLN CB  HB2  sing N N 92  
GLN CB  HB3  sing N N 93  
GLN CG  CD   sing N N 94  
GLN CG  HG2  sing N N 95  
GLN CG  HG3  sing N N 96  
GLN CD  OE1  doub N N 97  
GLN CD  NE2  sing N N 98  
GLN NE2 HE21 sing N N 99  
GLN NE2 HE22 sing N N 100 
GLN OXT HXT  sing N N 101 
GLU N   CA   sing N N 102 
GLU N   H    sing N N 103 
GLU N   H2   sing N N 104 
GLU CA  C    sing N N 105 
GLU CA  CB   sing N N 106 
GLU CA  HA   sing N N 107 
GLU C   O    doub N N 108 
GLU C   OXT  sing N N 109 
GLU CB  CG   sing N N 110 
GLU CB  HB2  sing N N 111 
GLU CB  HB3  sing N N 112 
GLU CG  CD   sing N N 113 
GLU CG  HG2  sing N N 114 
GLU CG  HG3  sing N N 115 
GLU CD  OE1  doub N N 116 
GLU CD  OE2  sing N N 117 
GLU OE2 HE2  sing N N 118 
GLU OXT HXT  sing N N 119 
GLY N   CA   sing N N 120 
GLY N   H    sing N N 121 
GLY N   H2   sing N N 122 
GLY CA  C    sing N N 123 
GLY CA  HA2  sing N N 124 
GLY CA  HA3  sing N N 125 
GLY C   O    doub N N 126 
GLY C   OXT  sing N N 127 
GLY OXT HXT  sing N N 128 
HIS N   CA   sing N N 129 
HIS N   H    sing N N 130 
HIS N   H2   sing N N 131 
HIS CA  C    sing N N 132 
HIS CA  CB   sing N N 133 
HIS CA  HA   sing N N 134 
HIS C   O    doub N N 135 
HIS C   OXT  sing N N 136 
HIS CB  CG   sing N N 137 
HIS CB  HB2  sing N N 138 
HIS CB  HB3  sing N N 139 
HIS CG  ND1  sing Y N 140 
HIS CG  CD2  doub Y N 141 
HIS ND1 CE1  doub Y N 142 
HIS ND1 HD1  sing N N 143 
HIS CD2 NE2  sing Y N 144 
HIS CD2 HD2  sing N N 145 
HIS CE1 NE2  sing Y N 146 
HIS CE1 HE1  sing N N 147 
HIS NE2 HE2  sing N N 148 
HIS OXT HXT  sing N N 149 
HOH O   H1   sing N N 150 
HOH O   H2   sing N N 151 
ILE N   CA   sing N N 152 
ILE N   H    sing N N 153 
ILE N   H2   sing N N 154 
ILE CA  C    sing N N 155 
ILE CA  CB   sing N N 156 
ILE CA  HA   sing N N 157 
ILE C   O    doub N N 158 
ILE C   OXT  sing N N 159 
ILE CB  CG1  sing N N 160 
ILE CB  CG2  sing N N 161 
ILE CB  HB   sing N N 162 
ILE CG1 CD1  sing N N 163 
ILE CG1 HG12 sing N N 164 
ILE CG1 HG13 sing N N 165 
ILE CG2 HG21 sing N N 166 
ILE CG2 HG22 sing N N 167 
ILE CG2 HG23 sing N N 168 
ILE CD1 HD11 sing N N 169 
ILE CD1 HD12 sing N N 170 
ILE CD1 HD13 sing N N 171 
ILE OXT HXT  sing N N 172 
LEU N   CA   sing N N 173 
LEU N   H    sing N N 174 
LEU N   H2   sing N N 175 
LEU CA  C    sing N N 176 
LEU CA  CB   sing N N 177 
LEU CA  HA   sing N N 178 
LEU C   O    doub N N 179 
LEU C   OXT  sing N N 180 
LEU CB  CG   sing N N 181 
LEU CB  HB2  sing N N 182 
LEU CB  HB3  sing N N 183 
LEU CG  CD1  sing N N 184 
LEU CG  CD2  sing N N 185 
LEU CG  HG   sing N N 186 
LEU CD1 HD11 sing N N 187 
LEU CD1 HD12 sing N N 188 
LEU CD1 HD13 sing N N 189 
LEU CD2 HD21 sing N N 190 
LEU CD2 HD22 sing N N 191 
LEU CD2 HD23 sing N N 192 
LEU OXT HXT  sing N N 193 
LYS N   CA   sing N N 194 
LYS N   H    sing N N 195 
LYS N   H2   sing N N 196 
LYS CA  C    sing N N 197 
LYS CA  CB   sing N N 198 
LYS CA  HA   sing N N 199 
LYS C   O    doub N N 200 
LYS C   OXT  sing N N 201 
LYS CB  CG   sing N N 202 
LYS CB  HB2  sing N N 203 
LYS CB  HB3  sing N N 204 
LYS CG  CD   sing N N 205 
LYS CG  HG2  sing N N 206 
LYS CG  HG3  sing N N 207 
LYS CD  CE   sing N N 208 
LYS CD  HD2  sing N N 209 
LYS CD  HD3  sing N N 210 
LYS CE  NZ   sing N N 211 
LYS CE  HE2  sing N N 212 
LYS CE  HE3  sing N N 213 
LYS NZ  HZ1  sing N N 214 
LYS NZ  HZ2  sing N N 215 
LYS NZ  HZ3  sing N N 216 
LYS OXT HXT  sing N N 217 
MET N   CA   sing N N 218 
MET N   H    sing N N 219 
MET N   H2   sing N N 220 
MET CA  C    sing N N 221 
MET CA  CB   sing N N 222 
MET CA  HA   sing N N 223 
MET C   O    doub N N 224 
MET C   OXT  sing N N 225 
MET CB  CG   sing N N 226 
MET CB  HB2  sing N N 227 
MET CB  HB3  sing N N 228 
MET CG  SD   sing N N 229 
MET CG  HG2  sing N N 230 
MET CG  HG3  sing N N 231 
MET SD  CE   sing N N 232 
MET CE  HE1  sing N N 233 
MET CE  HE2  sing N N 234 
MET CE  HE3  sing N N 235 
MET OXT HXT  sing N N 236 
PHE N   CA   sing N N 237 
PHE N   H    sing N N 238 
PHE N   H2   sing N N 239 
PHE CA  C    sing N N 240 
PHE CA  CB   sing N N 241 
PHE CA  HA   sing N N 242 
PHE C   O    doub N N 243 
PHE C   OXT  sing N N 244 
PHE CB  CG   sing N N 245 
PHE CB  HB2  sing N N 246 
PHE CB  HB3  sing N N 247 
PHE CG  CD1  doub Y N 248 
PHE CG  CD2  sing Y N 249 
PHE CD1 CE1  sing Y N 250 
PHE CD1 HD1  sing N N 251 
PHE CD2 CE2  doub Y N 252 
PHE CD2 HD2  sing N N 253 
PHE CE1 CZ   doub Y N 254 
PHE CE1 HE1  sing N N 255 
PHE CE2 CZ   sing Y N 256 
PHE CE2 HE2  sing N N 257 
PHE CZ  HZ   sing N N 258 
PHE OXT HXT  sing N N 259 
PRO N   CA   sing N N 260 
PRO N   CD   sing N N 261 
PRO N   H    sing N N 262 
PRO CA  C    sing N N 263 
PRO CA  CB   sing N N 264 
PRO CA  HA   sing N N 265 
PRO C   O    doub N N 266 
PRO C   OXT  sing N N 267 
PRO CB  CG   sing N N 268 
PRO CB  HB2  sing N N 269 
PRO CB  HB3  sing N N 270 
PRO CG  CD   sing N N 271 
PRO CG  HG2  sing N N 272 
PRO CG  HG3  sing N N 273 
PRO CD  HD2  sing N N 274 
PRO CD  HD3  sing N N 275 
PRO OXT HXT  sing N N 276 
SER N   CA   sing N N 277 
SER N   H    sing N N 278 
SER N   H2   sing N N 279 
SER CA  C    sing N N 280 
SER CA  CB   sing N N 281 
SER CA  HA   sing N N 282 
SER C   O    doub N N 283 
SER C   OXT  sing N N 284 
SER CB  OG   sing N N 285 
SER CB  HB2  sing N N 286 
SER CB  HB3  sing N N 287 
SER OG  HG   sing N N 288 
SER OXT HXT  sing N N 289 
THR N   CA   sing N N 290 
THR N   H    sing N N 291 
THR N   H2   sing N N 292 
THR CA  C    sing N N 293 
THR CA  CB   sing N N 294 
THR CA  HA   sing N N 295 
THR C   O    doub N N 296 
THR C   OXT  sing N N 297 
THR CB  OG1  sing N N 298 
THR CB  CG2  sing N N 299 
THR CB  HB   sing N N 300 
THR OG1 HG1  sing N N 301 
THR CG2 HG21 sing N N 302 
THR CG2 HG22 sing N N 303 
THR CG2 HG23 sing N N 304 
THR OXT HXT  sing N N 305 
TRP N   CA   sing N N 306 
TRP N   H    sing N N 307 
TRP N   H2   sing N N 308 
TRP CA  C    sing N N 309 
TRP CA  CB   sing N N 310 
TRP CA  HA   sing N N 311 
TRP C   O    doub N N 312 
TRP C   OXT  sing N N 313 
TRP CB  CG   sing N N 314 
TRP CB  HB2  sing N N 315 
TRP CB  HB3  sing N N 316 
TRP CG  CD1  doub Y N 317 
TRP CG  CD2  sing Y N 318 
TRP CD1 NE1  sing Y N 319 
TRP CD1 HD1  sing N N 320 
TRP CD2 CE2  doub Y N 321 
TRP CD2 CE3  sing Y N 322 
TRP NE1 CE2  sing Y N 323 
TRP NE1 HE1  sing N N 324 
TRP CE2 CZ2  sing Y N 325 
TRP CE3 CZ3  doub Y N 326 
TRP CE3 HE3  sing N N 327 
TRP CZ2 CH2  doub Y N 328 
TRP CZ2 HZ2  sing N N 329 
TRP CZ3 CH2  sing Y N 330 
TRP CZ3 HZ3  sing N N 331 
TRP CH2 HH2  sing N N 332 
TRP OXT HXT  sing N N 333 
TYR N   CA   sing N N 334 
TYR N   H    sing N N 335 
TYR N   H2   sing N N 336 
TYR CA  C    sing N N 337 
TYR CA  CB   sing N N 338 
TYR CA  HA   sing N N 339 
TYR C   O    doub N N 340 
TYR C   OXT  sing N N 341 
TYR CB  CG   sing N N 342 
TYR CB  HB2  sing N N 343 
TYR CB  HB3  sing N N 344 
TYR CG  CD1  doub Y N 345 
TYR CG  CD2  sing Y N 346 
TYR CD1 CE1  sing Y N 347 
TYR CD1 HD1  sing N N 348 
TYR CD2 CE2  doub Y N 349 
TYR CD2 HD2  sing N N 350 
TYR CE1 CZ   doub Y N 351 
TYR CE1 HE1  sing N N 352 
TYR CE2 CZ   sing Y N 353 
TYR CE2 HE2  sing N N 354 
TYR CZ  OH   sing N N 355 
TYR OH  HH   sing N N 356 
TYR OXT HXT  sing N N 357 
VAL N   CA   sing N N 358 
VAL N   H    sing N N 359 
VAL N   H2   sing N N 360 
VAL CA  C    sing N N 361 
VAL CA  CB   sing N N 362 
VAL CA  HA   sing N N 363 
VAL C   O    doub N N 364 
VAL C   OXT  sing N N 365 
VAL CB  CG1  sing N N 366 
VAL CB  CG2  sing N N 367 
VAL CB  HB   sing N N 368 
VAL CG1 HG11 sing N N 369 
VAL CG1 HG12 sing N N 370 
VAL CG1 HG13 sing N N 371 
VAL CG2 HG21 sing N N 372 
VAL CG2 HG22 sing N N 373 
VAL CG2 HG23 sing N N 374 
VAL OXT HXT  sing N N 375 
# 
loop_
_pdbx_entity_nonpoly.entity_id 
_pdbx_entity_nonpoly.name 
_pdbx_entity_nonpoly.comp_id 
2 'IODIDE ION' IOD 
3 'SODIUM ION' NA  
4 water        HOH 
# 
_pdbx_initial_refinement_model.id               1 
_pdbx_initial_refinement_model.entity_id_list   ? 
_pdbx_initial_refinement_model.type             'experimental model' 
_pdbx_initial_refinement_model.source_name      PDB 
_pdbx_initial_refinement_model.accession_code   2TRX 
_pdbx_initial_refinement_model.details          'modified version of 2TRX (see publication)' 
# 
